data_8AMP
# 
_entry.id   8AMP 
# 
_audit_conform.dict_name       mmcif_pdbx.dic 
_audit_conform.dict_version    5.385 
_audit_conform.dict_location   http://mmcif.pdb.org/dictionaries/ascii/mmcif_pdbx.dic 
# 
loop_
_database_2.database_id 
_database_2.database_code 
_database_2.pdbx_database_accession 
_database_2.pdbx_DOI 
PDB   8AMP         pdb_00008amp 10.2210/pdb8amp/pdb 
WWPDB D_1292124511 ?            ?                   
# 
loop_
_pdbx_audit_revision_history.ordinal 
_pdbx_audit_revision_history.data_content_type 
_pdbx_audit_revision_history.major_revision 
_pdbx_audit_revision_history.minor_revision 
_pdbx_audit_revision_history.revision_date 
1 'Structure model' 1 0 2023-02-15 
2 'Structure model' 1 1 2024-02-07 
# 
_pdbx_audit_revision_details.ordinal             1 
_pdbx_audit_revision_details.revision_ordinal    1 
_pdbx_audit_revision_details.data_content_type   'Structure model' 
_pdbx_audit_revision_details.provider            repository 
_pdbx_audit_revision_details.type                'Initial release' 
_pdbx_audit_revision_details.description         ? 
_pdbx_audit_revision_details.details             ? 
# 
loop_
_pdbx_audit_revision_group.ordinal 
_pdbx_audit_revision_group.revision_ordinal 
_pdbx_audit_revision_group.data_content_type 
_pdbx_audit_revision_group.group 
1 2 'Structure model' 'Data collection'        
2 2 'Structure model' 'Refinement description' 
# 
loop_
_pdbx_audit_revision_category.ordinal 
_pdbx_audit_revision_category.revision_ordinal 
_pdbx_audit_revision_category.data_content_type 
_pdbx_audit_revision_category.category 
1 2 'Structure model' chem_comp_atom                
2 2 'Structure model' chem_comp_bond                
3 2 'Structure model' pdbx_initial_refinement_model 
# 
_pdbx_database_status.status_code                     REL 
_pdbx_database_status.status_code_sf                  REL 
_pdbx_database_status.status_code_mr                  ? 
_pdbx_database_status.entry_id                        8AMP 
_pdbx_database_status.recvd_initial_deposition_date   2022-08-03 
_pdbx_database_status.SG_entry                        N 
_pdbx_database_status.deposit_site                    PDBE 
_pdbx_database_status.process_site                    PDBE 
_pdbx_database_status.status_code_cs                  ? 
_pdbx_database_status.status_code_nmr_data            ? 
_pdbx_database_status.methods_development_category    ? 
_pdbx_database_status.pdb_format_compatible           Y 
# 
_pdbx_contact_author.id                 4 
_pdbx_contact_author.email              borshchevskiy.vi@phystech.edu 
_pdbx_contact_author.name_first         Valentin 
_pdbx_contact_author.name_last          Borshchevskiy 
_pdbx_contact_author.name_mi            ? 
_pdbx_contact_author.role               'principal investigator/group leader' 
_pdbx_contact_author.identifier_ORCID   0000-0003-4398-9712 
# 
loop_
_audit_author.name 
_audit_author.pdbx_ordinal 
_audit_author.identifier_ORCID 
'Bukhdruker, S.'    1 ? 
'Kavaleuski, A.'    2 ? 
'Marin, E.'         3 ? 
'Kapranov, I.'      4 ? 
'Mishin, A.'        5 ? 
'Gilep, A.'         6 ? 
'Strushkevich, N.'  7 ? 
'Borshchevskiy, V.' 8 ? 
# 
_citation.abstract                  ? 
_citation.abstract_id_CAS           ? 
_citation.book_id_ISBN              ? 
_citation.book_publisher            ? 
_citation.book_publisher_city       ? 
_citation.book_title                ? 
_citation.coordinate_linkage        ? 
_citation.country                   CH 
_citation.database_id_Medline       ? 
_citation.details                   ? 
_citation.id                        primary 
_citation.journal_abbrev            'Front Mol Biosci' 
_citation.journal_id_ASTM           ? 
_citation.journal_id_CSD            ? 
_citation.journal_id_ISSN           2296-889X 
_citation.journal_full              ? 
_citation.journal_issue             ? 
_citation.journal_volume            9 
_citation.language                  ? 
_citation.page_first                1100032 
_citation.page_last                 1100032 
_citation.title                     
'Structural insights into 3Fe-4S ferredoxins diversity in M. tuberculosis highlighted by a first redox complex with P450.' 
_citation.year                      2022 
_citation.database_id_CSD           ? 
_citation.pdbx_database_id_DOI      10.3389/fmolb.2022.1100032 
_citation.pdbx_database_id_PubMed   36699703 
_citation.pdbx_database_id_patent   ? 
_citation.unpublished_flag          ? 
# 
loop_
_citation_author.citation_id 
_citation_author.name 
_citation_author.ordinal 
_citation_author.identifier_ORCID 
primary 'Gilep, A.'         1  ? 
primary 'Varaksa, T.'       2  ? 
primary 'Bukhdruker, S.'    3  ? 
primary 'Kavaleuski, A.'    4  ? 
primary 'Ryzhykau, Y.'      5  ? 
primary 'Smolskaya, S.'     6  ? 
primary 'Sushko, T.'        7  ? 
primary 'Tsumoto, K.'       8  ? 
primary 'Grabovec, I.'      9  ? 
primary 'Kapranov, I.'      10 ? 
primary 'Okhrimenko, I.'    11 ? 
primary 'Marin, E.'         12 ? 
primary 'Shevtsov, M.'      13 ? 
primary 'Mishin, A.'        14 ? 
primary 'Kovalev, K.'       15 ? 
primary 'Kuklin, A.'        16 ? 
primary 'Gordeliy, V.'      17 ? 
primary 'Kaluzhskiy, L.'    18 ? 
primary 'Gnedenko, O.'      19 ? 
primary 'Yablokov, E.'      20 ? 
primary 'Ivanov, A.'        21 ? 
primary 'Borshchevskiy, V.' 22 ? 
primary 'Strushkevich, N.'  23 ? 
# 
loop_
_entity.id 
_entity.type 
_entity.src_method 
_entity.pdbx_description 
_entity.formula_weight 
_entity.pdbx_number_of_molecules 
_entity.pdbx_ec 
_entity.pdbx_mutation 
_entity.pdbx_fragment 
_entity.details 
1 polymer     man 'Possible ferredoxin' 8519.586 1 ? ? ? ? 
2 non-polymer syn 'FE3-S4 CLUSTER'      295.795  1 ? ? ? ? 
3 non-polymer syn 'FE (III) ION'        55.845   1 ? ? ? ? 
4 water       nat water                 18.015   5 ? ? ? ? 
# 
_entity_poly.entity_id                      1 
_entity_poly.type                           'polypeptide(L)' 
_entity_poly.nstd_linkage                   no 
_entity_poly.nstd_monomer                   no 
_entity_poly.pdbx_seq_one_letter_code       MGYRVEADRDLCQGHAMCELEAPEYFRVPKRGQVEILDPEPPEEARGVIKHAVWACPTQALSIRETGEHHHHHH 
_entity_poly.pdbx_seq_one_letter_code_can   MGYRVEADRDLCQGHAMCELEAPEYFRVPKRGQVEILDPEPPEEARGVIKHAVWACPTQALSIRETGEHHHHHH 
_entity_poly.pdbx_strand_id                 A 
_entity_poly.pdbx_target_identifier         ? 
# 
loop_
_pdbx_entity_nonpoly.entity_id 
_pdbx_entity_nonpoly.name 
_pdbx_entity_nonpoly.comp_id 
2 'FE3-S4 CLUSTER' F3S 
3 'FE (III) ION'   FE  
4 water            HOH 
# 
loop_
_entity_poly_seq.entity_id 
_entity_poly_seq.num 
_entity_poly_seq.mon_id 
_entity_poly_seq.hetero 
1 1  MET n 
1 2  GLY n 
1 3  TYR n 
1 4  ARG n 
1 5  VAL n 
1 6  GLU n 
1 7  ALA n 
1 8  ASP n 
1 9  ARG n 
1 10 ASP n 
1 11 LEU n 
1 12 CYS n 
1 13 GLN n 
1 14 GLY n 
1 15 HIS n 
1 16 ALA n 
1 17 MET n 
1 18 CYS n 
1 19 GLU n 
1 20 LEU n 
1 21 GLU n 
1 22 ALA n 
1 23 PRO n 
1 24 GLU n 
1 25 TYR n 
1 26 PHE n 
1 27 ARG n 
1 28 VAL n 
1 29 PRO n 
1 30 LYS n 
1 31 ARG n 
1 32 GLY n 
1 33 GLN n 
1 34 VAL n 
1 35 GLU n 
1 36 ILE n 
1 37 LEU n 
1 38 ASP n 
1 39 PRO n 
1 40 GLU n 
1 41 PRO n 
1 42 PRO n 
1 43 GLU n 
1 44 GLU n 
1 45 ALA n 
1 46 ARG n 
1 47 GLY n 
1 48 VAL n 
1 49 ILE n 
1 50 LYS n 
1 51 HIS n 
1 52 ALA n 
1 53 VAL n 
1 54 TRP n 
1 55 ALA n 
1 56 CYS n 
1 57 PRO n 
1 58 THR n 
1 59 GLN n 
1 60 ALA n 
1 61 LEU n 
1 62 SER n 
1 63 ILE n 
1 64 ARG n 
1 65 GLU n 
1 66 THR n 
1 67 GLY n 
1 68 GLU n 
1 69 HIS n 
1 70 HIS n 
1 71 HIS n 
1 72 HIS n 
1 73 HIS n 
1 74 HIS n 
# 
_entity_src_gen.entity_id                          1 
_entity_src_gen.pdbx_src_id                        1 
_entity_src_gen.pdbx_alt_source_flag               sample 
_entity_src_gen.pdbx_seq_type                      'Biological sequence' 
_entity_src_gen.pdbx_beg_seq_num                   1 
_entity_src_gen.pdbx_end_seq_num                   74 
_entity_src_gen.gene_src_common_name               ? 
_entity_src_gen.gene_src_genus                     ? 
_entity_src_gen.pdbx_gene_src_gene                 Rv0763c 
_entity_src_gen.gene_src_species                   ? 
_entity_src_gen.gene_src_strain                    ? 
_entity_src_gen.gene_src_tissue                    ? 
_entity_src_gen.gene_src_tissue_fraction           ? 
_entity_src_gen.gene_src_details                   ? 
_entity_src_gen.pdbx_gene_src_fragment             ? 
_entity_src_gen.pdbx_gene_src_scientific_name      'Mycobacterium tuberculosis' 
_entity_src_gen.pdbx_gene_src_ncbi_taxonomy_id     1773 
_entity_src_gen.pdbx_gene_src_variant              ? 
_entity_src_gen.pdbx_gene_src_cell_line            ? 
_entity_src_gen.pdbx_gene_src_atcc                 ? 
_entity_src_gen.pdbx_gene_src_organ                ? 
_entity_src_gen.pdbx_gene_src_organelle            ? 
_entity_src_gen.pdbx_gene_src_cell                 ? 
_entity_src_gen.pdbx_gene_src_cellular_location    ? 
_entity_src_gen.host_org_common_name               ? 
_entity_src_gen.pdbx_host_org_scientific_name      'Escherichia coli' 
_entity_src_gen.pdbx_host_org_ncbi_taxonomy_id     562 
_entity_src_gen.host_org_genus                     ? 
_entity_src_gen.pdbx_host_org_gene                 ? 
_entity_src_gen.pdbx_host_org_organ                ? 
_entity_src_gen.host_org_species                   ? 
_entity_src_gen.pdbx_host_org_tissue               ? 
_entity_src_gen.pdbx_host_org_tissue_fraction      ? 
_entity_src_gen.pdbx_host_org_strain               ? 
_entity_src_gen.pdbx_host_org_variant              ? 
_entity_src_gen.pdbx_host_org_cell_line            ? 
_entity_src_gen.pdbx_host_org_atcc                 ? 
_entity_src_gen.pdbx_host_org_culture_collection   ? 
_entity_src_gen.pdbx_host_org_cell                 ? 
_entity_src_gen.pdbx_host_org_organelle            ? 
_entity_src_gen.pdbx_host_org_cellular_location    ? 
_entity_src_gen.pdbx_host_org_vector_type          ? 
_entity_src_gen.pdbx_host_org_vector               ? 
_entity_src_gen.host_org_details                   ? 
_entity_src_gen.expression_system_id               ? 
_entity_src_gen.plasmid_name                       ? 
_entity_src_gen.plasmid_details                    ? 
_entity_src_gen.pdbx_description                   ? 
# 
loop_
_chem_comp.id 
_chem_comp.type 
_chem_comp.mon_nstd_flag 
_chem_comp.name 
_chem_comp.pdbx_synonyms 
_chem_comp.formula 
_chem_comp.formula_weight 
ALA 'L-peptide linking' y ALANINE          ? 'C3 H7 N O2'     89.093  
ARG 'L-peptide linking' y ARGININE         ? 'C6 H15 N4 O2 1' 175.209 
ASP 'L-peptide linking' y 'ASPARTIC ACID'  ? 'C4 H7 N O4'     133.103 
CYS 'L-peptide linking' y CYSTEINE         ? 'C3 H7 N O2 S'   121.158 
F3S non-polymer         . 'FE3-S4 CLUSTER' ? 'Fe3 S4'         295.795 
FE  non-polymer         . 'FE (III) ION'   ? 'Fe 3'           55.845  
GLN 'L-peptide linking' y GLUTAMINE        ? 'C5 H10 N2 O3'   146.144 
GLU 'L-peptide linking' y 'GLUTAMIC ACID'  ? 'C5 H9 N O4'     147.129 
GLY 'peptide linking'   y GLYCINE          ? 'C2 H5 N O2'     75.067  
HIS 'L-peptide linking' y HISTIDINE        ? 'C6 H10 N3 O2 1' 156.162 
HOH non-polymer         . WATER            ? 'H2 O'           18.015  
ILE 'L-peptide linking' y ISOLEUCINE       ? 'C6 H13 N O2'    131.173 
LEU 'L-peptide linking' y LEUCINE          ? 'C6 H13 N O2'    131.173 
LYS 'L-peptide linking' y LYSINE           ? 'C6 H15 N2 O2 1' 147.195 
MET 'L-peptide linking' y METHIONINE       ? 'C5 H11 N O2 S'  149.211 
PHE 'L-peptide linking' y PHENYLALANINE    ? 'C9 H11 N O2'    165.189 
PRO 'L-peptide linking' y PROLINE          ? 'C5 H9 N O2'     115.130 
SER 'L-peptide linking' y SERINE           ? 'C3 H7 N O3'     105.093 
THR 'L-peptide linking' y THREONINE        ? 'C4 H9 N O3'     119.119 
TRP 'L-peptide linking' y TRYPTOPHAN       ? 'C11 H12 N2 O2'  204.225 
TYR 'L-peptide linking' y TYROSINE         ? 'C9 H11 N O3'    181.189 
VAL 'L-peptide linking' y VALINE           ? 'C5 H11 N O2'    117.146 
# 
loop_
_pdbx_poly_seq_scheme.asym_id 
_pdbx_poly_seq_scheme.entity_id 
_pdbx_poly_seq_scheme.seq_id 
_pdbx_poly_seq_scheme.mon_id 
_pdbx_poly_seq_scheme.ndb_seq_num 
_pdbx_poly_seq_scheme.pdb_seq_num 
_pdbx_poly_seq_scheme.auth_seq_num 
_pdbx_poly_seq_scheme.pdb_mon_id 
_pdbx_poly_seq_scheme.auth_mon_id 
_pdbx_poly_seq_scheme.pdb_strand_id 
_pdbx_poly_seq_scheme.pdb_ins_code 
_pdbx_poly_seq_scheme.hetero 
A 1 1  MET 1  1  ?  ?   ?   A . n 
A 1 2  GLY 2  2  2  GLY GLY A . n 
A 1 3  TYR 3  3  3  TYR TYR A . n 
A 1 4  ARG 4  4  4  ARG ARG A . n 
A 1 5  VAL 5  5  5  VAL VAL A . n 
A 1 6  GLU 6  6  6  GLU GLU A . n 
A 1 7  ALA 7  7  7  ALA ALA A . n 
A 1 8  ASP 8  8  8  ASP ASP A . n 
A 1 9  ARG 9  9  9  ARG ARG A . n 
A 1 10 ASP 10 10 10 ASP ASP A . n 
A 1 11 LEU 11 11 11 LEU LEU A . n 
A 1 12 CYS 12 12 12 CYS CYS A . n 
A 1 13 GLN 13 13 13 GLN GLN A . n 
A 1 14 GLY 14 14 14 GLY GLY A . n 
A 1 15 HIS 15 15 15 HIS HIS A . n 
A 1 16 ALA 16 16 16 ALA ALA A . n 
A 1 17 MET 17 17 17 MET MET A . n 
A 1 18 CYS 18 18 18 CYS CYS A . n 
A 1 19 GLU 19 19 19 GLU GLU A . n 
A 1 20 LEU 20 20 20 LEU LEU A . n 
A 1 21 GLU 21 21 21 GLU GLU A . n 
A 1 22 ALA 22 22 22 ALA ALA A . n 
A 1 23 PRO 23 23 23 PRO PRO A . n 
A 1 24 GLU 24 24 24 GLU GLU A . n 
A 1 25 TYR 25 25 25 TYR TYR A . n 
A 1 26 PHE 26 26 26 PHE PHE A . n 
A 1 27 ARG 27 27 27 ARG ARG A . n 
A 1 28 VAL 28 28 28 VAL VAL A . n 
A 1 29 PRO 29 29 29 PRO PRO A . n 
A 1 30 LYS 30 30 30 LYS LYS A . n 
A 1 31 ARG 31 31 31 ARG ARG A . n 
A 1 32 GLY 32 32 32 GLY GLY A . n 
A 1 33 GLN 33 33 33 GLN GLN A . n 
A 1 34 VAL 34 34 34 VAL VAL A . n 
A 1 35 GLU 35 35 35 GLU GLU A . n 
A 1 36 ILE 36 36 36 ILE ILE A . n 
A 1 37 LEU 37 37 37 LEU LEU A . n 
A 1 38 ASP 38 38 38 ASP ASP A . n 
A 1 39 PRO 39 39 39 PRO PRO A . n 
A 1 40 GLU 40 40 40 GLU GLU A . n 
A 1 41 PRO 41 41 41 PRO PRO A . n 
A 1 42 PRO 42 42 42 PRO PRO A . n 
A 1 43 GLU 43 43 43 GLU GLU A . n 
A 1 44 GLU 44 44 44 GLU GLU A . n 
A 1 45 ALA 45 45 45 ALA ALA A . n 
A 1 46 ARG 46 46 46 ARG ARG A . n 
A 1 47 GLY 47 47 47 GLY GLY A . n 
A 1 48 VAL 48 48 48 VAL VAL A . n 
A 1 49 ILE 49 49 49 ILE ILE A . n 
A 1 50 LYS 50 50 50 LYS LYS A . n 
A 1 51 HIS 51 51 51 HIS HIS A . n 
A 1 52 ALA 52 52 52 ALA ALA A . n 
A 1 53 VAL 53 53 53 VAL VAL A . n 
A 1 54 TRP 54 54 54 TRP TRP A . n 
A 1 55 ALA 55 55 55 ALA ALA A . n 
A 1 56 CYS 56 56 56 CYS CYS A . n 
A 1 57 PRO 57 57 57 PRO PRO A . n 
A 1 58 THR 58 58 58 THR THR A . n 
A 1 59 GLN 59 59 59 GLN GLN A . n 
A 1 60 ALA 60 60 60 ALA ALA A . n 
A 1 61 LEU 61 61 61 LEU LEU A . n 
A 1 62 SER 62 62 62 SER SER A . n 
A 1 63 ILE 63 63 63 ILE ILE A . n 
A 1 64 ARG 64 64 64 ARG ARG A . n 
A 1 65 GLU 65 65 65 GLU GLU A . n 
A 1 66 THR 66 66 66 THR THR A . n 
A 1 67 GLY 67 67 ?  ?   ?   A . n 
A 1 68 GLU 68 68 ?  ?   ?   A . n 
A 1 69 HIS 69 69 ?  ?   ?   A . n 
A 1 70 HIS 70 70 ?  ?   ?   A . n 
A 1 71 HIS 71 71 ?  ?   ?   A . n 
A 1 72 HIS 72 72 ?  ?   ?   A . n 
A 1 73 HIS 73 73 ?  ?   ?   A . n 
A 1 74 HIS 74 74 ?  ?   ?   A . n 
# 
loop_
_pdbx_nonpoly_scheme.asym_id 
_pdbx_nonpoly_scheme.entity_id 
_pdbx_nonpoly_scheme.mon_id 
_pdbx_nonpoly_scheme.ndb_seq_num 
_pdbx_nonpoly_scheme.pdb_seq_num 
_pdbx_nonpoly_scheme.auth_seq_num 
_pdbx_nonpoly_scheme.pdb_mon_id 
_pdbx_nonpoly_scheme.auth_mon_id 
_pdbx_nonpoly_scheme.pdb_strand_id 
_pdbx_nonpoly_scheme.pdb_ins_code 
B 2 F3S 1 101 101 F3S F3S A . 
C 3 FE  1 102 201 FE  FE  A . 
D 4 HOH 1 201 205 HOH HOH A . 
D 4 HOH 2 202 204 HOH HOH A . 
D 4 HOH 3 203 203 HOH HOH A . 
D 4 HOH 4 204 206 HOH HOH A . 
D 4 HOH 5 205 202 HOH HOH A . 
# 
loop_
_pdbx_unobs_or_zero_occ_atoms.id 
_pdbx_unobs_or_zero_occ_atoms.PDB_model_num 
_pdbx_unobs_or_zero_occ_atoms.polymer_flag 
_pdbx_unobs_or_zero_occ_atoms.occupancy_flag 
_pdbx_unobs_or_zero_occ_atoms.auth_asym_id 
_pdbx_unobs_or_zero_occ_atoms.auth_comp_id 
_pdbx_unobs_or_zero_occ_atoms.auth_seq_id 
_pdbx_unobs_or_zero_occ_atoms.PDB_ins_code 
_pdbx_unobs_or_zero_occ_atoms.auth_atom_id 
_pdbx_unobs_or_zero_occ_atoms.label_alt_id 
_pdbx_unobs_or_zero_occ_atoms.label_asym_id 
_pdbx_unobs_or_zero_occ_atoms.label_comp_id 
_pdbx_unobs_or_zero_occ_atoms.label_seq_id 
_pdbx_unobs_or_zero_occ_atoms.label_atom_id 
1  1 Y 1 A ARG 4  ? CG  ? A ARG 4  CG  
2  1 Y 1 A ARG 4  ? CD  ? A ARG 4  CD  
3  1 Y 1 A ARG 4  ? NE  ? A ARG 4  NE  
4  1 Y 1 A ARG 4  ? CZ  ? A ARG 4  CZ  
5  1 Y 1 A ARG 4  ? NH1 ? A ARG 4  NH1 
6  1 Y 1 A ARG 4  ? NH2 ? A ARG 4  NH2 
7  1 Y 1 A VAL 5  ? CG1 ? A VAL 5  CG1 
8  1 Y 1 A ASP 8  ? CG  ? A ASP 8  CG  
9  1 Y 1 A ASP 8  ? OD1 ? A ASP 8  OD1 
10 1 Y 1 A ASP 8  ? OD2 ? A ASP 8  OD2 
11 1 Y 1 A ASP 10 ? CG  ? A ASP 10 CG  
12 1 Y 1 A ASP 10 ? OD1 ? A ASP 10 OD1 
13 1 Y 1 A ASP 10 ? OD2 ? A ASP 10 OD2 
14 1 Y 1 A LEU 11 ? CG  ? A LEU 11 CG  
15 1 Y 1 A LEU 11 ? CD1 ? A LEU 11 CD1 
16 1 Y 1 A LEU 11 ? CD2 ? A LEU 11 CD2 
17 1 Y 1 A LEU 20 ? CG  ? A LEU 20 CG  
18 1 Y 1 A LEU 20 ? CD1 ? A LEU 20 CD1 
19 1 Y 1 A LEU 20 ? CD2 ? A LEU 20 CD2 
20 1 Y 1 A GLU 24 ? CG  ? A GLU 24 CG  
21 1 Y 1 A GLU 24 ? CD  ? A GLU 24 CD  
22 1 Y 1 A GLU 24 ? OE1 ? A GLU 24 OE1 
23 1 Y 1 A GLU 24 ? OE2 ? A GLU 24 OE2 
24 1 Y 1 A ARG 27 ? CG  ? A ARG 27 CG  
25 1 Y 1 A ARG 27 ? CD  ? A ARG 27 CD  
26 1 Y 1 A ARG 27 ? NE  ? A ARG 27 NE  
27 1 Y 1 A ARG 27 ? CZ  ? A ARG 27 CZ  
28 1 Y 1 A ARG 27 ? NH1 ? A ARG 27 NH1 
29 1 Y 1 A ARG 27 ? NH2 ? A ARG 27 NH2 
30 1 Y 1 A LYS 30 ? CG  ? A LYS 30 CG  
31 1 Y 1 A LYS 30 ? CD  ? A LYS 30 CD  
32 1 Y 1 A LYS 30 ? CE  ? A LYS 30 CE  
33 1 Y 1 A LYS 30 ? NZ  ? A LYS 30 NZ  
34 1 Y 1 A ARG 31 ? CG  ? A ARG 31 CG  
35 1 Y 1 A ARG 31 ? CD  ? A ARG 31 CD  
36 1 Y 1 A ARG 31 ? NE  ? A ARG 31 NE  
37 1 Y 1 A ARG 31 ? CZ  ? A ARG 31 CZ  
38 1 Y 1 A ARG 31 ? NH1 ? A ARG 31 NH1 
39 1 Y 1 A ARG 31 ? NH2 ? A ARG 31 NH2 
40 1 Y 1 A LYS 50 ? CE  ? A LYS 50 CE  
41 1 Y 1 A LYS 50 ? NZ  ? A LYS 50 NZ  
# 
loop_
_software.citation_id 
_software.classification 
_software.compiler_name 
_software.compiler_version 
_software.contact_author 
_software.contact_author_email 
_software.date 
_software.description 
_software.dependencies 
_software.hardware 
_software.language 
_software.location 
_software.mods 
_software.name 
_software.os 
_software.os_version 
_software.type 
_software.version 
_software.pdbx_ordinal 
? 'data reduction' ? ? ? ? ? ? ? ? ? ? ? XDS       ? ? ? 20170615             1 
? 'data scaling'   ? ? ? ? ? ? ? ? ? ? ? STARANISO ? ? ? '3.344 27-Apr-2022'  2 
? phasing          ? ? ? ? ? ? ? ? ? ? ? MoRDa     ? ? ? '1.4.09; 10.02.2022' 3 
? 'model building' ? ? ? ? ? ? ? ? ? ? ? PHENIX    ? ? ? 1.20.1_4487          4 
? refinement       ? ? ? ? ? ? ? ? ? ? ? PHENIX    ? ? ? 1.20.1_4487          5 
# 
_cell.angle_alpha                  90.000 
_cell.angle_alpha_esd              ? 
_cell.angle_beta                   90.000 
_cell.angle_beta_esd               ? 
_cell.angle_gamma                  120.000 
_cell.angle_gamma_esd              ? 
_cell.entry_id                     8AMP 
_cell.details                      ? 
_cell.formula_units_Z              ? 
_cell.length_a                     46.959 
_cell.length_a_esd                 ? 
_cell.length_b                     46.959 
_cell.length_b_esd                 ? 
_cell.length_c                     162.674 
_cell.length_c_esd                 ? 
_cell.volume                       310660.801 
_cell.volume_esd                   ? 
_cell.Z_PDB                        18 
_cell.reciprocal_angle_alpha       ? 
_cell.reciprocal_angle_beta        ? 
_cell.reciprocal_angle_gamma       ? 
_cell.reciprocal_angle_alpha_esd   ? 
_cell.reciprocal_angle_beta_esd    ? 
_cell.reciprocal_angle_gamma_esd   ? 
_cell.reciprocal_length_a          ? 
_cell.reciprocal_length_b          ? 
_cell.reciprocal_length_c          ? 
_cell.reciprocal_length_a_esd      ? 
_cell.reciprocal_length_b_esd      ? 
_cell.reciprocal_length_c_esd      ? 
_cell.pdbx_unique_axis             ? 
_cell.pdbx_esd_method              ? 
# 
_symmetry.entry_id                         8AMP 
_symmetry.cell_setting                     ? 
_symmetry.Int_Tables_number                155 
_symmetry.space_group_name_Hall            
;R 3 2"
;
_symmetry.space_group_name_H-M             'H 3 2' 
_symmetry.pdbx_full_space_group_name_H-M   ? 
# 
_exptl.absorpt_coefficient_mu     ? 
_exptl.absorpt_correction_T_max   ? 
_exptl.absorpt_correction_T_min   ? 
_exptl.absorpt_correction_type    ? 
_exptl.absorpt_process_details    ? 
_exptl.entry_id                   8AMP 
_exptl.crystals_number            1 
_exptl.details                    ? 
_exptl.method                     'X-RAY DIFFRACTION' 
_exptl.method_details             ? 
# 
_exptl_crystal.colour                       ? 
_exptl_crystal.density_diffrn               ? 
_exptl_crystal.density_Matthews             2.03 
_exptl_crystal.density_method               ? 
_exptl_crystal.density_percent_sol          39.28 
_exptl_crystal.description                  ? 
_exptl_crystal.F_000                        ? 
_exptl_crystal.id                           1 
_exptl_crystal.preparation                  ? 
_exptl_crystal.size_max                     ? 
_exptl_crystal.size_mid                     ? 
_exptl_crystal.size_min                     ? 
_exptl_crystal.size_rad                     ? 
_exptl_crystal.colour_lustre                ? 
_exptl_crystal.colour_modifier              ? 
_exptl_crystal.colour_primary               ? 
_exptl_crystal.density_meas                 ? 
_exptl_crystal.density_meas_esd             ? 
_exptl_crystal.density_meas_gt              ? 
_exptl_crystal.density_meas_lt              ? 
_exptl_crystal.density_meas_temp            ? 
_exptl_crystal.density_meas_temp_esd        ? 
_exptl_crystal.density_meas_temp_gt         ? 
_exptl_crystal.density_meas_temp_lt         ? 
_exptl_crystal.pdbx_crystal_image_url       ? 
_exptl_crystal.pdbx_crystal_image_format    ? 
_exptl_crystal.pdbx_mosaicity               ? 
_exptl_crystal.pdbx_mosaicity_esd           ? 
_exptl_crystal.pdbx_mosaic_method           ? 
_exptl_crystal.pdbx_mosaic_block_size       ? 
_exptl_crystal.pdbx_mosaic_block_size_esd   ? 
# 
_exptl_crystal_grow.apparatus       ? 
_exptl_crystal_grow.atmosphere      ? 
_exptl_crystal_grow.crystal_id      1 
_exptl_crystal_grow.details         ? 
_exptl_crystal_grow.method          'VAPOR DIFFUSION, SITTING DROP' 
_exptl_crystal_grow.method_ref      ? 
_exptl_crystal_grow.pH              8.5 
_exptl_crystal_grow.pressure        ? 
_exptl_crystal_grow.pressure_esd    ? 
_exptl_crystal_grow.seeding         ? 
_exptl_crystal_grow.seeding_ref     ? 
_exptl_crystal_grow.temp            293 
_exptl_crystal_grow.temp_details    ? 
_exptl_crystal_grow.temp_esd        ? 
_exptl_crystal_grow.time            ? 
_exptl_crystal_grow.pdbx_details    '0.2 M MgCl2, 0.1 M Tris, 25% (w/v) PEG 3350' 
_exptl_crystal_grow.pdbx_pH_range   ? 
# 
_diffrn.ambient_environment              ? 
_diffrn.ambient_temp                     100 
_diffrn.ambient_temp_details             ? 
_diffrn.ambient_temp_esd                 ? 
_diffrn.crystal_id                       1 
_diffrn.crystal_support                  ? 
_diffrn.crystal_treatment                ? 
_diffrn.details                          ? 
_diffrn.id                               1 
_diffrn.ambient_pressure                 ? 
_diffrn.ambient_pressure_esd             ? 
_diffrn.ambient_pressure_gt              ? 
_diffrn.ambient_pressure_lt              ? 
_diffrn.ambient_temp_gt                  ? 
_diffrn.ambient_temp_lt                  ? 
_diffrn.pdbx_serial_crystal_experiment   N 
# 
_diffrn_detector.details                      ? 
_diffrn_detector.detector                     PIXEL 
_diffrn_detector.diffrn_id                    1 
_diffrn_detector.type                         'DECTRIS PILATUS3 2M' 
_diffrn_detector.area_resol_mean              ? 
_diffrn_detector.dtime                        ? 
_diffrn_detector.pdbx_frames_total            ? 
_diffrn_detector.pdbx_collection_time_total   ? 
_diffrn_detector.pdbx_collection_date         2017-06-28 
_diffrn_detector.pdbx_frequency               ? 
# 
_diffrn_radiation.collimation                      ? 
_diffrn_radiation.diffrn_id                        1 
_diffrn_radiation.filter_edge                      ? 
_diffrn_radiation.inhomogeneity                    ? 
_diffrn_radiation.monochromator                    ? 
_diffrn_radiation.polarisn_norm                    ? 
_diffrn_radiation.polarisn_ratio                   ? 
_diffrn_radiation.probe                            ? 
_diffrn_radiation.type                             ? 
_diffrn_radiation.xray_symbol                      ? 
_diffrn_radiation.wavelength_id                    1 
_diffrn_radiation.pdbx_monochromatic_or_laue_m_l   M 
_diffrn_radiation.pdbx_wavelength_list             ? 
_diffrn_radiation.pdbx_wavelength                  ? 
_diffrn_radiation.pdbx_diffrn_protocol             'SINGLE WAVELENGTH' 
_diffrn_radiation.pdbx_analyzer                    ? 
_diffrn_radiation.pdbx_scattering_type             x-ray 
# 
_diffrn_radiation_wavelength.id           1 
_diffrn_radiation_wavelength.wavelength   0.966 
_diffrn_radiation_wavelength.wt           1.0 
# 
_diffrn_source.current                     ? 
_diffrn_source.details                     ? 
_diffrn_source.diffrn_id                   1 
_diffrn_source.power                       ? 
_diffrn_source.size                        ? 
_diffrn_source.source                      SYNCHROTRON 
_diffrn_source.target                      ? 
_diffrn_source.type                        'ESRF BEAMLINE MASSIF-1' 
_diffrn_source.voltage                     ? 
_diffrn_source.take-off_angle              ? 
_diffrn_source.pdbx_wavelength_list        0.966 
_diffrn_source.pdbx_wavelength             ? 
_diffrn_source.pdbx_synchrotron_beamline   MASSIF-1 
_diffrn_source.pdbx_synchrotron_site       ESRF 
# 
_reflns.B_iso_Wilson_estimate                          38.46 
_reflns.entry_id                                       8AMP 
_reflns.data_reduction_details                         ? 
_reflns.data_reduction_method                          ? 
_reflns.d_resolution_high                              2.00 
_reflns.d_resolution_low                               28.76 
_reflns.details                                        ? 
_reflns.limit_h_max                                    ? 
_reflns.limit_h_min                                    ? 
_reflns.limit_k_max                                    ? 
_reflns.limit_k_min                                    ? 
_reflns.limit_l_max                                    ? 
_reflns.limit_l_min                                    ? 
_reflns.number_all                                     ? 
_reflns.number_obs                                     4958 
_reflns.observed_criterion                             ? 
_reflns.observed_criterion_F_max                       ? 
_reflns.observed_criterion_F_min                       ? 
_reflns.observed_criterion_I_max                       ? 
_reflns.observed_criterion_I_min                       ? 
_reflns.observed_criterion_sigma_F                     ? 
_reflns.observed_criterion_sigma_I                     ? 
_reflns.percent_possible_obs                           99.9 
_reflns.R_free_details                                 ? 
_reflns.Rmerge_F_all                                   ? 
_reflns.Rmerge_F_obs                                   ? 
_reflns.Friedel_coverage                               ? 
_reflns.number_gt                                      ? 
_reflns.threshold_expression                           ? 
_reflns.pdbx_redundancy                                9.5 
_reflns.pdbx_Rmerge_I_obs                              ? 
_reflns.pdbx_Rmerge_I_all                              ? 
_reflns.pdbx_Rsym_value                                ? 
_reflns.pdbx_netI_over_av_sigmaI                       ? 
_reflns.pdbx_netI_over_sigmaI                          10.95 
_reflns.pdbx_res_netI_over_av_sigmaI_2                 ? 
_reflns.pdbx_res_netI_over_sigmaI_2                    ? 
_reflns.pdbx_chi_squared                               ? 
_reflns.pdbx_scaling_rejects                           ? 
_reflns.pdbx_d_res_high_opt                            ? 
_reflns.pdbx_d_res_low_opt                             ? 
_reflns.pdbx_d_res_opt_method                          ? 
_reflns.phase_calculation_details                      ? 
_reflns.pdbx_Rrim_I_all                                0.097 
_reflns.pdbx_Rpim_I_all                                ? 
_reflns.pdbx_d_opt                                     ? 
_reflns.pdbx_number_measured_all                       ? 
_reflns.pdbx_diffrn_id                                 1 
_reflns.pdbx_ordinal                                   1 
_reflns.pdbx_CC_half                                   0.998 
_reflns.pdbx_CC_star                                   ? 
_reflns.pdbx_R_split                                   ? 
_reflns.pdbx_aniso_diffraction_limit_axis_1_ortho[1]   ? 
_reflns.pdbx_aniso_diffraction_limit_axis_1_ortho[2]   ? 
_reflns.pdbx_aniso_diffraction_limit_axis_1_ortho[3]   ? 
_reflns.pdbx_aniso_diffraction_limit_axis_2_ortho[1]   ? 
_reflns.pdbx_aniso_diffraction_limit_axis_2_ortho[2]   ? 
_reflns.pdbx_aniso_diffraction_limit_axis_2_ortho[3]   ? 
_reflns.pdbx_aniso_diffraction_limit_axis_3_ortho[1]   ? 
_reflns.pdbx_aniso_diffraction_limit_axis_3_ortho[2]   ? 
_reflns.pdbx_aniso_diffraction_limit_axis_3_ortho[3]   ? 
_reflns.pdbx_aniso_diffraction_limit_1                 ? 
_reflns.pdbx_aniso_diffraction_limit_2                 ? 
_reflns.pdbx_aniso_diffraction_limit_3                 ? 
_reflns.pdbx_aniso_B_tensor_eigenvector_1_ortho[1]     ? 
_reflns.pdbx_aniso_B_tensor_eigenvector_1_ortho[2]     ? 
_reflns.pdbx_aniso_B_tensor_eigenvector_1_ortho[3]     ? 
_reflns.pdbx_aniso_B_tensor_eigenvector_2_ortho[1]     ? 
_reflns.pdbx_aniso_B_tensor_eigenvector_2_ortho[2]     ? 
_reflns.pdbx_aniso_B_tensor_eigenvector_2_ortho[3]     ? 
_reflns.pdbx_aniso_B_tensor_eigenvector_3_ortho[1]     ? 
_reflns.pdbx_aniso_B_tensor_eigenvector_3_ortho[2]     ? 
_reflns.pdbx_aniso_B_tensor_eigenvector_3_ortho[3]     ? 
_reflns.pdbx_aniso_B_tensor_eigenvalue_1               ? 
_reflns.pdbx_aniso_B_tensor_eigenvalue_2               ? 
_reflns.pdbx_aniso_B_tensor_eigenvalue_3               ? 
_reflns.pdbx_orthogonalization_convention              ? 
_reflns.pdbx_percent_possible_ellipsoidal              ? 
_reflns.pdbx_percent_possible_spherical                ? 
_reflns.pdbx_percent_possible_ellipsoidal_anomalous    ? 
_reflns.pdbx_percent_possible_spherical_anomalous      ? 
_reflns.pdbx_redundancy_anomalous                      ? 
_reflns.pdbx_CC_half_anomalous                         ? 
_reflns.pdbx_absDiff_over_sigma_anomalous              ? 
_reflns.pdbx_percent_possible_anomalous                ? 
_reflns.pdbx_observed_signal_threshold                 ? 
_reflns.pdbx_signal_type                               ? 
_reflns.pdbx_signal_details                            ? 
_reflns.pdbx_signal_software_id                        ? 
_reflns.pdbx_CC_split_method                           ? 
# 
loop_
_reflns_shell.d_res_high 
_reflns_shell.d_res_low 
_reflns_shell.meanI_over_sigI_all 
_reflns_shell.meanI_over_sigI_obs 
_reflns_shell.number_measured_all 
_reflns_shell.number_measured_obs 
_reflns_shell.number_possible 
_reflns_shell.number_unique_all 
_reflns_shell.number_unique_obs 
_reflns_shell.percent_possible_all 
_reflns_shell.percent_possible_obs 
_reflns_shell.Rmerge_F_all 
_reflns_shell.Rmerge_F_obs 
_reflns_shell.Rmerge_I_all 
_reflns_shell.Rmerge_I_obs 
_reflns_shell.meanI_over_sigI_gt 
_reflns_shell.meanI_over_uI_all 
_reflns_shell.meanI_over_uI_gt 
_reflns_shell.number_measured_gt 
_reflns_shell.number_unique_gt 
_reflns_shell.percent_possible_gt 
_reflns_shell.Rmerge_F_gt 
_reflns_shell.Rmerge_I_gt 
_reflns_shell.pdbx_redundancy 
_reflns_shell.pdbx_Rsym_value 
_reflns_shell.pdbx_chi_squared 
_reflns_shell.pdbx_netI_over_sigmaI_all 
_reflns_shell.pdbx_netI_over_sigmaI_obs 
_reflns_shell.pdbx_Rrim_I_all 
_reflns_shell.pdbx_Rpim_I_all 
_reflns_shell.pdbx_rejects 
_reflns_shell.pdbx_ordinal 
_reflns_shell.pdbx_diffrn_id 
_reflns_shell.pdbx_CC_half 
_reflns_shell.pdbx_CC_star 
_reflns_shell.pdbx_R_split 
_reflns_shell.pdbx_percent_possible_ellipsoidal 
_reflns_shell.pdbx_percent_possible_spherical 
_reflns_shell.pdbx_percent_possible_ellipsoidal_anomalous 
_reflns_shell.pdbx_percent_possible_spherical_anomalous 
_reflns_shell.pdbx_redundancy_anomalous 
_reflns_shell.pdbx_CC_half_anomalous 
_reflns_shell.pdbx_absDiff_over_sigma_anomalous 
_reflns_shell.pdbx_percent_possible_anomalous 
2.00 2.05  ? 0.93  ? ? ? ? 346 100  ? ? ? ? ? ? ? ? ? ? ? ? ? 9.9  ? ? ? ? 2.801 ? ? 1  1 0.526 ? ? ? ? ? ? ? ? ? ? 
2.05 2.11  ? 1.32  ? ? ? ? 361 99.4 ? ? ? ? ? ? ? ? ? ? ? ? ? 9.8  ? ? ? ? 1.997 ? ? 2  1 0.687 ? ? ? ? ? ? ? ? ? ? 
2.11 2.17  ? 1.62  ? ? ? ? 338 100  ? ? ? ? ? ? ? ? ? ? ? ? ? 9.5  ? ? ? ? 1.621 ? ? 3  1 0.794 ? ? ? ? ? ? ? ? ? ? 
2.17 2.24  ? 2.07  ? ? ? ? 339 100  ? ? ? ? ? ? ? ? ? ? ? ? ? 9.1  ? ? ? ? 1.252 ? ? 4  1 0.814 ? ? ? ? ? ? ? ? ? ? 
2.24 2.31  ? 2.60  ? ? ? ? 303 92.0 ? ? ? ? ? ? ? ? ? ? ? ? ? 9.0  ? ? ? ? 0.976 ? ? 5  1 0.874 ? ? ? ? ? ? ? ? ? ? 
2.31 2.39  ? 3.30  ? ? ? ? 319 100  ? ? ? ? ? ? ? ? ? ? ? ? ? 9.6  ? ? ? ? 0.793 ? ? 6  1 0.923 ? ? ? ? ? ? ? ? ? ? 
2.39 2.48  ? 4.27  ? ? ? ? 303 99.7 ? ? ? ? ? ? ? ? ? ? ? ? ? 10.3 ? ? ? ? 0.64  ? ? 7  1 0.951 ? ? ? ? ? ? ? ? ? ? 
2.48 2.58  ? 5.38  ? ? ? ? 284 100  ? ? ? ? ? ? ? ? ? ? ? ? ? 9.9  ? ? ? ? 0.463 ? ? 8  1 0.974 ? ? ? ? ? ? ? ? ? ? 
2.58 2.70  ? 6.32  ? ? ? ? 281 100  ? ? ? ? ? ? ? ? ? ? ? ? ? 10.0 ? ? ? ? 0.393 ? ? 9  1 0.982 ? ? ? ? ? ? ? ? ? ? 
2.70 2.83  ? 10.00 ? ? ? ? 264 100  ? ? ? ? ? ? ? ? ? ? ? ? ? 9.8  ? ? ? ? 0.222 ? ? 10 1 0.992 ? ? ? ? ? ? ? ? ? ? 
2.83 2.98  ? 11.19 ? ? ? ? 249 100  ? ? ? ? ? ? ? ? ? ? ? ? ? 9.6  ? ? ? ? 0.197 ? ? 11 1 0.992 ? ? ? ? ? ? ? ? ? ? 
2.98 3.16  ? 13.10 ? ? ? ? 247 100  ? ? ? ? ? ? ? ? ? ? ? ? ? 9.2  ? ? ? ? 0.140 ? ? 12 1 0.996 ? ? ? ? ? ? ? ? ? ? 
3.16 3.38  ? 17.05 ? ? ? ? 234 100  ? ? ? ? ? ? ? ? ? ? ? ? ? 8.7  ? ? ? ? 0.099 ? ? 13 1 0.997 ? ? ? ? ? ? ? ? ? ? 
3.38 3.65  ? 23.14 ? ? ? ? 220 100  ? ? ? ? ? ? ? ? ? ? ? ? ? 9.6  ? ? ? ? 0.071 ? ? 14 1 0.999 ? ? ? ? ? ? ? ? ? ? 
3.65 4.00  ? 27.87 ? ? ? ? 189 100  ? ? ? ? ? ? ? ? ? ? ? ? ? 9.7  ? ? ? ? 0.063 ? ? 15 1 0.999 ? ? ? ? ? ? ? ? ? ? 
4.00 4.47  ? 32.87 ? ? ? ? 188 100  ? ? ? ? ? ? ? ? ? ? ? ? ? 9.6  ? ? ? ? 0.056 ? ? 16 1 0.999 ? ? ? ? ? ? ? ? ? ? 
4.47 5.17  ? 33.15 ? ? ? ? 168 100  ? ? ? ? ? ? ? ? ? ? ? ? ? 8.7  ? ? ? ? 0.053 ? ? 17 1 0.999 ? ? ? ? ? ? ? ? ? ? 
5.17 6.33  ? 31.52 ? ? ? ? 133 100  ? ? ? ? ? ? ? ? ? ? ? ? ? 7.9  ? ? ? ? 0.056 ? ? 18 1 0.999 ? ? ? ? ? ? ? ? ? ? 
6.33 8.95  ? 35.29 ? ? ? ? 119 100  ? ? ? ? ? ? ? ? ? ? ? ? ? 8.3  ? ? ? ? 0.051 ? ? 19 1 0.999 ? ? ? ? ? ? ? ? ? ? 
8.95 28.76 ? 36.57 ? ? ? ? 73  96.1 ? ? ? ? ? ? ? ? ? ? ? ? ? 7.4  ? ? ? ? 0.051 ? ? 20 1 0.994 ? ? ? ? ? ? ? ? ? ? 
# 
_refine.aniso_B[1][1]                            ? 
_refine.aniso_B[1][2]                            ? 
_refine.aniso_B[1][3]                            ? 
_refine.aniso_B[2][2]                            ? 
_refine.aniso_B[2][3]                            ? 
_refine.aniso_B[3][3]                            ? 
_refine.B_iso_max                                ? 
_refine.B_iso_mean                               56.80 
_refine.B_iso_min                                ? 
_refine.correlation_coeff_Fo_to_Fc               ? 
_refine.correlation_coeff_Fo_to_Fc_free          ? 
_refine.details                                  ? 
_refine.diff_density_max                         ? 
_refine.diff_density_max_esd                     ? 
_refine.diff_density_min                         ? 
_refine.diff_density_min_esd                     ? 
_refine.diff_density_rms                         ? 
_refine.diff_density_rms_esd                     ? 
_refine.entry_id                                 8AMP 
_refine.pdbx_refine_id                           'X-RAY DIFFRACTION' 
_refine.ls_abs_structure_details                 ? 
_refine.ls_abs_structure_Flack                   ? 
_refine.ls_abs_structure_Flack_esd               ? 
_refine.ls_abs_structure_Rogers                  ? 
_refine.ls_abs_structure_Rogers_esd              ? 
_refine.ls_d_res_high                            2.00 
_refine.ls_d_res_low                             28.76 
_refine.ls_extinction_coef                       ? 
_refine.ls_extinction_coef_esd                   ? 
_refine.ls_extinction_expression                 ? 
_refine.ls_extinction_method                     ? 
_refine.ls_goodness_of_fit_all                   ? 
_refine.ls_goodness_of_fit_all_esd               ? 
_refine.ls_goodness_of_fit_obs                   ? 
_refine.ls_goodness_of_fit_obs_esd               ? 
_refine.ls_hydrogen_treatment                    ? 
_refine.ls_matrix_type                           ? 
_refine.ls_number_constraints                    ? 
_refine.ls_number_parameters                     ? 
_refine.ls_number_reflns_all                     ? 
_refine.ls_number_reflns_obs                     4119 
_refine.ls_number_reflns_R_free                  416 
_refine.ls_number_reflns_R_work                  3703 
_refine.ls_number_restraints                     ? 
_refine.ls_percent_reflns_obs                    83.03 
_refine.ls_percent_reflns_R_free                 10.10 
_refine.ls_R_factor_all                          ? 
_refine.ls_R_factor_obs                          0.2543 
_refine.ls_R_factor_R_free                       0.2910 
_refine.ls_R_factor_R_free_error                 ? 
_refine.ls_R_factor_R_free_error_details         ? 
_refine.ls_R_factor_R_work                       0.2503 
_refine.ls_R_Fsqd_factor_obs                     ? 
_refine.ls_R_I_factor_obs                        ? 
_refine.ls_redundancy_reflns_all                 ? 
_refine.ls_redundancy_reflns_obs                 ? 
_refine.ls_restrained_S_all                      ? 
_refine.ls_restrained_S_obs                      ? 
_refine.ls_shift_over_esd_max                    ? 
_refine.ls_shift_over_esd_mean                   ? 
_refine.ls_structure_factor_coef                 ? 
_refine.ls_weighting_details                     ? 
_refine.ls_weighting_scheme                      ? 
_refine.ls_wR_factor_all                         ? 
_refine.ls_wR_factor_obs                         ? 
_refine.ls_wR_factor_R_free                      ? 
_refine.ls_wR_factor_R_work                      ? 
_refine.occupancy_max                            ? 
_refine.occupancy_min                            ? 
_refine.solvent_model_details                    'FLAT BULK SOLVENT MODEL' 
_refine.solvent_model_param_bsol                 ? 
_refine.solvent_model_param_ksol                 ? 
_refine.pdbx_R_complete                          ? 
_refine.ls_R_factor_gt                           ? 
_refine.ls_goodness_of_fit_gt                    ? 
_refine.ls_goodness_of_fit_ref                   ? 
_refine.ls_shift_over_su_max                     ? 
_refine.ls_shift_over_su_max_lt                  ? 
_refine.ls_shift_over_su_mean                    ? 
_refine.ls_shift_over_su_mean_lt                 ? 
_refine.pdbx_ls_sigma_I                          ? 
_refine.pdbx_ls_sigma_F                          1.33 
_refine.pdbx_ls_sigma_Fsqd                       ? 
_refine.pdbx_data_cutoff_high_absF               ? 
_refine.pdbx_data_cutoff_high_rms_absF           ? 
_refine.pdbx_data_cutoff_low_absF                ? 
_refine.pdbx_isotropic_thermal_model             ? 
_refine.pdbx_ls_cross_valid_method               'FREE R-VALUE' 
_refine.pdbx_method_to_determine_struct          'MOLECULAR REPLACEMENT' 
_refine.pdbx_starting_model                      1VJW 
_refine.pdbx_stereochemistry_target_values       'GeoStd + Monomer Library + CDL v1.2' 
_refine.pdbx_R_Free_selection_details            ? 
_refine.pdbx_stereochem_target_val_spec_case     ? 
_refine.pdbx_overall_ESU_R                       ? 
_refine.pdbx_overall_ESU_R_Free                  ? 
_refine.pdbx_solvent_vdw_probe_radii             1.1000 
_refine.pdbx_solvent_ion_probe_radii             ? 
_refine.pdbx_solvent_shrinkage_radii             0.9000 
_refine.pdbx_real_space_R                        ? 
_refine.pdbx_density_correlation                 ? 
_refine.pdbx_pd_number_of_powder_patterns        ? 
_refine.pdbx_pd_number_of_points                 ? 
_refine.pdbx_pd_meas_number_of_points            ? 
_refine.pdbx_pd_proc_ls_prof_R_factor            ? 
_refine.pdbx_pd_proc_ls_prof_wR_factor           ? 
_refine.pdbx_pd_Marquardt_correlation_coeff      ? 
_refine.pdbx_pd_Fsqrd_R_factor                   ? 
_refine.pdbx_pd_ls_matrix_band_width             ? 
_refine.pdbx_overall_phase_error                 36.4958 
_refine.pdbx_overall_SU_R_free_Cruickshank_DPI   ? 
_refine.pdbx_overall_SU_R_free_Blow_DPI          ? 
_refine.pdbx_overall_SU_R_Blow_DPI               ? 
_refine.pdbx_TLS_residual_ADP_flag               ? 
_refine.pdbx_diffrn_id                           1 
_refine.overall_SU_B                             ? 
_refine.overall_SU_ML                            0.2447 
_refine.overall_SU_R_Cruickshank_DPI             ? 
_refine.overall_SU_R_free                        ? 
_refine.overall_FOM_free_R_set                   ? 
_refine.overall_FOM_work_R_set                   ? 
_refine.pdbx_average_fsc_overall                 ? 
_refine.pdbx_average_fsc_work                    ? 
_refine.pdbx_average_fsc_free                    ? 
# 
_refine_hist.pdbx_refine_id                   'X-RAY DIFFRACTION' 
_refine_hist.cycle_id                         LAST 
_refine_hist.details                          ? 
_refine_hist.d_res_high                       2.00 
_refine_hist.d_res_low                        28.76 
_refine_hist.number_atoms_solvent             5 
_refine_hist.number_atoms_total               487 
_refine_hist.number_reflns_all                ? 
_refine_hist.number_reflns_obs                ? 
_refine_hist.number_reflns_R_free             ? 
_refine_hist.number_reflns_R_work             ? 
_refine_hist.R_factor_all                     ? 
_refine_hist.R_factor_obs                     ? 
_refine_hist.R_factor_R_free                  ? 
_refine_hist.R_factor_R_work                  ? 
_refine_hist.pdbx_number_residues_total       ? 
_refine_hist.pdbx_B_iso_mean_ligand           ? 
_refine_hist.pdbx_B_iso_mean_solvent          ? 
_refine_hist.pdbx_number_atoms_protein        474 
_refine_hist.pdbx_number_atoms_nucleic_acid   0 
_refine_hist.pdbx_number_atoms_ligand         8 
_refine_hist.pdbx_number_atoms_lipid          ? 
_refine_hist.pdbx_number_atoms_carb           ? 
_refine_hist.pdbx_pseudo_atom_details         ? 
# 
loop_
_refine_ls_restr.pdbx_refine_id 
_refine_ls_restr.criterion 
_refine_ls_restr.dev_ideal 
_refine_ls_restr.dev_ideal_target 
_refine_ls_restr.number 
_refine_ls_restr.rejects 
_refine_ls_restr.type 
_refine_ls_restr.weight 
_refine_ls_restr.pdbx_restraint_function 
'X-RAY DIFFRACTION' ? 0.1220  ? 495 ? f_bond_d           ? ? 
'X-RAY DIFFRACTION' ? 4.4138  ? 680 ? f_angle_d          ? ? 
'X-RAY DIFFRACTION' ? 2.0938  ? 73  ? f_chiral_restr     ? ? 
'X-RAY DIFFRACTION' ? 0.0047  ? 91  ? f_plane_restr      ? ? 
'X-RAY DIFFRACTION' ? 14.0730 ? 171 ? f_dihedral_angle_d ? ? 
# 
loop_
_refine_ls_shell.pdbx_refine_id 
_refine_ls_shell.d_res_high 
_refine_ls_shell.d_res_low 
_refine_ls_shell.number_reflns_all 
_refine_ls_shell.number_reflns_obs 
_refine_ls_shell.number_reflns_R_free 
_refine_ls_shell.number_reflns_R_work 
_refine_ls_shell.percent_reflns_obs 
_refine_ls_shell.percent_reflns_R_free 
_refine_ls_shell.R_factor_all 
_refine_ls_shell.R_factor_obs 
_refine_ls_shell.R_factor_R_free 
_refine_ls_shell.R_factor_R_free_error 
_refine_ls_shell.R_factor_R_work 
_refine_ls_shell.redundancy_reflns_all 
_refine_ls_shell.redundancy_reflns_obs 
_refine_ls_shell.wR_factor_all 
_refine_ls_shell.wR_factor_obs 
_refine_ls_shell.wR_factor_R_free 
_refine_ls_shell.wR_factor_R_work 
_refine_ls_shell.pdbx_R_complete 
_refine_ls_shell.pdbx_total_number_of_bins_used 
_refine_ls_shell.pdbx_phase_error 
_refine_ls_shell.pdbx_fsc_work 
_refine_ls_shell.pdbx_fsc_free 
'X-RAY DIFFRACTION' 2.00 2.29  . . 98  869  60.17  . . . 0.3601 . 0.3185 . . . . . . . . . . . 
'X-RAY DIFFRACTION' 2.29 2.88  . . 146 1290 87.72  . . . 0.3454 . 0.3149 . . . . . . . . . . . 
'X-RAY DIFFRACTION' 2.89 28.76 . . 172 1544 100.00 . . . 0.2651 . 0.2245 . . . . . . . . . . . 
# 
_struct.entry_id                     8AMP 
_struct.title                        'Crystal structure of M.tuberculosis ferredoxin Fdx' 
_struct.pdbx_model_details           ? 
_struct.pdbx_formula_weight          ? 
_struct.pdbx_formula_weight_method   ? 
_struct.pdbx_model_type_details      ? 
_struct.pdbx_CASP_flag               N 
# 
_struct_keywords.entry_id        8AMP 
_struct_keywords.text            'Ferredoxin, electron transport, tuberculosis, Rv0763c, CYP51' 
_struct_keywords.pdbx_keywords   'ELECTRON TRANSPORT' 
# 
loop_
_struct_asym.id 
_struct_asym.pdbx_blank_PDB_chainid_flag 
_struct_asym.pdbx_modified 
_struct_asym.entity_id 
_struct_asym.details 
A N N 1 ? 
B N N 2 ? 
C N N 3 ? 
D N N 4 ? 
# 
_struct_ref.id                         1 
_struct_ref.db_name                    UNP 
_struct_ref.db_code                    P71820_MYCTU 
_struct_ref.pdbx_db_accession          P71820 
_struct_ref.pdbx_db_isoform            ? 
_struct_ref.entity_id                  1 
_struct_ref.pdbx_seq_one_letter_code   MGYRVEADRDLCQGHAMCELEAPEYFRVPKRGQVEILDPEPPEEARGVIKHAVWACPTQALSIRETGE 
_struct_ref.pdbx_align_begin           1 
# 
_struct_ref_seq.align_id                      1 
_struct_ref_seq.ref_id                        1 
_struct_ref_seq.pdbx_PDB_id_code              8AMP 
_struct_ref_seq.pdbx_strand_id                A 
_struct_ref_seq.seq_align_beg                 1 
_struct_ref_seq.pdbx_seq_align_beg_ins_code   ? 
_struct_ref_seq.seq_align_end                 68 
_struct_ref_seq.pdbx_seq_align_end_ins_code   ? 
_struct_ref_seq.pdbx_db_accession             P71820 
_struct_ref_seq.db_align_beg                  1 
_struct_ref_seq.pdbx_db_align_beg_ins_code    ? 
_struct_ref_seq.db_align_end                  68 
_struct_ref_seq.pdbx_db_align_end_ins_code    ? 
_struct_ref_seq.pdbx_auth_seq_align_beg       1 
_struct_ref_seq.pdbx_auth_seq_align_end       68 
# 
loop_
_struct_ref_seq_dif.align_id 
_struct_ref_seq_dif.pdbx_pdb_id_code 
_struct_ref_seq_dif.mon_id 
_struct_ref_seq_dif.pdbx_pdb_strand_id 
_struct_ref_seq_dif.seq_num 
_struct_ref_seq_dif.pdbx_pdb_ins_code 
_struct_ref_seq_dif.pdbx_seq_db_name 
_struct_ref_seq_dif.pdbx_seq_db_accession_code 
_struct_ref_seq_dif.db_mon_id 
_struct_ref_seq_dif.pdbx_seq_db_seq_num 
_struct_ref_seq_dif.details 
_struct_ref_seq_dif.pdbx_auth_seq_num 
_struct_ref_seq_dif.pdbx_ordinal 
1 8AMP HIS A 69 ? UNP P71820 ? ? 'expression tag' 69 1 
1 8AMP HIS A 70 ? UNP P71820 ? ? 'expression tag' 70 2 
1 8AMP HIS A 71 ? UNP P71820 ? ? 'expression tag' 71 3 
1 8AMP HIS A 72 ? UNP P71820 ? ? 'expression tag' 72 4 
1 8AMP HIS A 73 ? UNP P71820 ? ? 'expression tag' 73 5 
1 8AMP HIS A 74 ? UNP P71820 ? ? 'expression tag' 74 6 
# 
_pdbx_struct_assembly.id                   1 
_pdbx_struct_assembly.details              software_defined_assembly 
_pdbx_struct_assembly.method_details       PISA 
_pdbx_struct_assembly.oligomeric_details   monomeric 
_pdbx_struct_assembly.oligomeric_count     1 
# 
loop_
_pdbx_struct_assembly_prop.biol_id 
_pdbx_struct_assembly_prop.type 
_pdbx_struct_assembly_prop.value 
_pdbx_struct_assembly_prop.details 
1 'ABSA (A^2)' 470  ? 
1 MORE         -27  ? 
1 'SSA (A^2)'  3750 ? 
# 
_pdbx_struct_assembly_gen.assembly_id       1 
_pdbx_struct_assembly_gen.oper_expression   1 
_pdbx_struct_assembly_gen.asym_id_list      A,B,C,D 
# 
_pdbx_struct_assembly_auth_evidence.id                     1 
_pdbx_struct_assembly_auth_evidence.assembly_id            1 
_pdbx_struct_assembly_auth_evidence.experimental_support   none 
_pdbx_struct_assembly_auth_evidence.details                ? 
# 
_pdbx_struct_oper_list.id                   1 
_pdbx_struct_oper_list.type                 'identity operation' 
_pdbx_struct_oper_list.name                 1_555 
_pdbx_struct_oper_list.symmetry_operation   x,y,z 
_pdbx_struct_oper_list.matrix[1][1]         1.0000000000 
_pdbx_struct_oper_list.matrix[1][2]         0.0000000000 
_pdbx_struct_oper_list.matrix[1][3]         0.0000000000 
_pdbx_struct_oper_list.vector[1]            0.0000000000 
_pdbx_struct_oper_list.matrix[2][1]         0.0000000000 
_pdbx_struct_oper_list.matrix[2][2]         1.0000000000 
_pdbx_struct_oper_list.matrix[2][3]         0.0000000000 
_pdbx_struct_oper_list.vector[2]            0.0000000000 
_pdbx_struct_oper_list.matrix[3][1]         0.0000000000 
_pdbx_struct_oper_list.matrix[3][2]         0.0000000000 
_pdbx_struct_oper_list.matrix[3][3]         1.0000000000 
_pdbx_struct_oper_list.vector[3]            0.0000000000 
# 
loop_
_struct_conf.conf_type_id 
_struct_conf.id 
_struct_conf.pdbx_PDB_helix_id 
_struct_conf.beg_label_comp_id 
_struct_conf.beg_label_asym_id 
_struct_conf.beg_label_seq_id 
_struct_conf.pdbx_beg_PDB_ins_code 
_struct_conf.end_label_comp_id 
_struct_conf.end_label_asym_id 
_struct_conf.end_label_seq_id 
_struct_conf.pdbx_end_PDB_ins_code 
_struct_conf.beg_auth_comp_id 
_struct_conf.beg_auth_asym_id 
_struct_conf.beg_auth_seq_id 
_struct_conf.end_auth_comp_id 
_struct_conf.end_auth_asym_id 
_struct_conf.end_auth_seq_id 
_struct_conf.pdbx_PDB_helix_class 
_struct_conf.details 
_struct_conf.pdbx_PDB_helix_length 
HELX_P HELX_P1 AA1 ALA A 16 ? ALA A 22 ? ALA A 16 ALA A 22 1 ? 7  
HELX_P HELX_P2 AA2 PRO A 42 ? GLU A 44 ? PRO A 42 GLU A 44 5 ? 3  
HELX_P HELX_P3 AA3 ALA A 45 ? CYS A 56 ? ALA A 45 CYS A 56 1 ? 12 
# 
_struct_conf_type.id          HELX_P 
_struct_conf_type.criteria    ? 
_struct_conf_type.reference   ? 
# 
loop_
_struct_conn.id 
_struct_conn.conn_type_id 
_struct_conn.pdbx_leaving_atom_flag 
_struct_conn.pdbx_PDB_id 
_struct_conn.ptnr1_label_asym_id 
_struct_conn.ptnr1_label_comp_id 
_struct_conn.ptnr1_label_seq_id 
_struct_conn.ptnr1_label_atom_id 
_struct_conn.pdbx_ptnr1_label_alt_id 
_struct_conn.pdbx_ptnr1_PDB_ins_code 
_struct_conn.pdbx_ptnr1_standard_comp_id 
_struct_conn.ptnr1_symmetry 
_struct_conn.ptnr2_label_asym_id 
_struct_conn.ptnr2_label_comp_id 
_struct_conn.ptnr2_label_seq_id 
_struct_conn.ptnr2_label_atom_id 
_struct_conn.pdbx_ptnr2_label_alt_id 
_struct_conn.pdbx_ptnr2_PDB_ins_code 
_struct_conn.ptnr1_auth_asym_id 
_struct_conn.ptnr1_auth_comp_id 
_struct_conn.ptnr1_auth_seq_id 
_struct_conn.ptnr2_auth_asym_id 
_struct_conn.ptnr2_auth_comp_id 
_struct_conn.ptnr2_auth_seq_id 
_struct_conn.ptnr2_symmetry 
_struct_conn.pdbx_ptnr3_label_atom_id 
_struct_conn.pdbx_ptnr3_label_seq_id 
_struct_conn.pdbx_ptnr3_label_comp_id 
_struct_conn.pdbx_ptnr3_label_asym_id 
_struct_conn.pdbx_ptnr3_label_alt_id 
_struct_conn.pdbx_ptnr3_PDB_ins_code 
_struct_conn.details 
_struct_conn.pdbx_dist_value 
_struct_conn.pdbx_value_order 
_struct_conn.pdbx_role 
metalc1 metalc ? ? A CYS 12 SG  ? ? ? 1_555 B F3S . FE4 ? ? A CYS 12  A F3S 101 1_555 ? ? ? ? ? ? ? 2.317 ? ? 
metalc2 metalc ? ? A CYS 18 SG  ? ? ? 1_555 B F3S . FE3 ? ? A CYS 18  A F3S 101 1_555 ? ? ? ? ? ? ? 2.316 ? ? 
metalc3 metalc ? ? A HIS 51 NE2 ? ? ? 1_555 C FE  . FE  ? ? A HIS 51  A FE  102 1_555 ? ? ? ? ? ? ? 2.070 ? ? 
metalc4 metalc ? ? A HIS 51 NE2 ? ? ? 1_555 C FE  . FE  ? ? A HIS 51  A FE  102 2_455 ? ? ? ? ? ? ? 2.042 ? ? 
metalc5 metalc ? ? A CYS 56 SG  ? ? ? 1_555 B F3S . FE1 ? ? A CYS 56  A F3S 101 1_555 ? ? ? ? ? ? ? 2.315 ? ? 
metalc6 metalc ? ? C FE  .  FE  ? ? ? 1_555 D HOH . O   ? ? A FE  102 A HOH 205 1_555 ? ? ? ? ? ? ? 2.309 ? ? 
metalc7 metalc ? ? C FE  .  FE  ? ? ? 1_555 D HOH . O   ? ? A FE  102 A HOH 205 2_455 ? ? ? ? ? ? ? 2.309 ? ? 
# 
_struct_conn_type.id          metalc 
_struct_conn_type.criteria    ? 
_struct_conn_type.reference   ? 
# 
loop_
_pdbx_struct_conn_angle.id 
_pdbx_struct_conn_angle.ptnr1_label_atom_id 
_pdbx_struct_conn_angle.ptnr1_label_alt_id 
_pdbx_struct_conn_angle.ptnr1_label_asym_id 
_pdbx_struct_conn_angle.ptnr1_label_comp_id 
_pdbx_struct_conn_angle.ptnr1_label_seq_id 
_pdbx_struct_conn_angle.ptnr1_auth_atom_id 
_pdbx_struct_conn_angle.ptnr1_auth_asym_id 
_pdbx_struct_conn_angle.ptnr1_auth_comp_id 
_pdbx_struct_conn_angle.ptnr1_auth_seq_id 
_pdbx_struct_conn_angle.ptnr1_PDB_ins_code 
_pdbx_struct_conn_angle.ptnr1_symmetry 
_pdbx_struct_conn_angle.ptnr2_label_atom_id 
_pdbx_struct_conn_angle.ptnr2_label_alt_id 
_pdbx_struct_conn_angle.ptnr2_label_asym_id 
_pdbx_struct_conn_angle.ptnr2_label_comp_id 
_pdbx_struct_conn_angle.ptnr2_label_seq_id 
_pdbx_struct_conn_angle.ptnr2_auth_atom_id 
_pdbx_struct_conn_angle.ptnr2_auth_asym_id 
_pdbx_struct_conn_angle.ptnr2_auth_comp_id 
_pdbx_struct_conn_angle.ptnr2_auth_seq_id 
_pdbx_struct_conn_angle.ptnr2_PDB_ins_code 
_pdbx_struct_conn_angle.ptnr2_symmetry 
_pdbx_struct_conn_angle.ptnr3_label_atom_id 
_pdbx_struct_conn_angle.ptnr3_label_alt_id 
_pdbx_struct_conn_angle.ptnr3_label_asym_id 
_pdbx_struct_conn_angle.ptnr3_label_comp_id 
_pdbx_struct_conn_angle.ptnr3_label_seq_id 
_pdbx_struct_conn_angle.ptnr3_auth_atom_id 
_pdbx_struct_conn_angle.ptnr3_auth_asym_id 
_pdbx_struct_conn_angle.ptnr3_auth_comp_id 
_pdbx_struct_conn_angle.ptnr3_auth_seq_id 
_pdbx_struct_conn_angle.ptnr3_PDB_ins_code 
_pdbx_struct_conn_angle.ptnr3_symmetry 
_pdbx_struct_conn_angle.value 
_pdbx_struct_conn_angle.value_esd 
1  SG  ? A CYS 12 ? A CYS 12  ? 1_555 FE4 ? B F3S . ? A F3S 101 ? 1_555 S2  ? B F3S .  ? A F3S 101 ? 1_555 114.8 ? 
2  SG  ? A CYS 12 ? A CYS 12  ? 1_555 FE4 ? B F3S . ? A F3S 101 ? 1_555 S3  ? B F3S .  ? A F3S 101 ? 1_555 116.5 ? 
3  S2  ? B F3S .  ? A F3S 101 ? 1_555 FE4 ? B F3S . ? A F3S 101 ? 1_555 S3  ? B F3S .  ? A F3S 101 ? 1_555 105.5 ? 
4  SG  ? A CYS 12 ? A CYS 12  ? 1_555 FE4 ? B F3S . ? A F3S 101 ? 1_555 S4  ? B F3S .  ? A F3S 101 ? 1_555 101.7 ? 
5  S2  ? B F3S .  ? A F3S 101 ? 1_555 FE4 ? B F3S . ? A F3S 101 ? 1_555 S4  ? B F3S .  ? A F3S 101 ? 1_555 111.1 ? 
6  S3  ? B F3S .  ? A F3S 101 ? 1_555 FE4 ? B F3S . ? A F3S 101 ? 1_555 S4  ? B F3S .  ? A F3S 101 ? 1_555 107.0 ? 
7  SG  ? A CYS 18 ? A CYS 18  ? 1_555 FE3 ? B F3S . ? A F3S 101 ? 1_555 S1  ? B F3S .  ? A F3S 101 ? 1_555 110.8 ? 
8  SG  ? A CYS 18 ? A CYS 18  ? 1_555 FE3 ? B F3S . ? A F3S 101 ? 1_555 S3  ? B F3S .  ? A F3S 101 ? 1_555 120.1 ? 
9  S1  ? B F3S .  ? A F3S 101 ? 1_555 FE3 ? B F3S . ? A F3S 101 ? 1_555 S3  ? B F3S .  ? A F3S 101 ? 1_555 105.4 ? 
10 SG  ? A CYS 18 ? A CYS 18  ? 1_555 FE3 ? B F3S . ? A F3S 101 ? 1_555 S4  ? B F3S .  ? A F3S 101 ? 1_555 104.9 ? 
11 S1  ? B F3S .  ? A F3S 101 ? 1_555 FE3 ? B F3S . ? A F3S 101 ? 1_555 S4  ? B F3S .  ? A F3S 101 ? 1_555 108.4 ? 
12 S3  ? B F3S .  ? A F3S 101 ? 1_555 FE3 ? B F3S . ? A F3S 101 ? 1_555 S4  ? B F3S .  ? A F3S 101 ? 1_555 106.8 ? 
13 NE2 ? A HIS 51 ? A HIS 51  ? 1_555 FE  ? C FE  . ? A FE  102 ? 1_555 NE2 ? A HIS 51 ? A HIS 51  ? 1_555 0.0   ? 
14 NE2 ? A HIS 51 ? A HIS 51  ? 1_555 FE  ? C FE  . ? A FE  102 ? 1_555 O   ? D HOH .  ? A HOH 205 ? 1_555 106.0 ? 
15 NE2 ? A HIS 51 ? A HIS 51  ? 1_555 FE  ? C FE  . ? A FE  102 ? 1_555 O   ? D HOH .  ? A HOH 205 ? 1_555 106.0 ? 
16 NE2 ? A HIS 51 ? A HIS 51  ? 1_555 FE  ? C FE  . ? A FE  102 ? 1_555 O   ? D HOH .  ? A HOH 205 ? 2_455 106.1 ? 
17 NE2 ? A HIS 51 ? A HIS 51  ? 1_555 FE  ? C FE  . ? A FE  102 ? 1_555 O   ? D HOH .  ? A HOH 205 ? 2_455 106.1 ? 
18 O   ? D HOH .  ? A HOH 205 ? 1_555 FE  ? C FE  . ? A FE  102 ? 1_555 O   ? D HOH .  ? A HOH 205 ? 2_455 0.1   ? 
19 SG  ? A CYS 56 ? A CYS 56  ? 1_555 FE1 ? B F3S . ? A F3S 101 ? 1_555 S1  ? B F3S .  ? A F3S 101 ? 1_555 116.9 ? 
20 SG  ? A CYS 56 ? A CYS 56  ? 1_555 FE1 ? B F3S . ? A F3S 101 ? 1_555 S2  ? B F3S .  ? A F3S 101 ? 1_555 117.5 ? 
21 S1  ? B F3S .  ? A F3S 101 ? 1_555 FE1 ? B F3S . ? A F3S 101 ? 1_555 S2  ? B F3S .  ? A F3S 101 ? 1_555 107.5 ? 
22 SG  ? A CYS 56 ? A CYS 56  ? 1_555 FE1 ? B F3S . ? A F3S 101 ? 1_555 S3  ? B F3S .  ? A F3S 101 ? 1_555 102.8 ? 
23 S1  ? B F3S .  ? A F3S 101 ? 1_555 FE1 ? B F3S . ? A F3S 101 ? 1_555 S3  ? B F3S .  ? A F3S 101 ? 1_555 105.4 ? 
24 S2  ? B F3S .  ? A F3S 101 ? 1_555 FE1 ? B F3S . ? A F3S 101 ? 1_555 S3  ? B F3S .  ? A F3S 101 ? 1_555 105.2 ? 
# 
loop_
_struct_sheet.id 
_struct_sheet.type 
_struct_sheet.number_strands 
_struct_sheet.details 
AA1 ? 2 ? 
AA2 ? 2 ? 
# 
loop_
_struct_sheet_order.sheet_id 
_struct_sheet_order.range_id_1 
_struct_sheet_order.range_id_2 
_struct_sheet_order.offset 
_struct_sheet_order.sense 
AA1 1 2 ? anti-parallel 
AA2 1 2 ? anti-parallel 
# 
loop_
_struct_sheet_range.sheet_id 
_struct_sheet_range.id 
_struct_sheet_range.beg_label_comp_id 
_struct_sheet_range.beg_label_asym_id 
_struct_sheet_range.beg_label_seq_id 
_struct_sheet_range.pdbx_beg_PDB_ins_code 
_struct_sheet_range.end_label_comp_id 
_struct_sheet_range.end_label_asym_id 
_struct_sheet_range.end_label_seq_id 
_struct_sheet_range.pdbx_end_PDB_ins_code 
_struct_sheet_range.beg_auth_comp_id 
_struct_sheet_range.beg_auth_asym_id 
_struct_sheet_range.beg_auth_seq_id 
_struct_sheet_range.end_auth_comp_id 
_struct_sheet_range.end_auth_asym_id 
_struct_sheet_range.end_auth_seq_id 
AA1 1 TYR A 3  ? ALA A 7  ? TYR A 3  ALA A 7  
AA1 2 LEU A 61 ? GLU A 65 ? LEU A 61 GLU A 65 
AA2 1 PHE A 26 ? ARG A 27 ? PHE A 26 ARG A 27 
AA2 2 GLU A 35 ? ILE A 36 ? GLU A 35 ILE A 36 
# 
loop_
_pdbx_struct_sheet_hbond.sheet_id 
_pdbx_struct_sheet_hbond.range_id_1 
_pdbx_struct_sheet_hbond.range_id_2 
_pdbx_struct_sheet_hbond.range_1_label_atom_id 
_pdbx_struct_sheet_hbond.range_1_label_comp_id 
_pdbx_struct_sheet_hbond.range_1_label_asym_id 
_pdbx_struct_sheet_hbond.range_1_label_seq_id 
_pdbx_struct_sheet_hbond.range_1_PDB_ins_code 
_pdbx_struct_sheet_hbond.range_1_auth_atom_id 
_pdbx_struct_sheet_hbond.range_1_auth_comp_id 
_pdbx_struct_sheet_hbond.range_1_auth_asym_id 
_pdbx_struct_sheet_hbond.range_1_auth_seq_id 
_pdbx_struct_sheet_hbond.range_2_label_atom_id 
_pdbx_struct_sheet_hbond.range_2_label_comp_id 
_pdbx_struct_sheet_hbond.range_2_label_asym_id 
_pdbx_struct_sheet_hbond.range_2_label_seq_id 
_pdbx_struct_sheet_hbond.range_2_PDB_ins_code 
_pdbx_struct_sheet_hbond.range_2_auth_atom_id 
_pdbx_struct_sheet_hbond.range_2_auth_comp_id 
_pdbx_struct_sheet_hbond.range_2_auth_asym_id 
_pdbx_struct_sheet_hbond.range_2_auth_seq_id 
AA1 1 2 N GLU A 6  ? N GLU A 6  O SER A 62 ? O SER A 62 
AA2 1 2 N ARG A 27 ? N ARG A 27 O GLU A 35 ? O GLU A 35 
# 
loop_
_pdbx_struct_special_symmetry.id 
_pdbx_struct_special_symmetry.PDB_model_num 
_pdbx_struct_special_symmetry.auth_asym_id 
_pdbx_struct_special_symmetry.auth_comp_id 
_pdbx_struct_special_symmetry.auth_seq_id 
_pdbx_struct_special_symmetry.PDB_ins_code 
_pdbx_struct_special_symmetry.label_asym_id 
_pdbx_struct_special_symmetry.label_comp_id 
_pdbx_struct_special_symmetry.label_seq_id 
1 1 A FE  102 ? C FE  . 
2 1 A HOH 201 ? D HOH . 
3 1 A HOH 205 ? D HOH . 
# 
loop_
_space_group_symop.id 
_space_group_symop.operation_xyz 
1  x,y,z                  
2  -y,x-y,z               
3  -x+y,-x,z              
4  x-y,-y,-z              
5  -x,-x+y,-z             
6  y,x,-z                 
7  x+1/3,y+2/3,z+2/3      
8  -y+1/3,x-y+2/3,z+2/3   
9  -x+y+1/3,-x+2/3,z+2/3  
10 x-y+1/3,-y+2/3,-z+2/3  
11 -x+1/3,-x+y+2/3,-z+2/3 
12 y+1/3,x+2/3,-z+2/3     
13 x+2/3,y+1/3,z+1/3      
14 -y+2/3,x-y+1/3,z+1/3   
15 -x+y+2/3,-x+1/3,z+1/3  
16 x-y+2/3,-y+1/3,-z+1/3  
17 -x+2/3,-x+y+1/3,-z+1/3 
18 y+2/3,x+1/3,-z+1/3     
# 
_pdbx_refine_tls.id               1 
_pdbx_refine_tls.pdbx_refine_id   'X-RAY DIFFRACTION' 
_pdbx_refine_tls.details          ? 
_pdbx_refine_tls.method           refined 
_pdbx_refine_tls.origin_x         0.3497121343 
_pdbx_refine_tls.origin_y         -0.3395413558 
_pdbx_refine_tls.origin_z         -0.2352494138 
_pdbx_refine_tls.T[1][1]          0.434634377273 
_pdbx_refine_tls.T[1][1]_esd      ? 
_pdbx_refine_tls.T[1][2]          -0.119558838171 
_pdbx_refine_tls.T[1][2]_esd      ? 
_pdbx_refine_tls.T[1][3]          0.289288003843 
_pdbx_refine_tls.T[1][3]_esd      ? 
_pdbx_refine_tls.T[2][2]          0.379196298737 
_pdbx_refine_tls.T[2][2]_esd      ? 
_pdbx_refine_tls.T[2][3]          -0.127288371374 
_pdbx_refine_tls.T[2][3]_esd      ? 
_pdbx_refine_tls.T[3][3]          0.332756304053 
_pdbx_refine_tls.T[3][3]_esd      ? 
_pdbx_refine_tls.L[1][1]          0.93440479722 
_pdbx_refine_tls.L[1][1]_esd      ? 
_pdbx_refine_tls.L[1][2]          -0.48282366104 
_pdbx_refine_tls.L[1][2]_esd      ? 
_pdbx_refine_tls.L[1][3]          -0.41292744265 
_pdbx_refine_tls.L[1][3]_esd      ? 
_pdbx_refine_tls.L[2][2]          5.84001571473 
_pdbx_refine_tls.L[2][2]_esd      ? 
_pdbx_refine_tls.L[2][3]          1.297791244021 
_pdbx_refine_tls.L[2][3]_esd      ? 
_pdbx_refine_tls.L[3][3]          1.440967129958 
_pdbx_refine_tls.L[3][3]_esd      ? 
_pdbx_refine_tls.S[1][1]          0.768150784782 
_pdbx_refine_tls.S[1][1]_esd      ? 
_pdbx_refine_tls.S[1][2]          -0.485484448978 
_pdbx_refine_tls.S[1][2]_esd      ? 
_pdbx_refine_tls.S[1][3]          0.249714543045 
_pdbx_refine_tls.S[1][3]_esd      ? 
_pdbx_refine_tls.S[2][1]          1.899673996394 
_pdbx_refine_tls.S[2][1]_esd      ? 
_pdbx_refine_tls.S[2][2]          -0.710576125974 
_pdbx_refine_tls.S[2][2]_esd      ? 
_pdbx_refine_tls.S[2][3]          2.4495199439 
_pdbx_refine_tls.S[2][3]_esd      ? 
_pdbx_refine_tls.S[3][1]          0.509930274402 
_pdbx_refine_tls.S[3][1]_esd      ? 
_pdbx_refine_tls.S[3][2]          -0.629350955711 
_pdbx_refine_tls.S[3][2]_esd      ? 
_pdbx_refine_tls.S[3][3]          0.323088405793 
_pdbx_refine_tls.S[3][3]_esd      ? 
# 
_pdbx_refine_tls_group.id                  1 
_pdbx_refine_tls_group.pdbx_refine_id      'X-RAY DIFFRACTION' 
_pdbx_refine_tls_group.refine_tls_id       1 
_pdbx_refine_tls_group.beg_label_asym_id   A 
_pdbx_refine_tls_group.beg_label_seq_id    1 
_pdbx_refine_tls_group.beg_auth_asym_id    A 
_pdbx_refine_tls_group.beg_auth_seq_id     2 
_pdbx_refine_tls_group.beg_PDB_ins_code    ? 
_pdbx_refine_tls_group.end_label_asym_id   D 
_pdbx_refine_tls_group.end_label_seq_id    ? 
_pdbx_refine_tls_group.end_auth_asym_id    A 
_pdbx_refine_tls_group.end_auth_seq_id     202 
_pdbx_refine_tls_group.end_PDB_ins_code    ? 
_pdbx_refine_tls_group.selection           ? 
_pdbx_refine_tls_group.selection_details   
;(chain 'A' and resid 2 through 202)
;
# 
_pdbx_entry_details.entry_id                 8AMP 
_pdbx_entry_details.has_ligand_of_interest   Y 
_pdbx_entry_details.compound_details         ? 
_pdbx_entry_details.source_details           ? 
_pdbx_entry_details.nonpolymer_details       ? 
_pdbx_entry_details.sequence_details         ? 
# 
loop_
_pdbx_unobs_or_zero_occ_residues.id 
_pdbx_unobs_or_zero_occ_residues.PDB_model_num 
_pdbx_unobs_or_zero_occ_residues.polymer_flag 
_pdbx_unobs_or_zero_occ_residues.occupancy_flag 
_pdbx_unobs_or_zero_occ_residues.auth_asym_id 
_pdbx_unobs_or_zero_occ_residues.auth_comp_id 
_pdbx_unobs_or_zero_occ_residues.auth_seq_id 
_pdbx_unobs_or_zero_occ_residues.PDB_ins_code 
_pdbx_unobs_or_zero_occ_residues.label_asym_id 
_pdbx_unobs_or_zero_occ_residues.label_comp_id 
_pdbx_unobs_or_zero_occ_residues.label_seq_id 
1 1 Y 1 A MET 1  ? A MET 1  
2 1 Y 1 A GLY 67 ? A GLY 67 
3 1 Y 1 A GLU 68 ? A GLU 68 
4 1 Y 1 A HIS 69 ? A HIS 69 
5 1 Y 1 A HIS 70 ? A HIS 70 
6 1 Y 1 A HIS 71 ? A HIS 71 
7 1 Y 1 A HIS 72 ? A HIS 72 
8 1 Y 1 A HIS 73 ? A HIS 73 
9 1 Y 1 A HIS 74 ? A HIS 74 
# 
loop_
_chem_comp_atom.comp_id 
_chem_comp_atom.atom_id 
_chem_comp_atom.type_symbol 
_chem_comp_atom.pdbx_aromatic_flag 
_chem_comp_atom.pdbx_stereo_config 
_chem_comp_atom.pdbx_ordinal 
ALA N    N  N N 1   
ALA CA   C  N S 2   
ALA C    C  N N 3   
ALA O    O  N N 4   
ALA CB   C  N N 5   
ALA OXT  O  N N 6   
ALA H    H  N N 7   
ALA H2   H  N N 8   
ALA HA   H  N N 9   
ALA HB1  H  N N 10  
ALA HB2  H  N N 11  
ALA HB3  H  N N 12  
ALA HXT  H  N N 13  
ARG N    N  N N 14  
ARG CA   C  N S 15  
ARG C    C  N N 16  
ARG O    O  N N 17  
ARG CB   C  N N 18  
ARG CG   C  N N 19  
ARG CD   C  N N 20  
ARG NE   N  N N 21  
ARG CZ   C  N N 22  
ARG NH1  N  N N 23  
ARG NH2  N  N N 24  
ARG OXT  O  N N 25  
ARG H    H  N N 26  
ARG H2   H  N N 27  
ARG HA   H  N N 28  
ARG HB2  H  N N 29  
ARG HB3  H  N N 30  
ARG HG2  H  N N 31  
ARG HG3  H  N N 32  
ARG HD2  H  N N 33  
ARG HD3  H  N N 34  
ARG HE   H  N N 35  
ARG HH11 H  N N 36  
ARG HH12 H  N N 37  
ARG HH21 H  N N 38  
ARG HH22 H  N N 39  
ARG HXT  H  N N 40  
ASP N    N  N N 41  
ASP CA   C  N S 42  
ASP C    C  N N 43  
ASP O    O  N N 44  
ASP CB   C  N N 45  
ASP CG   C  N N 46  
ASP OD1  O  N N 47  
ASP OD2  O  N N 48  
ASP OXT  O  N N 49  
ASP H    H  N N 50  
ASP H2   H  N N 51  
ASP HA   H  N N 52  
ASP HB2  H  N N 53  
ASP HB3  H  N N 54  
ASP HD2  H  N N 55  
ASP HXT  H  N N 56  
CYS N    N  N N 57  
CYS CA   C  N R 58  
CYS C    C  N N 59  
CYS O    O  N N 60  
CYS CB   C  N N 61  
CYS SG   S  N N 62  
CYS OXT  O  N N 63  
CYS H    H  N N 64  
CYS H2   H  N N 65  
CYS HA   H  N N 66  
CYS HB2  H  N N 67  
CYS HB3  H  N N 68  
CYS HG   H  N N 69  
CYS HXT  H  N N 70  
F3S FE1  FE N N 71  
F3S FE3  FE N N 72  
F3S FE4  FE N N 73  
F3S S1   S  N N 74  
F3S S2   S  N N 75  
F3S S3   S  N N 76  
F3S S4   S  N N 77  
FE  FE   FE N N 78  
GLN N    N  N N 79  
GLN CA   C  N S 80  
GLN C    C  N N 81  
GLN O    O  N N 82  
GLN CB   C  N N 83  
GLN CG   C  N N 84  
GLN CD   C  N N 85  
GLN OE1  O  N N 86  
GLN NE2  N  N N 87  
GLN OXT  O  N N 88  
GLN H    H  N N 89  
GLN H2   H  N N 90  
GLN HA   H  N N 91  
GLN HB2  H  N N 92  
GLN HB3  H  N N 93  
GLN HG2  H  N N 94  
GLN HG3  H  N N 95  
GLN HE21 H  N N 96  
GLN HE22 H  N N 97  
GLN HXT  H  N N 98  
GLU N    N  N N 99  
GLU CA   C  N S 100 
GLU C    C  N N 101 
GLU O    O  N N 102 
GLU CB   C  N N 103 
GLU CG   C  N N 104 
GLU CD   C  N N 105 
GLU OE1  O  N N 106 
GLU OE2  O  N N 107 
GLU OXT  O  N N 108 
GLU H    H  N N 109 
GLU H2   H  N N 110 
GLU HA   H  N N 111 
GLU HB2  H  N N 112 
GLU HB3  H  N N 113 
GLU HG2  H  N N 114 
GLU HG3  H  N N 115 
GLU HE2  H  N N 116 
GLU HXT  H  N N 117 
GLY N    N  N N 118 
GLY CA   C  N N 119 
GLY C    C  N N 120 
GLY O    O  N N 121 
GLY OXT  O  N N 122 
GLY H    H  N N 123 
GLY H2   H  N N 124 
GLY HA2  H  N N 125 
GLY HA3  H  N N 126 
GLY HXT  H  N N 127 
HIS N    N  N N 128 
HIS CA   C  N S 129 
HIS C    C  N N 130 
HIS O    O  N N 131 
HIS CB   C  N N 132 
HIS CG   C  Y N 133 
HIS ND1  N  Y N 134 
HIS CD2  C  Y N 135 
HIS CE1  C  Y N 136 
HIS NE2  N  Y N 137 
HIS OXT  O  N N 138 
HIS H    H  N N 139 
HIS H2   H  N N 140 
HIS HA   H  N N 141 
HIS HB2  H  N N 142 
HIS HB3  H  N N 143 
HIS HD1  H  N N 144 
HIS HD2  H  N N 145 
HIS HE1  H  N N 146 
HIS HE2  H  N N 147 
HIS HXT  H  N N 148 
HOH O    O  N N 149 
HOH H1   H  N N 150 
HOH H2   H  N N 151 
ILE N    N  N N 152 
ILE CA   C  N S 153 
ILE C    C  N N 154 
ILE O    O  N N 155 
ILE CB   C  N S 156 
ILE CG1  C  N N 157 
ILE CG2  C  N N 158 
ILE CD1  C  N N 159 
ILE OXT  O  N N 160 
ILE H    H  N N 161 
ILE H2   H  N N 162 
ILE HA   H  N N 163 
ILE HB   H  N N 164 
ILE HG12 H  N N 165 
ILE HG13 H  N N 166 
ILE HG21 H  N N 167 
ILE HG22 H  N N 168 
ILE HG23 H  N N 169 
ILE HD11 H  N N 170 
ILE HD12 H  N N 171 
ILE HD13 H  N N 172 
ILE HXT  H  N N 173 
LEU N    N  N N 174 
LEU CA   C  N S 175 
LEU C    C  N N 176 
LEU O    O  N N 177 
LEU CB   C  N N 178 
LEU CG   C  N N 179 
LEU CD1  C  N N 180 
LEU CD2  C  N N 181 
LEU OXT  O  N N 182 
LEU H    H  N N 183 
LEU H2   H  N N 184 
LEU HA   H  N N 185 
LEU HB2  H  N N 186 
LEU HB3  H  N N 187 
LEU HG   H  N N 188 
LEU HD11 H  N N 189 
LEU HD12 H  N N 190 
LEU HD13 H  N N 191 
LEU HD21 H  N N 192 
LEU HD22 H  N N 193 
LEU HD23 H  N N 194 
LEU HXT  H  N N 195 
LYS N    N  N N 196 
LYS CA   C  N S 197 
LYS C    C  N N 198 
LYS O    O  N N 199 
LYS CB   C  N N 200 
LYS CG   C  N N 201 
LYS CD   C  N N 202 
LYS CE   C  N N 203 
LYS NZ   N  N N 204 
LYS OXT  O  N N 205 
LYS H    H  N N 206 
LYS H2   H  N N 207 
LYS HA   H  N N 208 
LYS HB2  H  N N 209 
LYS HB3  H  N N 210 
LYS HG2  H  N N 211 
LYS HG3  H  N N 212 
LYS HD2  H  N N 213 
LYS HD3  H  N N 214 
LYS HE2  H  N N 215 
LYS HE3  H  N N 216 
LYS HZ1  H  N N 217 
LYS HZ2  H  N N 218 
LYS HZ3  H  N N 219 
LYS HXT  H  N N 220 
MET N    N  N N 221 
MET CA   C  N S 222 
MET C    C  N N 223 
MET O    O  N N 224 
MET CB   C  N N 225 
MET CG   C  N N 226 
MET SD   S  N N 227 
MET CE   C  N N 228 
MET OXT  O  N N 229 
MET H    H  N N 230 
MET H2   H  N N 231 
MET HA   H  N N 232 
MET HB2  H  N N 233 
MET HB3  H  N N 234 
MET HG2  H  N N 235 
MET HG3  H  N N 236 
MET HE1  H  N N 237 
MET HE2  H  N N 238 
MET HE3  H  N N 239 
MET HXT  H  N N 240 
PHE N    N  N N 241 
PHE CA   C  N S 242 
PHE C    C  N N 243 
PHE O    O  N N 244 
PHE CB   C  N N 245 
PHE CG   C  Y N 246 
PHE CD1  C  Y N 247 
PHE CD2  C  Y N 248 
PHE CE1  C  Y N 249 
PHE CE2  C  Y N 250 
PHE CZ   C  Y N 251 
PHE OXT  O  N N 252 
PHE H    H  N N 253 
PHE H2   H  N N 254 
PHE HA   H  N N 255 
PHE HB2  H  N N 256 
PHE HB3  H  N N 257 
PHE HD1  H  N N 258 
PHE HD2  H  N N 259 
PHE HE1  H  N N 260 
PHE HE2  H  N N 261 
PHE HZ   H  N N 262 
PHE HXT  H  N N 263 
PRO N    N  N N 264 
PRO CA   C  N S 265 
PRO C    C  N N 266 
PRO O    O  N N 267 
PRO CB   C  N N 268 
PRO CG   C  N N 269 
PRO CD   C  N N 270 
PRO OXT  O  N N 271 
PRO H    H  N N 272 
PRO HA   H  N N 273 
PRO HB2  H  N N 274 
PRO HB3  H  N N 275 
PRO HG2  H  N N 276 
PRO HG3  H  N N 277 
PRO HD2  H  N N 278 
PRO HD3  H  N N 279 
PRO HXT  H  N N 280 
SER N    N  N N 281 
SER CA   C  N S 282 
SER C    C  N N 283 
SER O    O  N N 284 
SER CB   C  N N 285 
SER OG   O  N N 286 
SER OXT  O  N N 287 
SER H    H  N N 288 
SER H2   H  N N 289 
SER HA   H  N N 290 
SER HB2  H  N N 291 
SER HB3  H  N N 292 
SER HG   H  N N 293 
SER HXT  H  N N 294 
THR N    N  N N 295 
THR CA   C  N S 296 
THR C    C  N N 297 
THR O    O  N N 298 
THR CB   C  N R 299 
THR OG1  O  N N 300 
THR CG2  C  N N 301 
THR OXT  O  N N 302 
THR H    H  N N 303 
THR H2   H  N N 304 
THR HA   H  N N 305 
THR HB   H  N N 306 
THR HG1  H  N N 307 
THR HG21 H  N N 308 
THR HG22 H  N N 309 
THR HG23 H  N N 310 
THR HXT  H  N N 311 
TRP N    N  N N 312 
TRP CA   C  N S 313 
TRP C    C  N N 314 
TRP O    O  N N 315 
TRP CB   C  N N 316 
TRP CG   C  Y N 317 
TRP CD1  C  Y N 318 
TRP CD2  C  Y N 319 
TRP NE1  N  Y N 320 
TRP CE2  C  Y N 321 
TRP CE3  C  Y N 322 
TRP CZ2  C  Y N 323 
TRP CZ3  C  Y N 324 
TRP CH2  C  Y N 325 
TRP OXT  O  N N 326 
TRP H    H  N N 327 
TRP H2   H  N N 328 
TRP HA   H  N N 329 
TRP HB2  H  N N 330 
TRP HB3  H  N N 331 
TRP HD1  H  N N 332 
TRP HE1  H  N N 333 
TRP HE3  H  N N 334 
TRP HZ2  H  N N 335 
TRP HZ3  H  N N 336 
TRP HH2  H  N N 337 
TRP HXT  H  N N 338 
TYR N    N  N N 339 
TYR CA   C  N S 340 
TYR C    C  N N 341 
TYR O    O  N N 342 
TYR CB   C  N N 343 
TYR CG   C  Y N 344 
TYR CD1  C  Y N 345 
TYR CD2  C  Y N 346 
TYR CE1  C  Y N 347 
TYR CE2  C  Y N 348 
TYR CZ   C  Y N 349 
TYR OH   O  N N 350 
TYR OXT  O  N N 351 
TYR H    H  N N 352 
TYR H2   H  N N 353 
TYR HA   H  N N 354 
TYR HB2  H  N N 355 
TYR HB3  H  N N 356 
TYR HD1  H  N N 357 
TYR HD2  H  N N 358 
TYR HE1  H  N N 359 
TYR HE2  H  N N 360 
TYR HH   H  N N 361 
TYR HXT  H  N N 362 
VAL N    N  N N 363 
VAL CA   C  N S 364 
VAL C    C  N N 365 
VAL O    O  N N 366 
VAL CB   C  N N 367 
VAL CG1  C  N N 368 
VAL CG2  C  N N 369 
VAL OXT  O  N N 370 
VAL H    H  N N 371 
VAL H2   H  N N 372 
VAL HA   H  N N 373 
VAL HB   H  N N 374 
VAL HG11 H  N N 375 
VAL HG12 H  N N 376 
VAL HG13 H  N N 377 
VAL HG21 H  N N 378 
VAL HG22 H  N N 379 
VAL HG23 H  N N 380 
VAL HXT  H  N N 381 
# 
loop_
_chem_comp_bond.comp_id 
_chem_comp_bond.atom_id_1 
_chem_comp_bond.atom_id_2 
_chem_comp_bond.value_order 
_chem_comp_bond.pdbx_aromatic_flag 
_chem_comp_bond.pdbx_stereo_config 
_chem_comp_bond.pdbx_ordinal 
ALA N   CA   sing N N 1   
ALA N   H    sing N N 2   
ALA N   H2   sing N N 3   
ALA CA  C    sing N N 4   
ALA CA  CB   sing N N 5   
ALA CA  HA   sing N N 6   
ALA C   O    doub N N 7   
ALA C   OXT  sing N N 8   
ALA CB  HB1  sing N N 9   
ALA CB  HB2  sing N N 10  
ALA CB  HB3  sing N N 11  
ALA OXT HXT  sing N N 12  
ARG N   CA   sing N N 13  
ARG N   H    sing N N 14  
ARG N   H2   sing N N 15  
ARG CA  C    sing N N 16  
ARG CA  CB   sing N N 17  
ARG CA  HA   sing N N 18  
ARG C   O    doub N N 19  
ARG C   OXT  sing N N 20  
ARG CB  CG   sing N N 21  
ARG CB  HB2  sing N N 22  
ARG CB  HB3  sing N N 23  
ARG CG  CD   sing N N 24  
ARG CG  HG2  sing N N 25  
ARG CG  HG3  sing N N 26  
ARG CD  NE   sing N N 27  
ARG CD  HD2  sing N N 28  
ARG CD  HD3  sing N N 29  
ARG NE  CZ   sing N N 30  
ARG NE  HE   sing N N 31  
ARG CZ  NH1  sing N N 32  
ARG CZ  NH2  doub N N 33  
ARG NH1 HH11 sing N N 34  
ARG NH1 HH12 sing N N 35  
ARG NH2 HH21 sing N N 36  
ARG NH2 HH22 sing N N 37  
ARG OXT HXT  sing N N 38  
ASP N   CA   sing N N 39  
ASP N   H    sing N N 40  
ASP N   H2   sing N N 41  
ASP CA  C    sing N N 42  
ASP CA  CB   sing N N 43  
ASP CA  HA   sing N N 44  
ASP C   O    doub N N 45  
ASP C   OXT  sing N N 46  
ASP CB  CG   sing N N 47  
ASP CB  HB2  sing N N 48  
ASP CB  HB3  sing N N 49  
ASP CG  OD1  doub N N 50  
ASP CG  OD2  sing N N 51  
ASP OD2 HD2  sing N N 52  
ASP OXT HXT  sing N N 53  
CYS N   CA   sing N N 54  
CYS N   H    sing N N 55  
CYS N   H2   sing N N 56  
CYS CA  C    sing N N 57  
CYS CA  CB   sing N N 58  
CYS CA  HA   sing N N 59  
CYS C   O    doub N N 60  
CYS C   OXT  sing N N 61  
CYS CB  SG   sing N N 62  
CYS CB  HB2  sing N N 63  
CYS CB  HB3  sing N N 64  
CYS SG  HG   sing N N 65  
CYS OXT HXT  sing N N 66  
F3S FE1 S1   sing N N 67  
F3S FE1 S2   sing N N 68  
F3S FE1 S3   sing N N 69  
F3S FE3 S1   sing N N 70  
F3S FE3 S3   sing N N 71  
F3S FE3 S4   sing N N 72  
F3S FE4 S2   sing N N 73  
F3S FE4 S3   sing N N 74  
F3S FE4 S4   sing N N 75  
GLN N   CA   sing N N 76  
GLN N   H    sing N N 77  
GLN N   H2   sing N N 78  
GLN CA  C    sing N N 79  
GLN CA  CB   sing N N 80  
GLN CA  HA   sing N N 81  
GLN C   O    doub N N 82  
GLN C   OXT  sing N N 83  
GLN CB  CG   sing N N 84  
GLN CB  HB2  sing N N 85  
GLN CB  HB3  sing N N 86  
GLN CG  CD   sing N N 87  
GLN CG  HG2  sing N N 88  
GLN CG  HG3  sing N N 89  
GLN CD  OE1  doub N N 90  
GLN CD  NE2  sing N N 91  
GLN NE2 HE21 sing N N 92  
GLN NE2 HE22 sing N N 93  
GLN OXT HXT  sing N N 94  
GLU N   CA   sing N N 95  
GLU N   H    sing N N 96  
GLU N   H2   sing N N 97  
GLU CA  C    sing N N 98  
GLU CA  CB   sing N N 99  
GLU CA  HA   sing N N 100 
GLU C   O    doub N N 101 
GLU C   OXT  sing N N 102 
GLU CB  CG   sing N N 103 
GLU CB  HB2  sing N N 104 
GLU CB  HB3  sing N N 105 
GLU CG  CD   sing N N 106 
GLU CG  HG2  sing N N 107 
GLU CG  HG3  sing N N 108 
GLU CD  OE1  doub N N 109 
GLU CD  OE2  sing N N 110 
GLU OE2 HE2  sing N N 111 
GLU OXT HXT  sing N N 112 
GLY N   CA   sing N N 113 
GLY N   H    sing N N 114 
GLY N   H2   sing N N 115 
GLY CA  C    sing N N 116 
GLY CA  HA2  sing N N 117 
GLY CA  HA3  sing N N 118 
GLY C   O    doub N N 119 
GLY C   OXT  sing N N 120 
GLY OXT HXT  sing N N 121 
HIS N   CA   sing N N 122 
HIS N   H    sing N N 123 
HIS N   H2   sing N N 124 
HIS CA  C    sing N N 125 
HIS CA  CB   sing N N 126 
HIS CA  HA   sing N N 127 
HIS C   O    doub N N 128 
HIS C   OXT  sing N N 129 
HIS CB  CG   sing N N 130 
HIS CB  HB2  sing N N 131 
HIS CB  HB3  sing N N 132 
HIS CG  ND1  sing Y N 133 
HIS CG  CD2  doub Y N 134 
HIS ND1 CE1  doub Y N 135 
HIS ND1 HD1  sing N N 136 
HIS CD2 NE2  sing Y N 137 
HIS CD2 HD2  sing N N 138 
HIS CE1 NE2  sing Y N 139 
HIS CE1 HE1  sing N N 140 
HIS NE2 HE2  sing N N 141 
HIS OXT HXT  sing N N 142 
HOH O   H1   sing N N 143 
HOH O   H2   sing N N 144 
ILE N   CA   sing N N 145 
ILE N   H    sing N N 146 
ILE N   H2   sing N N 147 
ILE CA  C    sing N N 148 
ILE CA  CB   sing N N 149 
ILE CA  HA   sing N N 150 
ILE C   O    doub N N 151 
ILE C   OXT  sing N N 152 
ILE CB  CG1  sing N N 153 
ILE CB  CG2  sing N N 154 
ILE CB  HB   sing N N 155 
ILE CG1 CD1  sing N N 156 
ILE CG1 HG12 sing N N 157 
ILE CG1 HG13 sing N N 158 
ILE CG2 HG21 sing N N 159 
ILE CG2 HG22 sing N N 160 
ILE CG2 HG23 sing N N 161 
ILE CD1 HD11 sing N N 162 
ILE CD1 HD12 sing N N 163 
ILE CD1 HD13 sing N N 164 
ILE OXT HXT  sing N N 165 
LEU N   CA   sing N N 166 
LEU N   H    sing N N 167 
LEU N   H2   sing N N 168 
LEU CA  C    sing N N 169 
LEU CA  CB   sing N N 170 
LEU CA  HA   sing N N 171 
LEU C   O    doub N N 172 
LEU C   OXT  sing N N 173 
LEU CB  CG   sing N N 174 
LEU CB  HB2  sing N N 175 
LEU CB  HB3  sing N N 176 
LEU CG  CD1  sing N N 177 
LEU CG  CD2  sing N N 178 
LEU CG  HG   sing N N 179 
LEU CD1 HD11 sing N N 180 
LEU CD1 HD12 sing N N 181 
LEU CD1 HD13 sing N N 182 
LEU CD2 HD21 sing N N 183 
LEU CD2 HD22 sing N N 184 
LEU CD2 HD23 sing N N 185 
LEU OXT HXT  sing N N 186 
LYS N   CA   sing N N 187 
LYS N   H    sing N N 188 
LYS N   H2   sing N N 189 
LYS CA  C    sing N N 190 
LYS CA  CB   sing N N 191 
LYS CA  HA   sing N N 192 
LYS C   O    doub N N 193 
LYS C   OXT  sing N N 194 
LYS CB  CG   sing N N 195 
LYS CB  HB2  sing N N 196 
LYS CB  HB3  sing N N 197 
LYS CG  CD   sing N N 198 
LYS CG  HG2  sing N N 199 
LYS CG  HG3  sing N N 200 
LYS CD  CE   sing N N 201 
LYS CD  HD2  sing N N 202 
LYS CD  HD3  sing N N 203 
LYS CE  NZ   sing N N 204 
LYS CE  HE2  sing N N 205 
LYS CE  HE3  sing N N 206 
LYS NZ  HZ1  sing N N 207 
LYS NZ  HZ2  sing N N 208 
LYS NZ  HZ3  sing N N 209 
LYS OXT HXT  sing N N 210 
MET N   CA   sing N N 211 
MET N   H    sing N N 212 
MET N   H2   sing N N 213 
MET CA  C    sing N N 214 
MET CA  CB   sing N N 215 
MET CA  HA   sing N N 216 
MET C   O    doub N N 217 
MET C   OXT  sing N N 218 
MET CB  CG   sing N N 219 
MET CB  HB2  sing N N 220 
MET CB  HB3  sing N N 221 
MET CG  SD   sing N N 222 
MET CG  HG2  sing N N 223 
MET CG  HG3  sing N N 224 
MET SD  CE   sing N N 225 
MET CE  HE1  sing N N 226 
MET CE  HE2  sing N N 227 
MET CE  HE3  sing N N 228 
MET OXT HXT  sing N N 229 
PHE N   CA   sing N N 230 
PHE N   H    sing N N 231 
PHE N   H2   sing N N 232 
PHE CA  C    sing N N 233 
PHE CA  CB   sing N N 234 
PHE CA  HA   sing N N 235 
PHE C   O    doub N N 236 
PHE C   OXT  sing N N 237 
PHE CB  CG   sing N N 238 
PHE CB  HB2  sing N N 239 
PHE CB  HB3  sing N N 240 
PHE CG  CD1  doub Y N 241 
PHE CG  CD2  sing Y N 242 
PHE CD1 CE1  sing Y N 243 
PHE CD1 HD1  sing N N 244 
PHE CD2 CE2  doub Y N 245 
PHE CD2 HD2  sing N N 246 
PHE CE1 CZ   doub Y N 247 
PHE CE1 HE1  sing N N 248 
PHE CE2 CZ   sing Y N 249 
PHE CE2 HE2  sing N N 250 
PHE CZ  HZ   sing N N 251 
PHE OXT HXT  sing N N 252 
PRO N   CA   sing N N 253 
PRO N   CD   sing N N 254 
PRO N   H    sing N N 255 
PRO CA  C    sing N N 256 
PRO CA  CB   sing N N 257 
PRO CA  HA   sing N N 258 
PRO C   O    doub N N 259 
PRO C   OXT  sing N N 260 
PRO CB  CG   sing N N 261 
PRO CB  HB2  sing N N 262 
PRO CB  HB3  sing N N 263 
PRO CG  CD   sing N N 264 
PRO CG  HG2  sing N N 265 
PRO CG  HG3  sing N N 266 
PRO CD  HD2  sing N N 267 
PRO CD  HD3  sing N N 268 
PRO OXT HXT  sing N N 269 
SER N   CA   sing N N 270 
SER N   H    sing N N 271 
SER N   H2   sing N N 272 
SER CA  C    sing N N 273 
SER CA  CB   sing N N 274 
SER CA  HA   sing N N 275 
SER C   O    doub N N 276 
SER C   OXT  sing N N 277 
SER CB  OG   sing N N 278 
SER CB  HB2  sing N N 279 
SER CB  HB3  sing N N 280 
SER OG  HG   sing N N 281 
SER OXT HXT  sing N N 282 
THR N   CA   sing N N 283 
THR N   H    sing N N 284 
THR N   H2   sing N N 285 
THR CA  C    sing N N 286 
THR CA  CB   sing N N 287 
THR CA  HA   sing N N 288 
THR C   O    doub N N 289 
THR C   OXT  sing N N 290 
THR CB  OG1  sing N N 291 
THR CB  CG2  sing N N 292 
THR CB  HB   sing N N 293 
THR OG1 HG1  sing N N 294 
THR CG2 HG21 sing N N 295 
THR CG2 HG22 sing N N 296 
THR CG2 HG23 sing N N 297 
THR OXT HXT  sing N N 298 
TRP N   CA   sing N N 299 
TRP N   H    sing N N 300 
TRP N   H2   sing N N 301 
TRP CA  C    sing N N 302 
TRP CA  CB   sing N N 303 
TRP CA  HA   sing N N 304 
TRP C   O    doub N N 305 
TRP C   OXT  sing N N 306 
TRP CB  CG   sing N N 307 
TRP CB  HB2  sing N N 308 
TRP CB  HB3  sing N N 309 
TRP CG  CD1  doub Y N 310 
TRP CG  CD2  sing Y N 311 
TRP CD1 NE1  sing Y N 312 
TRP CD1 HD1  sing N N 313 
TRP CD2 CE2  doub Y N 314 
TRP CD2 CE3  sing Y N 315 
TRP NE1 CE2  sing Y N 316 
TRP NE1 HE1  sing N N 317 
TRP CE2 CZ2  sing Y N 318 
TRP CE3 CZ3  doub Y N 319 
TRP CE3 HE3  sing N N 320 
TRP CZ2 CH2  doub Y N 321 
TRP CZ2 HZ2  sing N N 322 
TRP CZ3 CH2  sing Y N 323 
TRP CZ3 HZ3  sing N N 324 
TRP CH2 HH2  sing N N 325 
TRP OXT HXT  sing N N 326 
TYR N   CA   sing N N 327 
TYR N   H    sing N N 328 
TYR N   H2   sing N N 329 
TYR CA  C    sing N N 330 
TYR CA  CB   sing N N 331 
TYR CA  HA   sing N N 332 
TYR C   O    doub N N 333 
TYR C   OXT  sing N N 334 
TYR CB  CG   sing N N 335 
TYR CB  HB2  sing N N 336 
TYR CB  HB3  sing N N 337 
TYR CG  CD1  doub Y N 338 
TYR CG  CD2  sing Y N 339 
TYR CD1 CE1  sing Y N 340 
TYR CD1 HD1  sing N N 341 
TYR CD2 CE2  doub Y N 342 
TYR CD2 HD2  sing N N 343 
TYR CE1 CZ   doub Y N 344 
TYR CE1 HE1  sing N N 345 
TYR CE2 CZ   sing Y N 346 
TYR CE2 HE2  sing N N 347 
TYR CZ  OH   sing N N 348 
TYR OH  HH   sing N N 349 
TYR OXT HXT  sing N N 350 
VAL N   CA   sing N N 351 
VAL N   H    sing N N 352 
VAL N   H2   sing N N 353 
VAL CA  C    sing N N 354 
VAL CA  CB   sing N N 355 
VAL CA  HA   sing N N 356 
VAL C   O    doub N N 357 
VAL C   OXT  sing N N 358 
VAL CB  CG1  sing N N 359 
VAL CB  CG2  sing N N 360 
VAL CB  HB   sing N N 361 
VAL CG1 HG11 sing N N 362 
VAL CG1 HG12 sing N N 363 
VAL CG1 HG13 sing N N 364 
VAL CG2 HG21 sing N N 365 
VAL CG2 HG22 sing N N 366 
VAL CG2 HG23 sing N N 367 
VAL OXT HXT  sing N N 368 
# 
loop_
_pdbx_audit_support.funding_organization 
_pdbx_audit_support.country 
_pdbx_audit_support.grant_number 
_pdbx_audit_support.ordinal 
'Ministry of Science and Higher Education of the Russian Federation' 'Russian Federation' 075-15-2021-1354 1 
'Ministry of Science and Higher Education of the Russian Federation' 'Russian Federation' 122030100168-2   2 
# 
_pdbx_entity_instance_feature.ordinal        1 
_pdbx_entity_instance_feature.comp_id        F3S 
_pdbx_entity_instance_feature.asym_id        ? 
_pdbx_entity_instance_feature.seq_num        ? 
_pdbx_entity_instance_feature.auth_comp_id   F3S 
_pdbx_entity_instance_feature.auth_asym_id   ? 
_pdbx_entity_instance_feature.auth_seq_num   ? 
_pdbx_entity_instance_feature.feature_type   'SUBJECT OF INVESTIGATION' 
_pdbx_entity_instance_feature.details        ? 
# 
_pdbx_initial_refinement_model.id               1 
_pdbx_initial_refinement_model.entity_id_list   ? 
_pdbx_initial_refinement_model.type             'experimental model' 
_pdbx_initial_refinement_model.source_name      PDB 
_pdbx_initial_refinement_model.accession_code   1VJW 
_pdbx_initial_refinement_model.details          ? 
# 
_space_group.name_H-M_alt     'R 3 2 :H' 
_space_group.name_Hall        
;R 3 2"
;
_space_group.IT_number        155 
_space_group.crystal_system   trigonal 
_space_group.id               1 
# 
_atom_sites.entry_id                    8AMP 
_atom_sites.Cartn_transf_matrix[1][1]   ? 
_atom_sites.Cartn_transf_matrix[1][2]   ? 
_atom_sites.Cartn_transf_matrix[1][3]   ? 
_atom_sites.Cartn_transf_matrix[2][1]   ? 
_atom_sites.Cartn_transf_matrix[2][2]   ? 
_atom_sites.Cartn_transf_matrix[2][3]   ? 
_atom_sites.Cartn_transf_matrix[3][1]   ? 
_atom_sites.Cartn_transf_matrix[3][2]   ? 
_atom_sites.Cartn_transf_matrix[3][3]   ? 
_atom_sites.Cartn_transf_vector[1]      ? 
_atom_sites.Cartn_transf_vector[2]      ? 
_atom_sites.Cartn_transf_vector[3]      ? 
_atom_sites.fract_transf_matrix[1][1]   -0.02111129 
_atom_sites.fract_transf_matrix[1][2]   -0.00712451 
_atom_sites.fract_transf_matrix[1][3]   0.01040187 
_atom_sites.fract_transf_matrix[2][1]   -0.00708231 
_atom_sites.fract_transf_matrix[2][2]   -0.02350586 
_atom_sites.fract_transf_matrix[2][3]   -0.00140845 
_atom_sites.fract_transf_matrix[3][1]   0.00298801 
_atom_sites.fract_transf_matrix[3][2]   -0.00121384 
_atom_sites.fract_transf_matrix[3][3]   0.00523297 
_atom_sites.fract_transf_vector[1]      -0.339747 
_atom_sites.fract_transf_vector[2]      -0.264729 
_atom_sites.fract_transf_vector[3]      -0.084119 
_atom_sites.solution_primary            ? 
_atom_sites.solution_secondary          ? 
_atom_sites.solution_hydrogens          ? 
_atom_sites.special_details             ? 
# 
loop_
_atom_type.symbol 
_atom_type.scat_dispersion_real 
_atom_type.scat_dispersion_imag 
_atom_type.scat_Cromer_Mann_a1 
_atom_type.scat_Cromer_Mann_a2 
_atom_type.scat_Cromer_Mann_a3 
_atom_type.scat_Cromer_Mann_a4 
_atom_type.scat_Cromer_Mann_b1 
_atom_type.scat_Cromer_Mann_b2 
_atom_type.scat_Cromer_Mann_b3 
_atom_type.scat_Cromer_Mann_b4 
_atom_type.scat_Cromer_Mann_c 
_atom_type.scat_source 
_atom_type.scat_dispersion_source 
C  ? ? 3.54356  2.42580 ? ? 25.62398 1.50364  ? ? 0.0 
;2-Gaussian fit: Grosse-Kunstleve RW, Sauter NK, Adams PD: Newsletter of the IUCr Commission on Crystallographic Computing 2004, 3, 22-31.
;
? 
FE ? ? 20.90327 4.99816 ? ? 2.55100  38.46870 ? ? 0.0 
;2-Gaussian fit: Grosse-Kunstleve RW, Sauter NK, Adams PD: Newsletter of the IUCr Commission on Crystallographic Computing 2004, 3, 22-31.
;
? 
N  ? ? 4.01032  2.96436 ? ? 19.97189 1.75589  ? ? 0.0 
;2-Gaussian fit: Grosse-Kunstleve RW, Sauter NK, Adams PD: Newsletter of the IUCr Commission on Crystallographic Computing 2004, 3, 22-31.
;
? 
O  ? ? 4.49882  3.47563 ? ? 15.80542 1.70748  ? ? 0.0 
;2-Gaussian fit: Grosse-Kunstleve RW, Sauter NK, Adams PD: Newsletter of the IUCr Commission on Crystallographic Computing 2004, 3, 22-31.
;
? 
S  ? ? 9.55732  6.39887 ? ? 1.23737  29.19336 ? ? 0.0 
;2-Gaussian fit: Grosse-Kunstleve RW, Sauter NK, Adams PD: Newsletter of the IUCr Commission on Crystallographic Computing 2004, 3, 22-31.
;
? 
# 
loop_
_atom_site.group_PDB 
_atom_site.id 
_atom_site.type_symbol 
_atom_site.label_atom_id 
_atom_site.label_alt_id 
_atom_site.label_comp_id 
_atom_site.label_asym_id 
_atom_site.label_entity_id 
_atom_site.label_seq_id 
_atom_site.pdbx_PDB_ins_code 
_atom_site.Cartn_x 
_atom_site.Cartn_y 
_atom_site.Cartn_z 
_atom_site.occupancy 
_atom_site.B_iso_or_equiv 
_atom_site.pdbx_formal_charge 
_atom_site.auth_seq_id 
_atom_site.auth_comp_id 
_atom_site.auth_asym_id 
_atom_site.auth_atom_id 
_atom_site.pdbx_PDB_model_num 
ATOM   1   N  N   . GLY A 1 2  ? -0.92059  -10.27713 -12.38221 1.000 81.76353  ? 2   GLY A N   1 
ATOM   2   C  CA  . GLY A 1 2  ? -2.05838  -10.71623 -11.59593 1.000 62.38551  ? 2   GLY A CA  1 
ATOM   3   C  C   . GLY A 1 2  ? -1.75902  -10.82823 -10.11354 1.000 59.49422  ? 2   GLY A C   1 
ATOM   4   O  O   . GLY A 1 2  ? -1.54229  -11.92353 -9.59762  1.000 65.40862  ? 2   GLY A O   1 
ATOM   5   N  N   . TYR A 1 3  ? -1.74332  -9.68836  -9.42568  1.000 51.96321  ? 3   TYR A N   1 
ATOM   6   C  CA  . TYR A 1 3  ? -1.50761  -9.65356  -7.99060  1.000 52.62547  ? 3   TYR A CA  1 
ATOM   7   C  C   . TYR A 1 3  ? -2.47547  -8.67050  -7.34892  1.000 48.06512  ? 3   TYR A C   1 
ATOM   8   O  O   . TYR A 1 3  ? -3.04102  -7.79930  -8.01423  1.000 57.51065  ? 3   TYR A O   1 
ATOM   9   C  CB  . TYR A 1 3  ? -0.05817  -9.27000  -7.65927  1.000 39.46404  ? 3   TYR A CB  1 
ATOM   10  C  CG  . TYR A 1 3  ? 0.33157   -7.87600  -8.09325  1.000 35.54911  ? 3   TYR A CG  1 
ATOM   11  C  CD1 . TYR A 1 3  ? 0.72802   -7.62019  -9.39708  1.000 29.96342  ? 3   TYR A CD1 1 
ATOM   12  C  CD2 . TYR A 1 3  ? 0.31657   -6.81785  -7.19534  1.000 36.87944  ? 3   TYR A CD2 1 
ATOM   13  C  CE1 . TYR A 1 3  ? 1.09030   -6.35007  -9.79757  1.000 29.39486  ? 3   TYR A CE1 1 
ATOM   14  C  CE2 . TYR A 1 3  ? 0.67832   -5.54444  -7.58711  1.000 34.74221  ? 3   TYR A CE2 1 
ATOM   15  C  CZ  . TYR A 1 3  ? 1.06351   -5.31640  -8.89039  1.000 32.27770  ? 3   TYR A CZ  1 
ATOM   16  O  OH  . TYR A 1 3  ? 1.42436   -4.04960  -9.28818  1.000 43.53344  ? 3   TYR A OH  1 
ATOM   17  N  N   . ARG A 1 4  ? -2.66011  -8.82273  -6.03875  1.000 45.98760  ? 4   ARG A N   1 
ATOM   18  C  CA  . ARG A 1 4  ? -3.56713  -7.98396  -5.26684  1.000 44.74493  ? 4   ARG A CA  1 
ATOM   19  C  C   . ARG A 1 4  ? -2.80919  -7.36309  -4.10381  1.000 53.93236  ? 4   ARG A C   1 
ATOM   20  O  O   . ARG A 1 4  ? -2.03143  -8.04609  -3.42998  1.000 56.70803  ? 4   ARG A O   1 
ATOM   21  C  CB  . ARG A 1 4  ? -4.76541  -8.78957  -4.75070  1.000 55.91664  ? 4   ARG A CB  1 
ATOM   22  N  N   . VAL A 1 5  ? -3.03643  -6.07438  -3.87296  1.000 44.75165  ? 5   VAL A N   1 
ATOM   23  C  CA  . VAL A 1 5  ? -2.40369  -5.35303  -2.77438  1.000 45.42653  ? 5   VAL A CA  1 
ATOM   24  C  C   . VAL A 1 5  ? -3.29200  -5.48005  -1.54268  1.000 46.39064  ? 5   VAL A C   1 
ATOM   25  O  O   . VAL A 1 5  ? -4.42819  -4.99457  -1.53333  1.000 48.30611  ? 5   VAL A O   1 
ATOM   26  C  CB  . VAL A 1 5  ? -2.16935  -3.87937  -3.13980  1.000 54.95169  ? 5   VAL A CB  1 
ATOM   27  C  CG2 . VAL A 1 5  ? -1.19649  -3.23351  -2.16321  1.000 49.45910  ? 5   VAL A CG2 1 
ATOM   28  N  N   . GLU A 1 6  ? -2.77771  -6.13335  -0.50490  1.000 57.48751  ? 6   GLU A N   1 
ATOM   29  C  CA  . GLU A 1 6  ? -3.52293  -6.38439  0.71906   1.000 54.53805  ? 6   GLU A CA  1 
ATOM   30  C  C   . GLU A 1 6  ? -3.05941  -5.43756  1.81902   1.000 54.69106  ? 6   GLU A C   1 
ATOM   31  O  O   . GLU A 1 6  ? -1.88054  -5.08454  1.90106   1.000 60.35882  ? 6   GLU A O   1 
ATOM   32  C  CB  . GLU A 1 6  ? -3.34967  -7.83682  1.17642   1.000 61.10574  ? 6   GLU A CB  1 
ATOM   33  C  CG  . GLU A 1 6  ? -3.57901  -8.87081  0.07959   1.000 87.49259  ? 6   GLU A CG  1 
ATOM   34  C  CD  . GLU A 1 6  ? -5.04845  -9.16850  -0.15533  1.000 86.56637  ? 6   GLU A CD  1 
ATOM   35  O  OE1 . GLU A 1 6  ? -5.74778  -9.52221  0.81737   1.000 76.59242  ? 6   GLU A OE1 1 
ATOM   36  O  OE2 . GLU A 1 6  ? -5.50538  -9.04724  -1.31210  1.000 91.04933  ? 6   GLU A OE2 1 
ATOM   37  N  N   . ALA A 1 7  ? -3.99753  -5.03066  2.67077   1.000 59.89503  ? 7   ALA A N   1 
ATOM   38  C  CA  . ALA A 1 7  ? -3.71428  -4.10864  3.76464   1.000 53.76641  ? 7   ALA A CA  1 
ATOM   39  C  C   . ALA A 1 7  ? -4.29821  -4.66837  5.05249   1.000 64.40938  ? 7   ALA A C   1 
ATOM   40  O  O   . ALA A 1 7  ? -5.51966  -4.81218  5.16863   1.000 72.20680  ? 7   ALA A O   1 
ATOM   41  C  CB  . ALA A 1 7  ? -4.28805  -2.71723  3.47517   1.000 71.55764  ? 7   ALA A CB  1 
ATOM   42  N  N   . ASP A 1 8  ? -3.43000  -4.98637  6.01349   1.000 76.52640  ? 8   ASP A N   1 
ATOM   43  C  CA  . ASP A 1 8  ? -3.86355  -5.42501  7.34059   1.000 70.06849  ? 8   ASP A CA  1 
ATOM   44  C  C   . ASP A 1 8  ? -4.26658  -4.18499  8.12714   1.000 74.24138  ? 8   ASP A C   1 
ATOM   45  O  O   . ASP A 1 8  ? -3.44609  -3.53389  8.77941   1.000 71.70657  ? 8   ASP A O   1 
ATOM   46  C  CB  . ASP A 1 8  ? -2.76401  -6.20908  8.04512   1.000 69.31896  ? 8   ASP A CB  1 
ATOM   47  N  N   . ARG A 1 9  ? -5.56084  -3.86180  8.06411   1.000 82.34869  ? 9   ARG A N   1 
ATOM   48  C  CA  . ARG A 1 9  ? -6.03746  -2.58423  8.58129   1.000 74.94859  ? 9   ARG A CA  1 
ATOM   49  C  C   . ARG A 1 9  ? -5.94300  -2.50655  10.09900  1.000 96.16777  ? 9   ARG A C   1 
ATOM   50  O  O   . ARG A 1 9  ? -5.90351  -1.40469  10.65954  1.000 99.52614  ? 9   ARG A O   1 
ATOM   51  C  CB  . ARG A 1 9  ? -7.47127  -2.34720  8.11885   1.000 95.00692  ? 9   ARG A CB  1 
ATOM   52  C  CG  . ARG A 1 9  ? -7.66106  -1.04128  7.37065   1.000 92.76473  ? 9   ARG A CG  1 
ATOM   53  C  CD  . ARG A 1 9  ? -8.89430  -1.04710  6.47434   1.000 97.94961  ? 9   ARG A CD  1 
ATOM   54  N  NE  . ARG A 1 9  ? -8.52337  -1.22556  5.07512   1.000 102.69933 ? 9   ARG A NE  1 
ATOM   55  C  CZ  . ARG A 1 9  ? -7.92010  -0.29756  4.34141   1.000 84.90585  ? 9   ARG A CZ  1 
ATOM   56  N  NH1 . ARG A 1 9  ? -7.63564  0.90013   4.83217   1.000 84.68869  ? 9   ARG A NH1 1 
ATOM   57  N  NH2 . ARG A 1 9  ? -7.58022  -0.58030  3.08746   1.000 80.52029  ? 9   ARG A NH2 1 
ATOM   58  N  N   . ASP A 1 10 ? -5.91620  -3.65135  10.78147  1.000 86.39671  ? 10  ASP A N   1 
ATOM   59  C  CA  . ASP A 1 10 ? -5.67822  -3.64012  12.21796  1.000 94.65584  ? 10  ASP A CA  1 
ATOM   60  C  C   . ASP A 1 10 ? -4.23656  -3.29156  12.56305  1.000 82.69194  ? 10  ASP A C   1 
ATOM   61  O  O   . ASP A 1 10 ? -3.94223  -3.04289  13.73641  1.000 86.16510  ? 10  ASP A O   1 
ATOM   62  C  CB  . ASP A 1 10 ? -6.04632  -4.99574  12.82625  1.000 91.01252  ? 10  ASP A CB  1 
ATOM   63  N  N   . LEU A 1 11 ? -3.33599  -3.26316  11.57634  1.000 95.64245  ? 11  LEU A N   1 
ATOM   64  C  CA  . LEU A 1 11 ? -1.93818  -2.93260  11.81176  1.000 86.64439  ? 11  LEU A CA  1 
ATOM   65  C  C   . LEU A 1 11 ? -1.53857  -1.55006  11.31914  1.000 69.66081  ? 11  LEU A C   1 
ATOM   66  O  O   . LEU A 1 11 ? -0.47400  -1.06261  11.70893  1.000 78.63504  ? 11  LEU A O   1 
ATOM   67  C  CB  . LEU A 1 11 ? -1.02387  -3.97228  11.14673  1.000 102.33629 ? 11  LEU A CB  1 
ATOM   68  N  N   . CYS A 1 12 ? -2.35195  -0.91288  10.47979  1.000 74.64497  ? 12  CYS A N   1 
ATOM   69  C  CA  . CYS A 1 12 ? -2.01498  0.39420   9.92235   1.000 83.87001  ? 12  CYS A CA  1 
ATOM   70  C  C   . CYS A 1 12 ? -2.13083  1.46332   11.00252  1.000 78.91870  ? 12  CYS A C   1 
ATOM   71  O  O   . CYS A 1 12 ? -3.23249  1.76715   11.47027  1.000 76.89846  ? 12  CYS A O   1 
ATOM   72  C  CB  . CYS A 1 12 ? -2.92971  0.71164   8.74374   1.000 74.20662  ? 12  CYS A CB  1 
ATOM   73  S  SG  . CYS A 1 12 ? -2.68109  2.35065   8.03026   1.000 73.80565  ? 12  CYS A SG  1 
ATOM   74  N  N   . GLN A 1 13 ? -0.99808  2.04230   11.39424  1.000 86.15449  ? 13  GLN A N   1 
ATOM   75  C  CA  . GLN A 1 13 ? -0.96964  3.10098   12.39449  1.000 75.26445  ? 13  GLN A CA  1 
ATOM   76  C  C   . GLN A 1 13 ? -0.99584  4.49628   11.78355  1.000 86.88176  ? 13  GLN A C   1 
ATOM   77  O  O   . GLN A 1 13 ? -0.93418  5.48260   12.52523  1.000 83.13030  ? 13  GLN A O   1 
ATOM   78  C  CB  . GLN A 1 13 ? 0.26852   2.95101   13.28470  1.000 74.91974  ? 13  GLN A CB  1 
ATOM   79  C  CG  . GLN A 1 13 ? 0.37824   1.59908   13.96880  1.000 74.70898  ? 13  GLN A CG  1 
ATOM   80  C  CD  . GLN A 1 13 ? -0.76986  1.33181   14.91916  1.000 92.79691  ? 13  GLN A CD  1 
ATOM   81  O  OE1 . GLN A 1 13 ? -0.74687  1.76006   16.07249  1.000 104.16847 ? 13  GLN A OE1 1 
ATOM   82  N  NE2 . GLN A 1 13 ? -1.78332  0.61922   14.43959  1.000 124.43276 ? 13  GLN A NE2 1 
ATOM   83  N  N   . GLY A 1 14 ? -1.07855  4.60322   10.45981  1.000 65.98730  ? 14  GLY A N   1 
ATOM   84  C  CA  . GLY A 1 14 ? -1.19150  5.89817   9.81873   1.000 74.41733  ? 14  GLY A CA  1 
ATOM   85  C  C   . GLY A 1 14 ? 0.11353   6.62656   9.59561   1.000 73.10498  ? 14  GLY A C   1 
ATOM   86  O  O   . GLY A 1 14 ? 0.13215   7.86195   9.60470   1.000 84.86112  ? 14  GLY A O   1 
ATOM   87  N  N   . HIS A 1 15 ? 1.21396   5.89763   9.39171   1.000 70.12156  ? 15  HIS A N   1 
ATOM   88  C  CA  . HIS A 1 15 ? 2.49848   6.54484   9.14816   1.000 68.72323  ? 15  HIS A CA  1 
ATOM   89  C  C   . HIS A 1 15 ? 2.55362   7.23641   7.79208   1.000 56.18798  ? 15  HIS A C   1 
ATOM   90  O  O   . HIS A 1 15 ? 3.37938   8.13690   7.60641   1.000 66.96988  ? 15  HIS A O   1 
ATOM   91  C  CB  . HIS A 1 15 ? 3.63543   5.52627   9.25660   1.000 80.86104  ? 15  HIS A CB  1 
ATOM   92  C  CG  . HIS A 1 15 ? 3.87220   5.02743   10.64856  1.000 72.46476  ? 15  HIS A CG  1 
ATOM   93  N  ND1 . HIS A 1 15 ? 3.07685   4.07174   11.24313  1.000 82.01584  ? 15  HIS A ND1 1 
ATOM   94  C  CD2 . HIS A 1 15 ? 4.81691   5.35203   11.56293  1.000 79.05311  ? 15  HIS A CD2 1 
ATOM   95  C  CE1 . HIS A 1 15 ? 3.52133   3.82893   12.46342  1.000 95.28117  ? 15  HIS A CE1 1 
ATOM   96  N  NE2 . HIS A 1 15 ? 4.57629   4.59286   12.68228  1.000 95.92307  ? 15  HIS A NE2 1 
ATOM   97  N  N   . ALA A 1 16 ? 1.70814   6.82559   6.84496   1.000 55.88537  ? 16  ALA A N   1 
ATOM   98  C  CA  . ALA A 1 16 ? 1.59379   7.43180   5.51778   1.000 51.85419  ? 16  ALA A CA  1 
ATOM   99  C  C   . ALA A 1 16 ? 2.87532   7.31166   4.69647   1.000 55.84725  ? 16  ALA A C   1 
ATOM   100 O  O   . ALA A 1 16 ? 3.03616   8.00936   3.68939   1.000 57.16972  ? 16  ALA A O   1 
ATOM   101 C  CB  . ALA A 1 16 ? 1.16181   8.90050   5.60901   1.000 62.97813  ? 16  ALA A CB  1 
ATOM   102 N  N   . MET A 1 17 ? 3.79731   6.43279   5.09715   1.000 49.37301  ? 17  MET A N   1 
ATOM   103 C  CA  . MET A 1 17 ? 4.98312   6.19804   4.28049   1.000 38.21463  ? 17  MET A CA  1 
ATOM   104 C  C   . MET A 1 17 ? 4.62011   5.55052   2.95173   1.000 36.59476  ? 17  MET A C   1 
ATOM   105 O  O   . MET A 1 17 ? 5.34135   5.71814   1.96171   1.000 45.28561  ? 17  MET A O   1 
ATOM   106 C  CB  . MET A 1 17 ? 5.98328   5.32546   5.03802   1.000 48.84202  ? 17  MET A CB  1 
ATOM   107 C  CG  . MET A 1 17 ? 6.28037   5.80796   6.44850   1.000 69.92667  ? 17  MET A CG  1 
ATOM   108 S  SD  . MET A 1 17 ? 6.88840   7.50444   6.48741   1.000 93.99564  ? 17  MET A SD  1 
ATOM   109 C  CE  . MET A 1 17 ? 7.05970   7.76085   8.25276   1.000 96.27892  ? 17  MET A CE  1 
ATOM   110 N  N   . CYS A 1 18 ? 3.50799   4.81371   2.91132   1.000 48.34958  ? 18  CYS A N   1 
ATOM   111 C  CA  . CYS A 1 18 ? 3.06961   4.19289   1.66649   1.000 34.35045  ? 18  CYS A CA  1 
ATOM   112 C  C   . CYS A 1 18 ? 2.67816   5.24181   0.63480   1.000 41.34825  ? 18  CYS A C   1 
ATOM   113 O  O   . CYS A 1 18 ? 2.92207   5.06355   -0.56384  1.000 38.80903  ? 18  CYS A O   1 
ATOM   114 C  CB  . CYS A 1 18 ? 1.90032   3.24861   1.94117   1.000 36.63273  ? 18  CYS A CB  1 
ATOM   115 S  SG  . CYS A 1 18 ? 0.58201   3.97504   2.94483   1.000 49.30601  ? 18  CYS A SG  1 
ATOM   116 N  N   . GLU A 1 19 ? 2.06944   6.34238   1.07997   1.000 49.58459  ? 19  GLU A N   1 
ATOM   117 C  CA  . GLU A 1 19 ? 1.68533   7.39385   0.14628   1.000 44.32597  ? 19  GLU A CA  1 
ATOM   118 C  C   . GLU A 1 19 ? 2.90223   8.14029   -0.38573  1.000 43.15661  ? 19  GLU A C   1 
ATOM   119 O  O   . GLU A 1 19 ? 2.89449   8.59952   -1.53356  1.000 48.52117  ? 19  GLU A O   1 
ATOM   120 C  CB  . GLU A 1 19 ? 0.71142   8.35986   0.82064   1.000 44.27806  ? 19  GLU A CB  1 
ATOM   121 C  CG  . GLU A 1 19 ? 0.09397   9.38125   -0.11889  1.000 54.36444  ? 19  GLU A CG  1 
ATOM   122 C  CD  . GLU A 1 19 ? -0.94060  10.24859  0.56819   1.000 66.62338  ? 19  GLU A CD  1 
ATOM   123 O  OE1 . GLU A 1 19 ? -0.98124  10.24935  1.81687   1.000 60.52020  ? 19  GLU A OE1 1 
ATOM   124 O  OE2 . GLU A 1 19 ? -1.71526  10.92586  -0.14017  1.000 67.64870  ? 19  GLU A OE2 1 
ATOM   125 N  N   . LEU A 1 20 ? 3.95669   8.26414   0.42244   1.000 43.31229  ? 20  LEU A N   1 
ATOM   126 C  CA  . LEU A 1 20 ? 5.16467   8.92879   -0.05299  1.000 44.91630  ? 20  LEU A CA  1 
ATOM   127 C  C   . LEU A 1 20 ? 5.92075   8.06901   -1.05784  1.000 35.41382  ? 20  LEU A C   1 
ATOM   128 O  O   . LEU A 1 20 ? 6.60896   8.60296   -1.93441  1.000 50.31933  ? 20  LEU A O   1 
ATOM   129 C  CB  . LEU A 1 20 ? 6.07020   9.28494   1.12582   1.000 45.75069  ? 20  LEU A CB  1 
ATOM   130 N  N   . GLU A 1 21 ? 5.80701   6.74599   -0.95622  1.000 39.08753  ? 21  GLU A N   1 
ATOM   131 C  CA  . GLU A 1 21 ? 6.54187   5.86927   -1.85917  1.000 41.94223  ? 21  GLU A CA  1 
ATOM   132 C  C   . GLU A 1 21 ? 5.78602   5.60034   -3.15367  1.000 40.14169  ? 21  GLU A C   1 
ATOM   133 O  O   . GLU A 1 21 ? 6.40817   5.48427   -4.21463  1.000 30.59629  ? 21  GLU A O   1 
ATOM   134 C  CB  . GLU A 1 21 ? 6.86649   4.54176   -1.16830  1.000 28.56064  ? 21  GLU A CB  1 
ATOM   135 C  CG  . GLU A 1 21 ? 7.80647   4.65754   0.02679   1.000 31.83157  ? 21  GLU A CG  1 
ATOM   136 C  CD  . GLU A 1 21 ? 9.27215   4.75930   -0.36528  1.000 48.99013  ? 21  GLU A CD  1 
ATOM   137 O  OE1 . GLU A 1 21 ? 9.59155   5.43463   -1.36796  1.000 44.07305  ? 21  GLU A OE1 1 
ATOM   138 O  OE2 . GLU A 1 21 ? 10.11125  4.15450   0.33528   1.000 67.52588  ? 21  GLU A OE2 1 
ATOM   139 N  N   . ALA A 1 22 ? 4.45886   5.49299   -3.09250  1.000 41.69197  ? 22  ALA A N   1 
ATOM   140 C  CA  . ALA A 1 22 ? 3.63643   5.20128   -4.26810  1.000 50.14404  ? 22  ALA A CA  1 
ATOM   141 C  C   . ALA A 1 22 ? 2.33053   5.97014   -4.16048  1.000 54.07833  ? 22  ALA A C   1 
ATOM   142 O  O   . ALA A 1 22 ? 1.28122   5.40293   -3.83731  1.000 44.53972  ? 22  ALA A O   1 
ATOM   143 C  CB  . ALA A 1 22 ? 3.38383   3.69677   -4.40232  1.000 33.88507  ? 22  ALA A CB  1 
ATOM   144 N  N   . PRO A 1 23 ? 2.35494   7.27539   -4.44786  1.000 44.04328  ? 23  PRO A N   1 
ATOM   145 C  CA  . PRO A 1 23 ? 1.16395   8.09835   -4.18501  1.000 43.05754  ? 23  PRO A CA  1 
ATOM   146 C  C   . PRO A 1 23 ? -0.01088  7.76360   -5.08278  1.000 48.68846  ? 23  PRO A C   1 
ATOM   147 O  O   . PRO A 1 23 ? -1.16188  7.94775   -4.66709  1.000 57.06223  ? 23  PRO A O   1 
ATOM   148 C  CB  . PRO A 1 23 ? 1.67091   9.52824   -4.41869  1.000 53.56843  ? 23  PRO A CB  1 
ATOM   149 C  CG  . PRO A 1 23 ? 2.80621   9.36721   -5.38471  1.000 54.34861  ? 23  PRO A CG  1 
ATOM   150 C  CD  . PRO A 1 23 ? 3.45346   8.04975   -5.05113  1.000 45.68537  ? 23  PRO A CD  1 
ATOM   151 N  N   . GLU A 1 24 ? 0.24238   7.27152   -6.29691  1.000 40.64191  ? 24  GLU A N   1 
ATOM   152 C  CA  . GLU A 1 24 ? -0.84302  6.94084   -7.21047  1.000 36.86981  ? 24  GLU A CA  1 
ATOM   153 C  C   . GLU A 1 24 ? -1.65712  5.73711   -6.74425  1.000 62.10690  ? 24  GLU A C   1 
ATOM   154 O  O   . GLU A 1 24 ? -2.80635  5.57904   -7.17371  1.000 80.69829  ? 24  GLU A O   1 
ATOM   155 C  CB  . GLU A 1 24 ? -0.28278  6.66521   -8.60789  1.000 34.28686  ? 24  GLU A CB  1 
ATOM   156 N  N   . TYR A 1 25 ? -1.09451  4.87820   -5.88913  1.000 53.60907  ? 25  TYR A N   1 
ATOM   157 C  CA  . TYR A 1 25 ? -1.75679  3.63705   -5.51806  1.000 52.14264  ? 25  TYR A CA  1 
ATOM   158 C  C   . TYR A 1 25 ? -2.15832  3.58683   -4.05184  1.000 41.03891  ? 25  TYR A C   1 
ATOM   159 O  O   . TYR A 1 25 ? -2.94177  2.71221   -3.66933  1.000 49.21971  ? 25  TYR A O   1 
ATOM   160 C  CB  . TYR A 1 25 ? -0.85302  2.44339   -5.86420  1.000 40.31217  ? 25  TYR A CB  1 
ATOM   161 C  CG  . TYR A 1 25 ? -0.44975  2.41264   -7.32566  1.000 51.22530  ? 25  TYR A CG  1 
ATOM   162 C  CD1 . TYR A 1 25 ? -1.25634  1.80102   -8.27839  1.000 44.24458  ? 25  TYR A CD1 1 
ATOM   163 C  CD2 . TYR A 1 25 ? 0.72911   3.00984   -7.75365  1.000 41.63576  ? 25  TYR A CD2 1 
ATOM   164 C  CE1 . TYR A 1 25 ? -0.89404  1.77875   -9.61721  1.000 47.82387  ? 25  TYR A CE1 1 
ATOM   165 C  CE2 . TYR A 1 25 ? 1.09820   2.99250   -9.08605  1.000 49.39907  ? 25  TYR A CE2 1 
ATOM   166 C  CZ  . TYR A 1 25 ? 0.28260   2.37790   -10.01369 1.000 42.07060  ? 25  TYR A CZ  1 
ATOM   167 O  OH  . TYR A 1 25 ? 0.65314   2.36088   -11.33891 1.000 53.36353  ? 25  TYR A OH  1 
ATOM   168 N  N   . PHE A 1 26 ? -1.65648  4.50351   -3.22948  1.000 48.93670  ? 26  PHE A N   1 
ATOM   169 C  CA  . PHE A 1 26 ? -2.00218  4.57118   -1.81603  1.000 40.95083  ? 26  PHE A CA  1 
ATOM   170 C  C   . PHE A 1 26 ? -2.28307  6.01609   -1.44562  1.000 54.53157  ? 26  PHE A C   1 
ATOM   171 O  O   . PHE A 1 26 ? -1.43389  6.88600   -1.65311  1.000 52.17779  ? 26  PHE A O   1 
ATOM   172 C  CB  . PHE A 1 26 ? -0.87531  4.01725   -0.93384  1.000 51.41835  ? 26  PHE A CB  1 
ATOM   173 C  CG  . PHE A 1 26 ? -0.39726  2.66392   -1.35156  1.000 36.71586  ? 26  PHE A CG  1 
ATOM   174 C  CD1 . PHE A 1 26 ? 0.68830   2.53063   -2.19866  1.000 37.26277  ? 26  PHE A CD1 1 
ATOM   175 C  CD2 . PHE A 1 26 ? -1.03404  1.52323   -0.89953  1.000 37.54089  ? 26  PHE A CD2 1 
ATOM   176 C  CE1 . PHE A 1 26 ? 1.12933   1.28563   -2.59073  1.000 38.76859  ? 26  PHE A CE1 1 
ATOM   177 C  CE2 . PHE A 1 26 ? -0.59783  0.27482   -1.28640  1.000 39.91472  ? 26  PHE A CE2 1 
ATOM   178 C  CZ  . PHE A 1 26 ? 0.48601   0.15617   -2.13246  1.000 40.07201  ? 26  PHE A CZ  1 
ATOM   179 N  N   . ARG A 1 27 ? -3.46660  6.26440   -0.89875  1.000 54.98773  ? 27  ARG A N   1 
ATOM   180 C  CA  . ARG A 1 27 ? -3.83878  7.57453   -0.38969  1.000 59.62258  ? 27  ARG A CA  1 
ATOM   181 C  C   . ARG A 1 27 ? -4.22414  7.44028   1.07267   1.000 54.58310  ? 27  ARG A C   1 
ATOM   182 O  O   . ARG A 1 27 ? -4.95451  6.51815   1.44327   1.000 67.55485  ? 27  ARG A O   1 
ATOM   183 C  CB  . ARG A 1 27 ? -5.00619  8.17762   -1.19444  1.000 63.29946  ? 27  ARG A CB  1 
ATOM   184 N  N   . VAL A 1 28 ? -3.72223  8.34892   1.90243   1.000 60.11092  ? 28  VAL A N   1 
ATOM   185 C  CA  . VAL A 1 28 ? -4.00473  8.29271   3.33575   1.000 59.86982  ? 28  VAL A CA  1 
ATOM   186 C  C   . VAL A 1 28 ? -4.74003  9.55636   3.77372   1.000 73.84939  ? 28  VAL A C   1 
ATOM   187 O  O   . VAL A 1 28 ? -4.11385  10.62160  3.88739   1.000 63.35179  ? 28  VAL A O   1 
ATOM   188 C  CB  . VAL A 1 28 ? -2.71751  8.11326   4.15828   1.000 70.34971  ? 28  VAL A CB  1 
ATOM   189 C  CG1 . VAL A 1 28 ? -3.02831  8.12858   5.64667   1.000 75.34160  ? 28  VAL A CG1 1 
ATOM   190 C  CG2 . VAL A 1 28 ? -2.01100  6.82045   3.77384   1.000 75.23998  ? 28  VAL A CG2 1 
ATOM   191 N  N   . PRO A 1 29 ? -6.05076  9.49293   4.02765   1.000 74.61063  ? 29  PRO A N   1 
ATOM   192 C  CA  . PRO A 1 29 ? -6.73966  10.65682  4.59892   1.000 73.37611  ? 29  PRO A CA  1 
ATOM   193 C  C   . PRO A 1 29 ? -6.16436  11.01075  5.95940   1.000 99.85869  ? 29  PRO A C   1 
ATOM   194 O  O   . PRO A 1 29 ? -5.76015  10.13971  6.73159   1.000 91.95988  ? 29  PRO A O   1 
ATOM   195 C  CB  . PRO A 1 29 ? -8.19877  10.19713  4.71774   1.000 72.86399  ? 29  PRO A CB  1 
ATOM   196 C  CG  . PRO A 1 29 ? -8.32197  9.03325   3.81799   1.000 67.07899  ? 29  PRO A CG  1 
ATOM   197 C  CD  . PRO A 1 29 ? -6.97195  8.38450   3.74948   1.000 75.68568  ? 29  PRO A CD  1 
ATOM   198 N  N   . LYS A 1 30 ? -6.14002  12.31587  6.24917   1.000 110.29149 ? 30  LYS A N   1 
ATOM   199 C  CA  . LYS A 1 30 ? -5.55913  12.79419  7.50146   1.000 91.78295  ? 30  LYS A CA  1 
ATOM   200 C  C   . LYS A 1 30 ? -6.21555  12.13992  8.71034   1.000 99.94959  ? 30  LYS A C   1 
ATOM   201 O  O   . LYS A 1 30 ? -5.55222  11.87554  9.71849   1.000 104.71851 ? 30  LYS A O   1 
ATOM   202 C  CB  . LYS A 1 30 ? -5.68426  14.31398  7.58904   1.000 105.57467 ? 30  LYS A CB  1 
ATOM   203 N  N   . ARG A 1 31 ? -7.51607  11.87399  8.63248   1.000 106.19384 ? 31  ARG A N   1 
ATOM   204 C  CA  . ARG A 1 31 ? -8.24704  11.24830  9.72478   1.000 113.60282 ? 31  ARG A CA  1 
ATOM   205 C  C   . ARG A 1 31 ? -8.52928  9.77312   9.47620   1.000 129.48753 ? 31  ARG A C   1 
ATOM   206 O  O   . ARG A 1 31 ? -9.26721  9.15626   10.25192  1.000 139.49208 ? 31  ARG A O   1 
ATOM   207 C  CB  . ARG A 1 31 ? -9.56138  11.99029  9.97820   1.000 117.56017 ? 31  ARG A CB  1 
ATOM   208 N  N   . GLY A 1 32 ? -7.96472  9.19250   8.41634   1.000 125.08933 ? 32  GLY A N   1 
ATOM   209 C  CA  . GLY A 1 32 ? -8.23928  7.81631   8.07903   1.000 117.51898 ? 32  GLY A CA  1 
ATOM   210 C  C   . GLY A 1 32 ? -6.96085  7.03776   7.82964   1.000 102.40830 ? 32  GLY A C   1 
ATOM   211 O  O   . GLY A 1 32 ? -5.87871  7.60286   7.67963   1.000 98.49577  ? 32  GLY A O   1 
ATOM   212 N  N   . GLN A 1 33 ? -7.11367  5.71569   7.79715   1.000 99.41816  ? 33  GLN A N   1 
ATOM   213 C  CA  . GLN A 1 33 ? -6.01125  4.82241   7.48033   1.000 73.16548  ? 33  GLN A CA  1 
ATOM   214 C  C   . GLN A 1 33 ? -5.78997  4.78800   5.97006   1.000 63.54955  ? 33  GLN A C   1 
ATOM   215 O  O   . GLN A 1 33 ? -6.43460  5.51103   5.20512   1.000 81.17873  ? 33  GLN A O   1 
ATOM   216 C  CB  . GLN A 1 33 ? -6.28156  3.42837   8.04008   1.000 95.83911  ? 33  GLN A CB  1 
ATOM   217 C  CG  . GLN A 1 33 ? -6.14711  3.34103   9.55053   1.000 103.17253 ? 33  GLN A CG  1 
ATOM   218 C  CD  . GLN A 1 33 ? -6.50631  1.97600   10.09729  1.000 105.20847 ? 33  GLN A CD  1 
ATOM   219 O  OE1 . GLN A 1 33 ? -7.24009  1.21618   9.46942   1.000 104.49082 ? 33  GLN A OE1 1 
ATOM   220 N  NE2 . GLN A 1 33 ? -5.98833  1.65808   11.27731  1.000 112.13858 ? 33  GLN A NE2 1 
ATOM   221 N  N   . VAL A 1 34 ? -4.86813  3.92901   5.53059   1.000 65.70677  ? 34  VAL A N   1 
ATOM   222 C  CA  . VAL A 1 34 ? -4.48915  3.89400   4.12389   1.000 55.46301  ? 34  VAL A CA  1 
ATOM   223 C  C   . VAL A 1 34 ? -5.66642  3.43005   3.27454   1.000 60.98948  ? 34  VAL A C   1 
ATOM   224 O  O   . VAL A 1 34 ? -6.43189  2.53870   3.66635   1.000 63.64632  ? 34  VAL A O   1 
ATOM   225 C  CB  . VAL A 1 34 ? -3.25790  2.99144   3.92755   1.000 53.81690  ? 34  VAL A CB  1 
ATOM   226 C  CG1 . VAL A 1 34 ? -3.53383  1.58084   4.43119   1.000 53.35645  ? 34  VAL A CG1 1 
ATOM   227 C  CG2 . VAL A 1 34 ? -2.83016  2.97486   2.46777   1.000 45.17354  ? 34  VAL A CG2 1 
ATOM   228 N  N   . GLU A 1 35 ? -5.82956  4.05520   2.11142   1.000 64.57925  ? 35  GLU A N   1 
ATOM   229 C  CA  . GLU A 1 35 ? -6.84425  3.67910   1.13551   1.000 55.59551  ? 35  GLU A CA  1 
ATOM   230 C  C   . GLU A 1 35 ? -6.13823  3.18146   -0.11684  1.000 51.47741  ? 35  GLU A C   1 
ATOM   231 O  O   . GLU A 1 35 ? -5.36979  3.92260   -0.73883  1.000 50.62510  ? 35  GLU A O   1 
ATOM   232 C  CB  . GLU A 1 35 ? -7.76513  4.85579   0.80904   1.000 69.90427  ? 35  GLU A CB  1 
ATOM   233 C  CG  . GLU A 1 35 ? -8.82475  4.53947   -0.23843  1.000 82.62924  ? 35  GLU A CG  1 
ATOM   234 C  CD  . GLU A 1 35 ? -9.75100  5.70997   -0.50639  1.000 80.37847  ? 35  GLU A CD  1 
ATOM   235 O  OE1 . GLU A 1 35 ? -9.53364  6.78721   0.08642   1.000 71.33093  ? 35  GLU A OE1 1 
ATOM   236 O  OE2 . GLU A 1 35 ? -10.69615 5.55206   -1.30864  1.000 87.71023  ? 35  GLU A OE2 1 
ATOM   237 N  N   . ILE A 1 36 ? -6.38203  1.92227   -0.46921  1.000 59.44465  ? 36  ILE A N   1 
ATOM   238 C  CA  . ILE A 1 36 ? -5.76676  1.31081   -1.64186  1.000 54.63504  ? 36  ILE A CA  1 
ATOM   239 C  C   . ILE A 1 36 ? -6.55917  1.76313   -2.86591  1.000 52.90456  ? 36  ILE A C   1 
ATOM   240 O  O   . ILE A 1 36 ? -7.72849  1.40897   -3.02539  1.000 61.47637  ? 36  ILE A O   1 
ATOM   241 C  CB  . ILE A 1 36 ? -5.74325  -0.21776  -1.52945  1.000 56.63079  ? 36  ILE A CB  1 
ATOM   242 C  CG1 . ILE A 1 36 ? -5.29036  -0.65379  -0.13478  1.000 48.29558  ? 36  ILE A CG1 1 
ATOM   243 C  CG2 . ILE A 1 36 ? -4.84387  -0.81876  -2.60461  1.000 50.29976  ? 36  ILE A CG2 1 
ATOM   244 C  CD1 . ILE A 1 36 ? -3.79235  -0.76068  0.02680   1.000 45.98087  ? 36  ILE A CD1 1 
ATOM   245 N  N   . LEU A 1 37 ? -5.92499  2.54737   -3.73773  1.000 61.93747  ? 37  LEU A N   1 
ATOM   246 C  CA  . LEU A 1 37 ? -6.65216  3.11925   -4.86802  1.000 66.77503  ? 37  LEU A CA  1 
ATOM   247 C  C   . LEU A 1 37 ? -6.91133  2.07748   -5.95039  1.000 51.01265  ? 37  LEU A C   1 
ATOM   248 O  O   . LEU A 1 37 ? -7.96965  2.09415   -6.59136  1.000 62.21618  ? 37  LEU A O   1 
ATOM   249 C  CB  . LEU A 1 37 ? -5.88589  4.31538   -5.43643  1.000 55.43671  ? 37  LEU A CB  1 
ATOM   250 C  CG  . LEU A 1 37 ? -5.56615  5.43578   -4.43736  1.000 46.42914  ? 37  LEU A CG  1 
ATOM   251 C  CD1 . LEU A 1 37 ? -5.09181  6.68481   -5.16676  1.000 51.72666  ? 37  LEU A CD1 1 
ATOM   252 C  CD2 . LEU A 1 37 ? -6.76737  5.74180   -3.54469  1.000 55.67822  ? 37  LEU A CD2 1 
ATOM   253 N  N   . ASP A 1 38 ? -5.96546  1.16474   -6.16905  1.000 51.51097  ? 38  ASP A N   1 
ATOM   254 C  CA  . ASP A 1 38 ? -6.14842  0.06331   -7.11151  1.000 54.92172  ? 38  ASP A CA  1 
ATOM   255 C  C   . ASP A 1 38 ? -5.84762  -1.23741  -6.38471  1.000 56.41128  ? 38  ASP A C   1 
ATOM   256 O  O   . ASP A 1 38 ? -4.69982  -1.44306  -5.93375  1.000 65.65210  ? 38  ASP A O   1 
ATOM   257 C  CB  . ASP A 1 38 ? -5.24857  0.22283   -8.34056  1.000 50.45108  ? 38  ASP A CB  1 
ATOM   258 C  CG  . ASP A 1 38 ? -5.61830  -0.73117  -9.47208  1.000 59.29734  ? 38  ASP A CG  1 
ATOM   259 O  OD1 . ASP A 1 38 ? -6.31473  -1.73521  -9.21514  1.000 62.40895  ? 38  ASP A OD1 1 
ATOM   260 O  OD2 . ASP A 1 38 ? -5.20485  -0.47164  -10.62210 1.000 58.95268  ? 38  ASP A OD2 1 
ATOM   261 N  N   . PRO A 1 39 ? -6.82058  -2.14106  -6.23456  1.000 52.80519  ? 39  PRO A N   1 
ATOM   262 C  CA  . PRO A 1 39 ? -6.50926  -3.43707  -5.61586  1.000 57.95334  ? 39  PRO A CA  1 
ATOM   263 C  C   . PRO A 1 39 ? -5.69734  -4.34431  -6.52383  1.000 54.51020  ? 39  PRO A C   1 
ATOM   264 O  O   . PRO A 1 39 ? -4.88679  -5.13506  -6.02663  1.000 48.07117  ? 39  PRO A O   1 
ATOM   265 C  CB  . PRO A 1 39 ? -7.89448  -4.03042  -5.31247  1.000 58.96364  ? 39  PRO A CB  1 
ATOM   266 C  CG  . PRO A 1 39 ? -8.87321  -2.88698  -5.47976  1.000 80.17104  ? 39  PRO A CG  1 
ATOM   267 C  CD  . PRO A 1 39 ? -8.25918  -1.98742  -6.50289  1.000 74.46967  ? 39  PRO A CD  1 
ATOM   268 N  N   . GLU A 1 40 ? -5.88023  -4.24948  -7.84364  1.000 58.66454  ? 40  GLU A N   1 
ATOM   269 C  CA  . GLU A 1 40 ? -5.19695  -5.10184  -8.81575  1.000 51.04905  ? 40  GLU A CA  1 
ATOM   270 C  C   . GLU A 1 40 ? -4.42583  -4.21062  -9.78478  1.000 57.36443  ? 40  GLU A C   1 
ATOM   271 O  O   . GLU A 1 40 ? -4.88718  -3.94357  -10.90495 1.000 62.61922  ? 40  GLU A O   1 
ATOM   272 C  CB  . GLU A 1 40 ? -6.19401  -5.99820  -9.54773  1.000 56.25467  ? 40  GLU A CB  1 
ATOM   273 C  CG  . GLU A 1 40 ? -7.13314  -6.74767  -8.61126  1.000 88.02507  ? 40  GLU A CG  1 
ATOM   274 C  CD  . GLU A 1 40 ? -8.27112  -7.43951  -9.33878  1.000 76.56616  ? 40  GLU A CD  1 
ATOM   275 O  OE1 . GLU A 1 40 ? -8.00545  -8.15805  -10.32557 1.000 74.38491  ? 40  GLU A OE1 1 
ATOM   276 O  OE2 . GLU A 1 40 ? -9.43580  -7.25955  -8.92362  1.000 86.33880  ? 40  GLU A OE2 1 
ATOM   277 N  N   . PRO A 1 41 ? -3.24690  -3.73912  -9.39075  1.000 49.78426  ? 41  PRO A N   1 
ATOM   278 C  CA  . PRO A 1 41 ? -2.50936  -2.77075  -10.21062 1.000 39.79306  ? 41  PRO A CA  1 
ATOM   279 C  C   . PRO A 1 41 ? -1.81648  -3.45307  -11.37724 1.000 41.26286  ? 41  PRO A C   1 
ATOM   280 O  O   . PRO A 1 41 ? -1.71820  -4.68905  -11.41537 1.000 46.62153  ? 41  PRO A O   1 
ATOM   281 C  CB  . PRO A 1 41 ? -1.48966  -2.18114  -9.22068  1.000 38.56062  ? 41  PRO A CB  1 
ATOM   282 C  CG  . PRO A 1 41 ? -1.97118  -2.61430  -7.85389  1.000 50.23708  ? 41  PRO A CG  1 
ATOM   283 C  CD  . PRO A 1 41 ? -2.61245  -3.93250  -8.08043  1.000 54.16397  ? 41  PRO A CD  1 
ATOM   284 N  N   . PRO A 1 42 ? -1.32569  -2.68654  -12.35052 1.000 34.71578  ? 42  PRO A N   1 
ATOM   285 C  CA  . PRO A 1 42 ? -0.61292  -3.29886  -13.47771 1.000 37.78605  ? 42  PRO A CA  1 
ATOM   286 C  C   . PRO A 1 42 ? 0.71138   -3.90272  -13.03625 1.000 43.77914  ? 42  PRO A C   1 
ATOM   287 O  O   . PRO A 1 42 ? 1.22987   -3.61780  -11.95427 1.000 46.33929  ? 42  PRO A O   1 
ATOM   288 C  CB  . PRO A 1 42 ? -0.39219  -2.12679  -14.44321 1.000 46.12833  ? 42  PRO A CB  1 
ATOM   289 C  CG  . PRO A 1 42 ? -1.37632  -1.08029  -14.01924 1.000 44.23000  ? 42  PRO A CG  1 
ATOM   290 C  CD  . PRO A 1 42 ? -1.49815  -1.23579  -12.53749 1.000 31.38321  ? 42  PRO A CD  1 
ATOM   291 N  N   . GLU A 1 43 ? 1.26038   -4.75882  -13.90380 1.000 36.93298  ? 43  GLU A N   1 
ATOM   292 C  CA  . GLU A 1 43 ? 2.54917   -5.37554  -13.60801 1.000 39.89267  ? 43  GLU A CA  1 
ATOM   293 C  C   . GLU A 1 43 ? 3.67563   -4.35106  -13.59192 1.000 43.50486  ? 43  GLU A C   1 
ATOM   294 O  O   . GLU A 1 43 ? 4.67585   -4.54444  -12.89228 1.000 46.20594  ? 43  GLU A O   1 
ATOM   295 C  CB  . GLU A 1 43 ? 2.85264   -6.47967  -14.61934 1.000 41.47695  ? 43  GLU A CB  1 
ATOM   296 C  CG  . GLU A 1 43 ? 2.16499   -7.79935  -14.31702 1.000 47.82507  ? 43  GLU A CG  1 
ATOM   297 C  CD  . GLU A 1 43 ? 2.63272   -8.41119  -13.00961 1.000 56.56992  ? 43  GLU A CD  1 
ATOM   298 O  OE1 . GLU A 1 43 ? 3.80493   -8.19472  -12.63260 1.000 53.99422  ? 43  GLU A OE1 1 
ATOM   299 O  OE2 . GLU A 1 43 ? 1.82601   -9.10507  -12.35565 1.000 65.77983  ? 43  GLU A OE2 1 
ATOM   300 N  N   . GLU A 1 44 ? 3.53456   -3.26038  -14.34802 1.000 40.02664  ? 44  GLU A N   1 
ATOM   301 C  CA  . GLU A 1 44 ? 4.55526   -2.21993  -14.35573 1.000 38.04394  ? 44  GLU A CA  1 
ATOM   302 C  C   . GLU A 1 44 ? 4.62012   -1.46364  -13.03658 1.000 42.62253  ? 44  GLU A C   1 
ATOM   303 O  O   . GLU A 1 44 ? 5.62720   -0.80122  -12.76635 1.000 53.82767  ? 44  GLU A O   1 
ATOM   304 C  CB  . GLU A 1 44 ? 4.30196   -1.23493  -15.50014 1.000 52.99492  ? 44  GLU A CB  1 
ATOM   305 C  CG  . GLU A 1 44 ? 4.42270   -1.83211  -16.89800 1.000 64.67598  ? 44  GLU A CG  1 
ATOM   306 C  CD  . GLU A 1 44 ? 3.16186   -2.54874  -17.34995 1.000 71.20860  ? 44  GLU A CD  1 
ATOM   307 O  OE1 . GLU A 1 44 ? 2.12438   -2.42603  -16.66422 1.000 58.98033  ? 44  GLU A OE1 1 
ATOM   308 O  OE2 . GLU A 1 44 ? 3.20904   -3.23458  -18.39401 1.000 65.22311  ? 44  GLU A OE2 1 
ATOM   309 N  N   . ALA A 1 45 ? 3.57608   -1.54681  -12.21551 1.000 43.50360  ? 45  ALA A N   1 
ATOM   310 C  CA  . ALA A 1 45 ? 3.50977   -0.83661  -10.94628 1.000 27.18369  ? 45  ALA A CA  1 
ATOM   311 C  C   . ALA A 1 45 ? 4.03267   -1.65453  -9.77662  1.000 37.09861  ? 45  ALA A C   1 
ATOM   312 O  O   . ALA A 1 45 ? 4.08123   -1.13810  -8.65586  1.000 36.87939  ? 45  ALA A O   1 
ATOM   313 C  CB  . ALA A 1 45 ? 2.06906   -0.41243  -10.65866 1.000 36.85841  ? 45  ALA A CB  1 
ATOM   314 N  N   . ARG A 1 46 ? 4.41991   -2.91153  -10.00906 1.000 27.21803  ? 46  ARG A N   1 
ATOM   315 C  CA  . ARG A 1 46 ? 4.84296   -3.77474  -8.91127  1.000 39.27204  ? 46  ARG A CA  1 
ATOM   316 C  C   . ARG A 1 46 ? 6.06475   -3.21990  -8.19219  1.000 31.28031  ? 46  ARG A C   1 
ATOM   317 O  O   . ARG A 1 46 ? 6.18507   -3.36851  -6.97094  1.000 34.24030  ? 46  ARG A O   1 
ATOM   318 C  CB  . ARG A 1 46 ? 5.12770   -5.18155  -9.43821  1.000 36.66757  ? 46  ARG A CB  1 
ATOM   319 C  CG  . ARG A 1 46 ? 5.53686   -6.17793  -8.37249  1.000 33.42677  ? 46  ARG A CG  1 
ATOM   320 C  CD  . ARG A 1 46 ? 6.00303   -7.47735  -8.99869  1.000 32.03207  ? 46  ARG A CD  1 
ATOM   321 N  NE  . ARG A 1 46 ? 4.91777   -8.18613  -9.66522  1.000 38.35434  ? 46  ARG A NE  1 
ATOM   322 C  CZ  . ARG A 1 46 ? 4.18927   -9.13676  -9.09656  1.000 42.28030  ? 46  ARG A CZ  1 
ATOM   323 N  NH1 . ARG A 1 46 ? 4.40728   -9.52043  -7.84911  1.000 36.47905  ? 46  ARG A NH1 1 
ATOM   324 N  NH2 . ARG A 1 46 ? 3.21896   -9.71772  -9.79680  1.000 36.23608  ? 46  ARG A NH2 1 
ATOM   325 N  N   . GLY A 1 47 ? 6.97424   -2.57548  -8.92452  1.000 35.80533  ? 47  GLY A N   1 
ATOM   326 C  CA  . GLY A 1 47 ? 8.18040   -2.05833  -8.29733  1.000 24.84814  ? 47  GLY A CA  1 
ATOM   327 C  C   . GLY A 1 47 ? 7.89395   -0.95580  -7.29484  1.000 22.27951  ? 47  GLY A C   1 
ATOM   328 O  O   . GLY A 1 47 ? 8.35582   -1.00367  -6.15104  1.000 37.47237  ? 47  GLY A O   1 
ATOM   329 N  N   . VAL A 1 48 ? 7.11930   0.05042   -7.70574  1.000 25.34886  ? 48  VAL A N   1 
ATOM   330 C  CA  . VAL A 1 48 ? 6.84112   1.17229   -6.81937  1.000 29.38917  ? 48  VAL A CA  1 
ATOM   331 C  C   . VAL A 1 48 ? 5.93906   0.76490   -5.66104  1.000 24.43022  ? 48  VAL A C   1 
ATOM   332 O  O   . VAL A 1 48 ? 5.89703   1.45780   -4.63884  1.000 36.65144  ? 48  VAL A O   1 
ATOM   333 C  CB  . VAL A 1 48 ? 6.22840   2.34088   -7.61484  1.000 34.59388  ? 48  VAL A CB  1 
ATOM   334 C  CG1 . VAL A 1 48 ? 4.74395   2.11224   -7.86229  1.000 32.09089  ? 48  VAL A CG1 1 
ATOM   335 C  CG2 . VAL A 1 48 ? 6.47027   3.65948   -6.89886  1.000 41.11879  ? 48  VAL A CG2 1 
ATOM   336 N  N   . ILE A 1 49 ? 5.22565   -0.35417  -5.78448  1.000 29.76462  ? 49  ILE A N   1 
ATOM   337 C  CA  . ILE A 1 49 ? 4.36882   -0.81373  -4.69629  1.000 29.19997  ? 49  ILE A CA  1 
ATOM   338 C  C   . ILE A 1 49 ? 5.17964   -1.56876  -3.64992  1.000 29.16209  ? 49  ILE A C   1 
ATOM   339 O  O   . ILE A 1 49 ? 4.91074   -1.46473  -2.44778  1.000 31.45055  ? 49  ILE A O   1 
ATOM   340 C  CB  . ILE A 1 49 ? 3.21624   -1.66341  -5.26063  1.000 38.98285  ? 49  ILE A CB  1 
ATOM   341 C  CG1 . ILE A 1 49 ? 2.24057   -0.76710  -6.01992  1.000 37.92559  ? 49  ILE A CG1 1 
ATOM   342 C  CG2 . ILE A 1 49 ? 2.49484   -2.41752  -4.15567  1.000 45.32225  ? 49  ILE A CG2 1 
ATOM   343 C  CD1 . ILE A 1 49 ? 0.94546   -1.43398  -6.33323  1.000 35.10159  ? 49  ILE A CD1 1 
ATOM   344 N  N   . LYS A 1 50 ? 6.18793   -2.33187  -4.08235  1.000 33.54935  ? 50  LYS A N   1 
ATOM   345 C  CA  . LYS A 1 50 ? 7.09286   -2.96104  -3.12595  1.000 28.05296  ? 50  LYS A CA  1 
ATOM   346 C  C   . LYS A 1 50 ? 7.81185   -1.92264  -2.28079  1.000 24.85404  ? 50  LYS A C   1 
ATOM   347 O  O   . LYS A 1 50 ? 8.15592   -2.19420  -1.12484  1.000 42.91844  ? 50  LYS A O   1 
ATOM   348 C  CB  . LYS A 1 50 ? 8.10620   -3.84811  -3.85280  1.000 24.52024  ? 50  LYS A CB  1 
ATOM   349 C  CG  . LYS A 1 50 ? 7.57933   -5.22494  -4.21644  1.000 39.57573  ? 50  LYS A CG  1 
ATOM   350 C  CD  . LYS A 1 50 ? 7.28908   -6.04760  -2.97228  1.000 33.42221  ? 50  LYS A CD  1 
ATOM   351 N  N   . HIS A 1 51 ? 8.04884   -0.73189  -2.83780  1.000 25.40766  ? 51  HIS A N   1 
ATOM   352 C  CA  . HIS A 1 51 ? 8.59060   0.36218   -2.04010  1.000 21.74016  ? 51  HIS A CA  1 
ATOM   353 C  C   . HIS A 1 51 ? 7.67887   0.68214   -0.86515  1.000 18.78228  ? 51  HIS A C   1 
ATOM   354 O  O   . HIS A 1 51 ? 8.15153   0.92740   0.24965   1.000 36.82578  ? 51  HIS A O   1 
ATOM   355 C  CB  . HIS A 1 51 ? 8.78853   1.60390   -2.91070  1.000 22.33051  ? 51  HIS A CB  1 
ATOM   356 C  CG  . HIS A 1 51 ? 9.87960   1.46745   -3.92487  1.000 22.05696  ? 51  HIS A CG  1 
ATOM   357 N  ND1 . HIS A 1 51 ? 10.49108  2.55600   -4.50653  1.000 22.33519  ? 51  HIS A ND1 1 
ATOM   358 C  CD2 . HIS A 1 51 ? 10.46763  0.37317   -4.46303  1.000 19.23161  ? 51  HIS A CD2 1 
ATOM   359 C  CE1 . HIS A 1 51 ? 11.41123  2.13837   -5.35685  1.000 15.98797  ? 51  HIS A CE1 1 
ATOM   360 N  NE2 . HIS A 1 51 ? 11.41601  0.81790   -5.35033  1.000 12.03586  ? 51  HIS A NE2 1 
ATOM   361 N  N   . ALA A 1 52 ? 6.36422   0.67612   -1.09482  1.000 29.43130  ? 52  ALA A N   1 
ATOM   362 C  CA  . ALA A 1 52 ? 5.42297   0.94505   -0.01402  1.000 31.48584  ? 52  ALA A CA  1 
ATOM   363 C  C   . ALA A 1 52 ? 5.35299   -0.21601  0.96842   1.000 37.19028  ? 52  ALA A C   1 
ATOM   364 O  O   . ALA A 1 52 ? 5.17553   0.00165   2.17173   1.000 39.25655  ? 52  ALA A O   1 
ATOM   365 C  CB  . ALA A 1 52 ? 4.03828   1.24194   -0.58760  1.000 37.05641  ? 52  ALA A CB  1 
ATOM   366 N  N   . VAL A 1 53 ? 5.48665   -1.45064  0.48062   1.000 41.06097  ? 53  VAL A N   1 
ATOM   367 C  CA  . VAL A 1 53 ? 5.50635   -2.59887  1.38106   1.000 35.32472  ? 53  VAL A CA  1 
ATOM   368 C  C   . VAL A 1 53 ? 6.75228   -2.56456  2.25666   1.000 38.51624  ? 53  VAL A C   1 
ATOM   369 O  O   . VAL A 1 53 ? 6.69325   -2.85290  3.45785   1.000 49.75254  ? 53  VAL A O   1 
ATOM   370 C  CB  . VAL A 1 53 ? 5.40969   -3.90901  0.57820   1.000 40.55988  ? 53  VAL A CB  1 
ATOM   371 C  CG1 . VAL A 1 53 ? 5.43608   -5.10755  1.51081   1.000 41.18482  ? 53  VAL A CG1 1 
ATOM   372 C  CG2 . VAL A 1 53 ? 4.14576   -3.91878  -0.27097  1.000 31.45427  ? 53  VAL A CG2 1 
ATOM   373 N  N   . TRP A 1 54 ? 7.89617   -2.19970  1.67431   1.000 30.15268  ? 54  TRP A N   1 
ATOM   374 C  CA  . TRP A 1 54 ? 9.12800   -2.10412  2.45035   1.000 47.03887  ? 54  TRP A CA  1 
ATOM   375 C  C   . TRP A 1 54 ? 9.07687   -0.94582  3.44109   1.000 53.70857  ? 54  TRP A C   1 
ATOM   376 O  O   . TRP A 1 54 ? 9.57778   -1.06277  4.56523   1.000 53.18995  ? 54  TRP A O   1 
ATOM   377 C  CB  . TRP A 1 54 ? 10.32579  -1.95042  1.51114   1.000 24.57738  ? 54  TRP A CB  1 
ATOM   378 C  CG  . TRP A 1 54 ? 10.55368  -3.13162  0.61130   1.000 23.87591  ? 54  TRP A CG  1 
ATOM   379 C  CD1 . TRP A 1 54 ? 10.11285  -4.40655  0.80681   1.000 28.27696  ? 54  TRP A CD1 1 
ATOM   380 C  CD2 . TRP A 1 54 ? 11.27123  -3.14196  -0.63259  1.000 28.84895  ? 54  TRP A CD2 1 
ATOM   381 N  NE1 . TRP A 1 54 ? 10.51517  -5.21148  -0.23185  1.000 31.30311  ? 54  TRP A NE1 1 
ATOM   382 C  CE2 . TRP A 1 54 ? 11.22855  -4.45922  -1.12757  1.000 29.54148  ? 54  TRP A CE2 1 
ATOM   383 C  CE3 . TRP A 1 54 ? 11.94880  -2.16590  -1.37101  1.000 26.81309  ? 54  TRP A CE3 1 
ATOM   384 C  CZ2 . TRP A 1 54 ? 11.83396  -4.82628  -2.32898  1.000 37.11690  ? 54  TRP A CZ2 1 
ATOM   385 C  CZ3 . TRP A 1 54 ? 12.54983  -2.53229  -2.56347  1.000 27.63662  ? 54  TRP A CZ3 1 
ATOM   386 C  CH2 . TRP A 1 54 ? 12.48888  -3.85068  -3.02943  1.000 36.96965  ? 54  TRP A CH2 1 
ATOM   387 N  N   . ALA A 1 55 ? 8.47280   0.17511   3.04921   1.000 44.92316  ? 55  ALA A N   1 
ATOM   388 C  CA  . ALA A 1 55 ? 8.52679   1.39419   3.84799   1.000 41.88884  ? 55  ALA A CA  1 
ATOM   389 C  C   . ALA A 1 55 ? 7.45721   1.46193   4.92836   1.000 43.97660  ? 55  ALA A C   1 
ATOM   390 O  O   . ALA A 1 55 ? 7.41572   2.44741   5.66996   1.000 61.25841  ? 55  ALA A O   1 
ATOM   391 C  CB  . ALA A 1 55 ? 8.41495   2.62089   2.94128   1.000 44.78474  ? 55  ALA A CB  1 
ATOM   392 N  N   . CYS A 1 56 ? 6.60159   0.45821   5.03884   1.000 45.89582  ? 56  CYS A N   1 
ATOM   393 C  CA  . CYS A 1 56 ? 5.59402   0.44454   6.09210   1.000 42.20321  ? 56  CYS A CA  1 
ATOM   394 C  C   . CYS A 1 56 ? 6.22935   -0.03213  7.39176   1.000 55.72767  ? 56  CYS A C   1 
ATOM   395 O  O   . CYS A 1 56 ? 6.67958   -1.17892  7.45994   1.000 55.61330  ? 56  CYS A O   1 
ATOM   396 C  CB  . CYS A 1 56 ? 4.43097   -0.45751  5.71408   1.000 53.86526  ? 56  CYS A CB  1 
ATOM   397 S  SG  . CYS A 1 56 ? 3.07113   -0.41636  6.88903   1.000 56.25052  ? 56  CYS A SG  1 
ATOM   398 N  N   . PRO A 1 57 ? 6.29516   0.80249   8.43199   1.000 64.80221  ? 57  PRO A N   1 
ATOM   399 C  CA  . PRO A 1 57 ? 6.90888   0.34656   9.69083   1.000 64.79454  ? 57  PRO A CA  1 
ATOM   400 C  C   . PRO A 1 57 ? 6.14979   -0.78618  10.35304  1.000 65.12680  ? 57  PRO A C   1 
ATOM   401 O  O   . PRO A 1 57 ? 6.75761   -1.59519  11.06507  1.000 72.77632  ? 57  PRO A O   1 
ATOM   402 C  CB  . PRO A 1 57 ? 6.90486   1.61248   10.56169  1.000 67.61998  ? 57  PRO A CB  1 
ATOM   403 C  CG  . PRO A 1 57 ? 6.76146   2.74535   9.60022   1.000 53.81681  ? 57  PRO A CG  1 
ATOM   404 C  CD  . PRO A 1 57 ? 5.90270   2.21850   8.49542   1.000 58.70836  ? 57  PRO A CD  1 
ATOM   405 N  N   . THR A 1 58 ? 4.83888   -0.87144  10.14065  1.000 53.18394  ? 58  THR A N   1 
ATOM   406 C  CA  . THR A 1 58 ? 4.03289   -1.93060  10.72810  1.000 61.56252  ? 58  THR A CA  1 
ATOM   407 C  C   . THR A 1 58 ? 3.86937   -3.13105  9.80856   1.000 76.89608  ? 58  THR A C   1 
ATOM   408 O  O   . THR A 1 58 ? 3.29874   -4.14165  10.23586  1.000 90.02877  ? 58  THR A O   1 
ATOM   409 C  CB  . THR A 1 58 ? 2.64923   -1.39424  11.10533  1.000 67.52608  ? 58  THR A CB  1 
ATOM   410 O  OG1 . THR A 1 58 ? 1.89309   -1.13941  9.91544   1.000 70.64338  ? 58  THR A OG1 1 
ATOM   411 C  CG2 . THR A 1 58 ? 2.78291   -0.10332  11.89143  1.000 64.28140  ? 58  THR A CG2 1 
ATOM   412 N  N   . GLN A 1 59 ? 4.35403   -3.04174  8.56741   1.000 65.65657  ? 59  GLN A N   1 
ATOM   413 C  CA  . GLN A 1 59 ? 4.21385   -4.11481  7.58281   1.000 63.14022  ? 59  GLN A CA  1 
ATOM   414 C  C   . GLN A 1 59 ? 2.74857   -4.48977  7.38114   1.000 63.16345  ? 59  GLN A C   1 
ATOM   415 O  O   . GLN A 1 59 ? 2.39364   -5.66465  7.28566   1.000 73.31474  ? 59  GLN A O   1 
ATOM   416 C  CB  . GLN A 1 59 ? 5.03922   -5.33986  7.97746   1.000 59.78780  ? 59  GLN A CB  1 
ATOM   417 C  CG  . GLN A 1 59 ? 6.53457   -5.08980  7.98621   1.000 64.37447  ? 59  GLN A CG  1 
ATOM   418 C  CD  . GLN A 1 59 ? 7.06152   -4.75273  6.60863   1.000 80.35523  ? 59  GLN A CD  1 
ATOM   419 O  OE1 . GLN A 1 59 ? 7.87791   -3.84653  6.44747   1.000 73.57596  ? 59  GLN A OE1 1 
ATOM   420 N  NE2 . GLN A 1 59 ? 6.59547   -5.48505  5.60280   1.000 53.61431  ? 59  GLN A NE2 1 
ATOM   421 N  N   . ALA A 1 60 ? 1.88400   -3.47896  7.32569   1.000 58.28402  ? 60  ALA A N   1 
ATOM   422 C  CA  . ALA A 1 60 ? 0.46156   -3.73464  7.13161   1.000 55.37386  ? 60  ALA A CA  1 
ATOM   423 C  C   . ALA A 1 60 ? 0.13500   -4.05535  5.68120   1.000 49.09500  ? 60  ALA A C   1 
ATOM   424 O  O   . ALA A 1 60 ? -0.89668  -4.67907  5.40469   1.000 56.88238  ? 60  ALA A O   1 
ATOM   425 C  CB  . ALA A 1 60 ? -0.36391  -2.53619  7.60471   1.000 55.51866  ? 60  ALA A CB  1 
ATOM   426 N  N   . LEU A 1 61 ? 0.99470   -3.64896  4.75489   1.000 49.23611  ? 61  LEU A N   1 
ATOM   427 C  CA  . LEU A 1 61 ? 0.77338   -3.88380  3.33871   1.000 40.51044  ? 61  LEU A CA  1 
ATOM   428 C  C   . LEU A 1 61 ? 1.47344   -5.16060  2.89380   1.000 43.56448  ? 61  LEU A C   1 
ATOM   429 O  O   . LEU A 1 61 ? 2.47353   -5.58181  3.48015   1.000 54.86420  ? 61  LEU A O   1 
ATOM   430 C  CB  . LEU A 1 61 ? 1.27427   -2.69920  2.51449   1.000 39.17581  ? 61  LEU A CB  1 
ATOM   431 C  CG  . LEU A 1 61 ? 0.65428   -1.35327  2.88575   1.000 47.65674  ? 61  LEU A CG  1 
ATOM   432 C  CD1 . LEU A 1 61 ? 1.26889   -0.24312  2.06011   1.000 44.15839  ? 61  LEU A CD1 1 
ATOM   433 C  CD2 . LEU A 1 61 ? -0.85420  -1.39266  2.70326   1.000 43.18491  ? 61  LEU A CD2 1 
ATOM   434 N  N   . SER A 1 62 ? 0.93477   -5.77458  1.84394   1.000 42.79356  ? 62  SER A N   1 
ATOM   435 C  CA  . SER A 1 62 ? 1.48784   -7.01437  1.32146   1.000 47.74849  ? 62  SER A CA  1 
ATOM   436 C  C   . SER A 1 62 ? 0.99351   -7.21157  -0.10228  1.000 47.10110  ? 62  SER A C   1 
ATOM   437 O  O   . SER A 1 62 ? -0.04999  -6.68345  -0.49662  1.000 48.97897  ? 62  SER A O   1 
ATOM   438 C  CB  . SER A 1 62 ? 1.10409   -8.20910  2.19820   1.000 50.83602  ? 62  SER A CB  1 
ATOM   439 O  OG  . SER A 1 62 ? -0.30271  -8.33287  2.30343   1.000 60.10283  ? 62  SER A OG  1 
ATOM   440 N  N   . ILE A 1 63 ? 1.76270   -7.98033  -0.86741  1.000 41.76702  ? 63  ILE A N   1 
ATOM   441 C  CA  . ILE A 1 63 ? 1.43825   -8.31275  -2.24916  1.000 38.80415  ? 63  ILE A CA  1 
ATOM   442 C  C   . ILE A 1 63 ? 1.14505   -9.80392  -2.31516  1.000 46.67307  ? 63  ILE A C   1 
ATOM   443 O  O   . ILE A 1 63 ? 1.98034   -10.62702 -1.92030  1.000 62.39729  ? 63  ILE A O   1 
ATOM   444 C  CB  . ILE A 1 63 ? 2.57625   -7.93279  -3.20724  1.000 40.19063  ? 63  ILE A CB  1 
ATOM   445 C  CG1 . ILE A 1 63 ? 2.71797   -6.41264  -3.29379  1.000 33.98865  ? 63  ILE A CG1 1 
ATOM   446 C  CG2 . ILE A 1 63 ? 2.33667   -8.53213  -4.58292  1.000 37.90249  ? 63  ILE A CG2 1 
ATOM   447 C  CD1 . ILE A 1 63 ? 3.77827   -5.95808  -4.27192  1.000 37.22036  ? 63  ILE A CD1 1 
ATOM   448 N  N   . ARG A 1 64 ? -0.03934  -10.15128 -2.81167  1.000 49.31712  ? 64  ARG A N   1 
ATOM   449 C  CA  . ARG A 1 64 ? -0.47198  -11.53728 -2.93703  1.000 39.17064  ? 64  ARG A CA  1 
ATOM   450 C  C   . ARG A 1 64 ? -0.66298  -11.85849 -4.41209  1.000 45.64489  ? 64  ARG A C   1 
ATOM   451 O  O   . ARG A 1 64 ? -1.42380  -11.17270 -5.10333  1.000 46.39001  ? 64  ARG A O   1 
ATOM   452 C  CB  . ARG A 1 64 ? -1.76680  -11.77643 -2.15579  1.000 51.79849  ? 64  ARG A CB  1 
ATOM   453 C  CG  . ARG A 1 64 ? -2.35098  -13.16668 -2.32030  1.000 51.19348  ? 64  ARG A CG  1 
ATOM   454 C  CD  . ARG A 1 64 ? -3.50634  -13.39503 -1.35909  1.000 64.50457  ? 64  ARG A CD  1 
ATOM   455 N  NE  . ARG A 1 64 ? -4.57064  -12.41369 -1.53295  1.000 79.72205  ? 64  ARG A NE  1 
ATOM   456 C  CZ  . ARG A 1 64 ? -5.63191  -12.58773 -2.30866  1.000 70.29429  ? 64  ARG A CZ  1 
ATOM   457 N  NH1 . ARG A 1 64 ? -5.80408  -13.69882 -3.00522  1.000 52.33150  ? 64  ARG A NH1 1 
ATOM   458 N  NH2 . ARG A 1 64 ? -6.54439  -11.62310 -2.38608  1.000 68.45661  ? 64  ARG A NH2 1 
ATOM   459 N  N   . GLU A 1 65 ? 0.02679   -12.89317 -4.89046  1.000 52.49395  ? 65  GLU A N   1 
ATOM   460 C  CA  . GLU A 1 65 ? -0.09546  -13.30568 -6.28133  1.000 64.34675  ? 65  GLU A CA  1 
ATOM   461 C  C   . GLU A 1 65 ? -1.39955  -14.06305 -6.50162  1.000 69.72153  ? 65  GLU A C   1 
ATOM   462 O  O   . GLU A 1 65 ? -1.78183  -14.92030 -5.69963  1.000 67.88150  ? 65  GLU A O   1 
ATOM   463 C  CB  . GLU A 1 65 ? 1.09372   -14.17664 -6.68524  1.000 73.00402  ? 65  GLU A CB  1 
ATOM   464 C  CG  . GLU A 1 65 ? 1.05374   -14.66399 -8.12894  1.000 85.59993  ? 65  GLU A CG  1 
ATOM   465 C  CD  . GLU A 1 65 ? 1.25411   -13.54391 -9.13396  1.000 91.35941  ? 65  GLU A CD  1 
ATOM   466 O  OE1 . GLU A 1 65 ? 1.87045   -12.51738 -8.77327  1.000 73.00966  ? 65  GLU A OE1 1 
ATOM   467 O  OE2 . GLU A 1 65 ? 0.79464   -13.69098 -10.28619 1.000 80.92764  ? 65  GLU A OE2 1 
ATOM   468 N  N   . THR A 1 66 ? -2.08129  -13.74043 -7.59709  1.000 54.91606  ? 66  THR A N   1 
ATOM   469 C  CA  . THR A 1 66 ? -3.35693  -14.37096 -7.92430  1.000 59.73301  ? 66  THR A CA  1 
ATOM   470 C  C   . THR A 1 66 ? -3.24802  -15.22233 -9.18707  1.000 76.74828  ? 66  THR A C   1 
ATOM   471 O  O   . THR A 1 66 ? -2.26788  -15.13425 -9.92785  1.000 77.57776  ? 66  THR A O   1 
ATOM   472 C  CB  . THR A 1 66 ? -4.46916  -13.32329 -8.11862  1.000 65.36029  ? 66  THR A CB  1 
ATOM   473 O  OG1 . THR A 1 66 ? -4.22160  -12.57648 -9.31573  1.000 78.17170  ? 66  THR A OG1 1 
ATOM   474 C  CG2 . THR A 1 66 ? -4.51442  -12.36990 -6.93463  1.000 66.87415  ? 66  THR A CG2 1 
HETATM 475 FE FE1 . F3S B 2 .  ? 1.90611   1.58361   6.87021   1.000 55.17822  ? 101 F3S A FE1 1 
HETATM 476 FE FE3 . F3S B 2 .  ? 0.76293   3.18809   5.11588   1.000 50.88213  ? 101 F3S A FE3 1 
HETATM 477 FE FE4 . F3S B 2 .  ? -0.50584  2.52394   7.25094   1.000 56.65750  ? 101 F3S A FE4 1 
HETATM 478 S  S1  . F3S B 2 .  ? 2.89089   3.32674   5.84182   1.000 47.92486  ? 101 F3S A S1  1 
HETATM 479 S  S2  . F3S B 2 .  ? 1.08267   2.33008   8.83623   1.000 59.73532  ? 101 F3S A S2  1 
HETATM 480 S  S3  . F3S B 2 .  ? 0.09448   1.09448   5.61923   1.000 54.88052  ? 101 F3S A S3  1 
HETATM 481 S  S4  . F3S B 2 .  ? -0.50421  4.59016   6.35024   1.000 58.73675  ? 101 F3S A S4  1 
HETATM 482 FE FE  . FE  C 3 .  ? 12.27199  -0.37804  -6.80659  0.330 21.97149  ? 102 FE  A FE  1 
HETATM 483 O  O   . HOH D 4 .  ? -5.67232  -3.61771  -13.37354 0.50  51.89391  ? 201 HOH A O   1 
HETATM 484 O  O   . HOH D 4 .  ? 9.07072   5.21919   -4.16349  1.000 32.11580  ? 202 HOH A O   1 
HETATM 485 O  O   . HOH D 4 .  ? 9.08095   9.37930   -2.63546  1.000 43.00445  ? 203 HOH A O   1 
HETATM 486 O  O   . HOH D 4 .  ? 7.11006   0.60262   -10.95268 1.000 25.83185  ? 204 HOH A O   1 
HETATM 487 O  O   . HOH D 4 .  ? 11.13652  0.09064   -8.76183  0.330 12.39394  ? 205 HOH A O   1 
# 
loop_
_atom_site_anisotrop.id 
_atom_site_anisotrop.type_symbol 
_atom_site_anisotrop.pdbx_label_atom_id 
_atom_site_anisotrop.pdbx_label_alt_id 
_atom_site_anisotrop.pdbx_label_comp_id 
_atom_site_anisotrop.pdbx_label_asym_id 
_atom_site_anisotrop.pdbx_label_seq_id 
_atom_site_anisotrop.pdbx_PDB_ins_code 
_atom_site_anisotrop.U[1][1] 
_atom_site_anisotrop.U[2][2] 
_atom_site_anisotrop.U[3][3] 
_atom_site_anisotrop.U[1][2] 
_atom_site_anisotrop.U[1][3] 
_atom_site_anisotrop.U[2][3] 
_atom_site_anisotrop.pdbx_auth_seq_id 
_atom_site_anisotrop.pdbx_auth_comp_id 
_atom_site_anisotrop.pdbx_auth_asym_id 
_atom_site_anisotrop.pdbx_auth_atom_id 
1   N  N   . GLY A 2  ? 0.94851 0.99437 1.16376 0.04163  -0.14854 -0.06569 2   GLY A N   
2   C  CA  . GLY A 2  ? 0.66563 0.75177 0.95296 0.02994  -0.14100 -0.07066 2   GLY A CA  
3   C  C   . GLY A 2  ? 0.62205 0.74180 0.89666 0.00835  -0.12036 -0.05924 2   GLY A C   
4   O  O   . GLY A 2  ? 0.70162 0.82524 0.95838 -0.00906 -0.12053 -0.05097 2   GLY A O   
5   N  N   . TYR A 3  ? 0.51792 0.65851 0.79793 0.00300  -0.10211 -0.06155 3   TYR A N   
6   C  CA  . TYR A 3  ? 0.51463 0.66995 0.81495 -0.02631 -0.08418 -0.07253 3   TYR A CA  
7   C  C   . TYR A 3  ? 0.41828 0.59585 0.81211 -0.03784 -0.03775 -0.09958 3   TYR A C   
8   O  O   . TYR A 3  ? 0.52831 0.71034 0.94650 -0.01354 -0.04208 -0.10300 3   TYR A O   
9   C  CB  . TYR A 3  ? 0.39305 0.52614 0.58026 -0.02493 -0.09788 -0.05363 3   TYR A CB  
10  C  CG  . TYR A 3  ? 0.35412 0.48483 0.51176 -0.00249 -0.09166 -0.04428 3   TYR A CG  
11  C  CD1 . TYR A 3  ? 0.30366 0.39976 0.43506 0.02327  -0.10075 -0.04130 3   TYR A CD1 
12  C  CD2 . TYR A 3  ? 0.35481 0.50517 0.54127 -0.01061 -0.07682 -0.06804 3   TYR A CD2 
13  C  CE1 . TYR A 3  ? 0.30611 0.38891 0.42185 0.03591  -0.09653 -0.04702 3   TYR A CE1 
14  C  CE2 . TYR A 3  ? 0.34012 0.48204 0.49789 0.01011  -0.07363 -0.05861 3   TYR A CE2 
15  C  CZ  . TYR A 3  ? 0.33319 0.43901 0.45421 0.03041  -0.08285 -0.04713 3   TYR A CZ  
16  O  OH  . TYR A 3  ? 0.48622 0.57828 0.58958 0.04262  -0.07887 -0.05396 3   TYR A OH  
17  N  N   . ARG A 4  ? 0.39164 0.55526 0.80042 -0.08373 0.02363  -0.11418 4   ARG A N   
18  C  CA  . ARG A 4  ? 0.36337 0.52009 0.81664 -0.09609 0.09155  -0.13143 4   ARG A CA  
19  C  C   . ARG A 4  ? 0.53456 0.64082 0.87381 -0.11965 0.13822  -0.12489 4   ARG A C   
20  O  O   . ARG A 4  ? 0.63283 0.67799 0.84382 -0.13863 0.14230  -0.10654 4   ARG A O   
21  C  CB  . ARG A 4  ? 0.49379 0.63071 1.00009 -0.11758 0.13767  -0.14302 4   ARG A CB  
22  N  N   . VAL A 5  ? 0.40537 0.52480 0.77019 -0.11177 0.16733  -0.13665 5   VAL A N   
23  C  CA  . VAL A 5  ? 0.47223 0.53577 0.71800 -0.12771 0.21004  -0.13043 5   VAL A CA  
24  C  C   . VAL A 5  ? 0.51015 0.51467 0.73782 -0.15203 0.27484  -0.13952 5   VAL A C   
25  O  O   . VAL A 5  ? 0.49928 0.51848 0.81766 -0.14435 0.29503  -0.15743 5   VAL A O   
26  C  CB  . VAL A 5  ? 0.57633 0.67130 0.84028 -0.09938 0.19744  -0.13605 5   VAL A CB  
27  C  CG2 . VAL A 5  ? 0.57506 0.60968 0.69448 -0.11023 0.21874  -0.12495 5   VAL A CG2 
28  N  N   . GLU A 6  ? 0.71730 0.64780 0.81917 -0.17680 0.29766  -0.12728 6   GLU A N   
29  C  CA  . GLU A 6  ? 0.71022 0.57859 0.78339 -0.19585 0.34996  -0.13680 6   GLU A CA  
30  C  C   . GLU A 6  ? 0.76430 0.57420 0.73951 -0.19886 0.36598  -0.13540 6   GLU A C   
31  O  O   . GLU A 6  ? 0.87115 0.66517 0.75705 -0.19192 0.33130  -0.11922 6   GLU A O   
32  C  CB  . GLU A 6  ? 0.83200 0.65261 0.83713 -0.21634 0.35541  -0.12590 6   GLU A CB  
33  C  CG  . GLU A 6  ? 1.12063 0.99346 1.21023 -0.21556 0.32554  -0.12162 6   GLU A CG  
34  C  CD  . GLU A 6  ? 1.05086 0.95854 1.27974 -0.21442 0.35060  -0.14304 6   GLU A CD  
35  O  OE1 . GLU A 6  ? 0.94661 0.80553 1.15803 -0.23101 0.40139  -0.15293 6   GLU A OE1 
36  O  OE2 . GLU A 6  ? 1.04247 1.02231 1.39468 -0.19397 0.31475  -0.15139 6   GLU A OE2 
37  N  N   . ALA A 7  ? 0.83277 0.61081 0.83216 -0.20853 0.41392  -0.15246 7   ALA A N   
38  C  CA  . ALA A 7  ? 0.79859 0.52156 0.72274 -0.21378 0.43034  -0.15315 7   ALA A CA  
39  C  C   . ALA A 7  ? 0.97433 0.62150 0.85143 -0.23696 0.48028  -0.16305 7   ALA A C   
40  O  O   . ALA A 7  ? 1.04551 0.69564 1.00238 -0.24425 0.52419  -0.18221 7   ALA A O   
41  C  CB  . ALA A 7  ? 0.98440 0.74474 0.98972 -0.20063 0.43919  -0.16560 7   ALA A CB  
42  N  N   . ASP A 8  ? 1.19168 0.77072 0.94524 -0.24689 0.47094  -0.15084 8   ASP A N   
43  C  CA  . ASP A 8  ? 1.15769 0.65391 0.85069 -0.26818 0.51698  -0.16003 8   ASP A CA  
44  C  C   . ASP A 8  ? 1.21926 0.68703 0.91454 -0.27192 0.54945  -0.17240 8   ASP A C   
45  O  O   . ASP A 8  ? 1.22340 0.65734 0.84377 -0.27106 0.53091  -0.16304 8   ASP A O   
46  C  CB  . ASP A 8  ? 1.20988 0.64509 0.77883 -0.27458 0.48780  -0.14272 8   ASP A CB  
47  N  N   . ARG A 9  ? 1.28504 0.76841 1.07544 -0.27569 0.59705  -0.19383 9   ARG A N   
48  C  CA  . ARG A 9  ? 1.18816 0.65780 1.00174 -0.27670 0.62535  -0.20618 9   ARG A CA  
49  C  C   . ARG A 9  ? 1.52343 0.89571 1.23480 -0.29621 0.66030  -0.20964 9   ARG A C   
50  O  O   . ARG A 9  ? 1.57882 0.92946 1.27326 -0.29724 0.67089  -0.21288 9   ARG A O   
51  C  CB  . ARG A 9  ? 1.38361 0.89321 1.33303 -0.27502 0.66403  -0.22896 9   ARG A CB  
52  C  CG  . ARG A 9  ? 1.30675 0.87839 1.33951 -0.25673 0.64527  -0.23213 9   ARG A CG  
53  C  CD  . ARG A 9  ? 1.30143 0.93462 1.48557 -0.24771 0.65722  -0.25018 9   ARG A CD  
54  N  NE  . ARG A 9  ? 1.31538 1.02833 1.55840 -0.22623 0.60233  -0.23977 9   ARG A NE  
55  C  CZ  . ARG A 9  ? 1.07153 0.83042 1.32408 -0.20670 0.55908  -0.22905 9   ARG A CZ  
56  N  NH1 . ARG A 9  ? 1.08814 0.82743 1.30221 -0.20551 0.56270  -0.22673 9   ARG A NH1 
57  N  NH2 . ARG A 9  ? 0.97821 0.80266 1.27854 -0.18761 0.51078  -0.22031 9   ARG A NH2 
58  N  N   . ASP A 10 ? 1.44334 0.75387 1.08548 -0.31177 0.67873  -0.20904 10  ASP A N   
59  C  CA  . ASP A 10 ? 1.61756 0.82905 1.14988 -0.32912 0.70505  -0.21014 10  ASP A CA  
60  C  C   . ASP A 10 ? 1.50484 0.69708 0.94000 -0.32251 0.65072  -0.18855 10  ASP A C   
61  O  O   . ASP A 10 ? 1.60607 0.71534 0.95247 -0.33578 0.66823  -0.18987 10  ASP A O   
62  C  CB  . ASP A 10 ? 1.60880 0.75655 1.09272 -0.34649 0.73884  -0.21533 10  ASP A CB  
63  N  N   . LEU A 11 ? 1.64082 0.90077 1.09239 -0.30362 0.58870  -0.17090 11  LEU A N   
64  C  CA  . LEU A 11 ? 1.55848 0.80093 0.93269 -0.29760 0.53840  -0.15339 11  LEU A CA  
65  C  C   . LEU A 11 ? 1.31338 0.60630 0.72711 -0.28311 0.51452  -0.15011 11  LEU A C   
66  O  O   . LEU A 11 ? 1.45666 0.72249 0.80863 -0.28197 0.48512  -0.13995 11  LEU A O   
67  C  CB  . LEU A 11 ? 1.75505 1.02524 1.10803 -0.28754 0.48379  -0.13507 11  LEU A CB  
68  N  N   . CYS A 12 ? 1.31836 0.68235 0.83545 -0.27167 0.52581  -0.15846 12  CYS A N   
69  C  CA  . CYS A 12 ? 1.40502 0.81899 0.96268 -0.25639 0.50311  -0.15545 12  CYS A CA  
70  C  C   . CYS A 12 ? 1.37589 0.72847 0.89419 -0.26946 0.53700  -0.16531 12  CYS A C   
71  O  O   . CYS A 12 ? 1.34737 0.67584 0.89858 -0.28029 0.58963  -0.18297 12  CYS A O   
72  C  CB  . CYS A 12 ? 1.21423 0.71229 0.89300 -0.24125 0.50742  -0.16318 12  CYS A CB  
73  S  SG  . CYS A 12 ? 1.17093 0.72885 0.90450 -0.22111 0.48373  -0.16101 12  CYS A SG  
74  N  N   . GLN A 13 ? 1.49790 0.82521 0.95038 -0.26842 0.50756  -0.15428 13  GLN A N   
75  C  CA  . GLN A 13 ? 1.39324 0.66323 0.80324 -0.28008 0.53444  -0.16136 13  GLN A CA  
76  C  C   . GLN A 13 ? 1.50036 0.82712 0.97363 -0.26593 0.52571  -0.16297 13  GLN A C   
77  O  O   . GLN A 13 ? 1.47627 0.76248 0.91982 -0.27412 0.54534  -0.16815 13  GLN A O   
78  C  CB  . GLN A 13 ? 1.44764 0.65033 0.74865 -0.28831 0.50966  -0.14916 13  GLN A CB  
79  C  CG  . GLN A 13 ? 1.49188 0.62759 0.71913 -0.30221 0.51592  -0.14673 13  GLN A CG  
80  C  CD  . GLN A 13 ? 1.75235 0.81625 0.95726 -0.32307 0.58205  -0.16462 13  GLN A CD  
81  O  OE1 . GLN A 13 ? 1.94755 0.92883 1.08154 -0.33876 0.61104  -0.17014 13  GLN A OE1 
82  N  NE2 . GLN A 13 ? 2.12254 1.21603 1.38931 -0.32322 0.60776  -0.17407 13  GLN A NE2 
83  N  N   . GLY A 14 ? 1.17858 0.59419 0.73445 -0.24487 0.49697  -0.15851 14  GLY A N   
84  C  CA  . GLY A 14 ? 1.24711 0.71500 0.86541 -0.23033 0.49003  -0.16074 14  GLY A CA  
85  C  C   . GLY A 14 ? 1.23617 0.72022 0.82127 -0.21875 0.44536  -0.14639 14  GLY A C   
86  O  O   . GLY A 14 ? 1.37619 0.86891 0.97923 -0.21460 0.45050  -0.14985 14  GLY A O   
87  N  N   . HIS A 15 ? 1.21171 0.69967 0.75292 -0.21326 0.40214  -0.13081 15  HIS A N   
88  C  CA  . HIS A 15 ? 1.19551 0.70098 0.71468 -0.20137 0.35976  -0.11789 15  HIS A CA  
89  C  C   . HIS A 15 ? 0.98358 0.57248 0.57883 -0.17665 0.33353  -0.11425 15  HIS A C   
90  O  O   . HIS A 15 ? 1.11670 0.72040 0.70746 -0.16699 0.31075  -0.10821 15  HIS A O   
91  C  CB  . HIS A 15 ? 1.37352 0.86166 0.83718 -0.20102 0.32109  -0.10311 15  HIS A CB  
92  C  CG  . HIS A 15 ? 1.32702 0.72470 0.70160 -0.22307 0.33865  -0.10424 15  HIS A CG  
93  N  ND1 . HIS A 15 ? 1.47279 0.82289 0.82055 -0.23935 0.37133  -0.11179 15  HIS A ND1 
94  C  CD2 . HIS A 15 ? 1.45215 0.79504 0.75647 -0.23084 0.32845  -0.09903 15  HIS A CD2 
95  C  CE1 . HIS A 15 ? 1.69822 0.96435 0.95767 -0.25602 0.38020  -0.11074 15  HIS A CE1 
96  N  NE2 . HIS A 15 ? 1.71736 0.97804 0.94924 -0.25100 0.35353  -0.10281 15  HIS A NE2 
97  N  N   . ALA A 16 ? 0.93954 0.58048 0.60337 -0.16587 0.33635  -0.11805 16  ALA A N   
98  C  CA  . ALA A 16 ? 0.83935 0.55498 0.57590 -0.14142 0.31425  -0.11600 16  ALA A CA  
99  C  C   . ALA A 16 ? 0.88182 0.63389 0.60622 -0.12245 0.26143  -0.09955 16  ALA A C   
100 O  O   . ALA A 16 ? 0.86708 0.67011 0.63500 -0.10143 0.24062  -0.09672 16  ALA A O   
101 C  CB  . ALA A 16 ? 0.96850 0.68748 0.73689 -0.13926 0.33520  -0.12532 16  ALA A CB  
102 N  N   . MET A 17 ? 0.82792 0.55192 0.49611 -0.12876 0.23959  -0.08905 17  MET A N   
103 C  CA  . MET A 17 ? 0.67476 0.43382 0.34340 -0.11031 0.19142  -0.07438 17  MET A CA  
104 C  C   . MET A 17 ? 0.61654 0.43594 0.33795 -0.09098 0.17212  -0.07109 17  MET A C   
105 O  O   . MET A 17 ? 0.70537 0.56677 0.44851 -0.06932 0.13737  -0.06233 17  MET A O   
106 C  CB  . MET A 17 ? 0.84556 0.55834 0.45187 -0.12158 0.17410  -0.06503 17  MET A CB  
107 C  CG  . MET A 17 ? 1.15639 0.79993 0.70057 -0.14174 0.19439  -0.06909 17  MET A CG  
108 S  SD  . MET A 17 ? 1.45522 1.10872 1.00748 -0.13421 0.19087  -0.07046 17  MET A SD  
109 C  CE  . MET A 17 ? 1.54236 1.10440 1.01140 -0.16094 0.21846  -0.07599 17  MET A CE  
110 N  N   . CYS A 18 ? 0.75686 0.57921 0.50099 -0.09803 0.19594  -0.07896 18  CYS A N   
111 C  CA  . CYS A 18 ? 0.54346 0.42192 0.33978 -0.07975 0.17993  -0.07768 18  CYS A CA  
112 C  C   . CYS A 18 ? 0.59428 0.52405 0.45272 -0.05693 0.17430  -0.08267 18  CYS A C   
113 O  O   . CYS A 18 ? 0.53843 0.51221 0.42393 -0.03278 0.14338  -0.07722 18  CYS A O   
114 C  CB  . CYS A 18 ? 0.56861 0.43761 0.38567 -0.09420 0.21228  -0.08719 18  CYS A CB  
115 S  SG  . CYS A 18 ? 0.73215 0.56604 0.57521 -0.11459 0.27214  -0.10677 18  CYS A SG  
116 N  N   . GLU A 19 ? 0.69534 0.61400 0.57464 -0.06328 0.20328  -0.09325 19  GLU A N   
117 C  CA  . GLU A 19 ? 0.59532 0.55587 0.53300 -0.04230 0.19680  -0.09767 19  GLU A CA  
118 C  C   . GLU A 19 ? 0.58470 0.55812 0.49694 -0.02443 0.16168  -0.08636 19  GLU A C   
119 O  O   . GLU A 19 ? 0.62840 0.63919 0.57600 0.00026  0.14028  -0.08426 19  GLU A O   
120 C  CB  . GLU A 19 ? 0.59128 0.53188 0.55920 -0.05533 0.23764  -0.11189 19  GLU A CB  
121 C  CG  . GLU A 19 ? 0.68277 0.66288 0.71995 -0.03562 0.23276  -0.11774 19  GLU A CG  
122 C  CD  . GLU A 19 ? 0.83313 0.79202 0.90623 -0.04941 0.27438  -0.13256 19  GLU A CD  
123 O  OE1 . GLU A 19 ? 0.78648 0.69500 0.81801 -0.07313 0.30654  -0.13730 19  GLU A OE1 
124 O  OE2 . GLU A 19 ? 0.81354 0.80189 0.95492 -0.03627 0.27408  -0.13968 19  GLU A OE2 
125 N  N   . LEU A 20 ? 0.61763 0.55623 0.47180 -0.03616 0.15508  -0.07902 20  LEU A N   
126 C  CA  . LEU A 20 ? 0.63777 0.58960 0.47925 -0.02053 0.12350  -0.06917 20  LEU A CA  
127 C  C   . LEU A 20 ? 0.50605 0.48800 0.35152 -0.00058 0.08456  -0.05781 20  LEU A C   
128 O  O   . LEU A 20 ? 0.68138 0.68863 0.54190 0.02059  0.05920  -0.05183 20  LEU A O   
129 C  CB  . LEU A 20 ? 0.68079 0.58627 0.47125 -0.03897 0.12829  -0.06617 20  LEU A CB  
130 N  N   . GLU A 21 ? 0.55820 0.53427 0.39267 -0.00733 0.08075  -0.05483 21  GLU A N   
131 C  CA  . GLU A 21 ? 0.58427 0.58364 0.42570 0.01084  0.04591  -0.04446 21  GLU A CA  
132 C  C   . GLU A 21 ? 0.55780 0.54293 0.42447 0.01522  0.04460  -0.04190 21  GLU A C   
133 O  O   . GLU A 21 ? 0.40640 0.43867 0.31745 0.02534  0.01184  -0.03587 21  GLU A O   
134 C  CB  . GLU A 21 ? 0.43362 0.40593 0.24562 -0.00831 0.04431  -0.03904 21  GLU A CB  
135 C  CG  . GLU A 21 ? 0.50549 0.42998 0.27398 -0.02789 0.04804  -0.03484 21  GLU A CG  
136 C  CD  . GLU A 21 ? 0.71664 0.64974 0.49502 -0.01677 0.02202  -0.02617 21  GLU A CD  
137 O  OE1 . GLU A 21 ? 0.62748 0.60125 0.44584 -0.00103 0.01093  -0.02599 21  GLU A OE1 
138 O  OE2 . GLU A 21 ? 0.97411 0.86999 0.72157 -0.02769 0.01626  -0.02109 21  GLU A OE2 
139 N  N   . ALA A 22 ? 0.55881 0.57193 0.45336 0.02409  0.06700  -0.05472 22  ALA A N   
140 C  CA  . ALA A 22 ? 0.63428 0.67863 0.59233 0.02954  0.06130  -0.06224 22  ALA A CA  
141 C  C   . ALA A 22 ? 0.65641 0.72495 0.67337 0.03619  0.08799  -0.07411 22  ALA A C   
142 O  O   . ALA A 22 ? 0.51717 0.59915 0.57599 0.02650  0.10874  -0.08550 22  ALA A O   
143 C  CB  . ALA A 22 ? 0.42583 0.47637 0.38528 0.02511  0.05429  -0.06364 22  ALA A CB  
144 N  N   . PRO A 23 ? 0.52379 0.59545 0.55420 0.04448  0.08704  -0.07402 23  PRO A N   
145 C  CA  . PRO A 23 ? 0.48819 0.57446 0.57333 0.04101  0.11175  -0.08901 23  PRO A CA  
146 C  C   . PRO A 23 ? 0.52351 0.63829 0.68813 0.04819  0.10336  -0.09703 23  PRO A C   
147 O  O   . PRO A 23 ? 0.61025 0.72871 0.82915 0.03748  0.12995  -0.11200 23  PRO A O   
148 C  CB  . PRO A 23 ? 0.62830 0.70880 0.69824 0.05115  0.10563  -0.08431 23  PRO A CB  
149 C  CG  . PRO A 23 ? 0.64977 0.72226 0.69298 0.05828  0.07189  -0.06919 23  PRO A CG  
150 C  CD  . PRO A 23 ? 0.55501 0.61791 0.56292 0.04706  0.06205  -0.06548 23  PRO A CD  
151 N  N   . GLU A 24 ? 0.41443 0.54162 0.58815 0.06082  0.06548  -0.08909 24  GLU A N   
152 C  CA  . GLU A 24 ? 0.33785 0.48467 0.57837 0.06559  0.04877  -0.09838 24  GLU A CA  
153 C  C   . GLU A 24 ? 0.64110 0.79655 0.92214 0.05394  0.06420  -0.10736 24  GLU A C   
154 O  O   . GLU A 24 ? 0.84942 1.01686 1.19988 0.05336  0.06196  -0.12009 24  GLU A O   
155 C  CB  . GLU A 24 ? 0.31445 0.45729 0.53101 0.07441  0.00264  -0.09284 24  GLU A CB  
156 N  N   . TYR A 25 ? 0.55070 0.69656 0.78964 0.04324  0.08028  -0.10207 25  TYR A N   
157 C  CA  . TYR A 25 ? 0.51697 0.66860 0.79562 0.02780  0.09602  -0.11386 25  TYR A CA  
158 C  C   . TYR A 25 ? 0.38680 0.51121 0.66130 -0.00213 0.15394  -0.12850 25  TYR A C   
159 O  O   . TYR A 25 ? 0.47811 0.59679 0.79523 -0.02053 0.17944  -0.14101 25  TYR A O   
160 C  CB  . TYR A 25 ? 0.37763 0.53291 0.62113 0.03054  0.06870  -0.10624 25  TYR A CB  
161 C  CG  . TYR A 25 ? 0.52199 0.67728 0.74706 0.04994  0.01473  -0.08832 25  TYR A CG  
162 C  CD1 . TYR A 25 ? 0.41693 0.57730 0.68685 0.05302  -0.00844 -0.09566 25  TYR A CD1 
163 C  CD2 . TYR A 25 ? 0.42750 0.56555 0.58892 0.05620  -0.00847 -0.08090 25  TYR A CD2 
164 C  CE1 . TYR A 25 ? 0.47891 0.61953 0.71865 0.06262  -0.04580 -0.09596 25  TYR A CE1 
165 C  CE2 . TYR A 25 ? 0.54313 0.66178 0.67203 0.06374  -0.04250 -0.08440 25  TYR A CE2 
166 C  CZ  . TYR A 25 ? 0.43802 0.55559 0.60488 0.06731  -0.05748 -0.09143 25  TYR A CZ  
167 O  OH  . TYR A 25 ? 0.60193 0.69169 0.73395 0.07507  -0.07856 -0.09854 25  TYR A OH  
168 N  N   . PHE A 26 ? 0.51567 0.61278 0.73092 -0.00887 0.17393  -0.12424 26  PHE A N   
169 C  CA  . PHE A 26 ? 0.43889 0.49098 0.62608 -0.03845 0.22370  -0.13231 26  PHE A CA  
170 C  C   . PHE A 26 ? 0.61229 0.65570 0.80396 -0.03577 0.23703  -0.13453 26  PHE A C   
171 O  O   . PHE A 26 ? 0.59513 0.64141 0.74597 -0.02197 0.21528  -0.12403 26  PHE A O   
172 C  CB  . PHE A 26 ? 0.62117 0.63093 0.70156 -0.05406 0.22610  -0.12029 26  PHE A CB  
173 C  CG  . PHE A 26 ? 0.43947 0.45623 0.49933 -0.05542 0.20789  -0.11533 26  PHE A CG  
174 C  CD1 . PHE A 26 ? 0.44998 0.48954 0.47630 -0.03323 0.16223  -0.10243 26  PHE A CD1 
175 C  CD2 . PHE A 26 ? 0.45277 0.44903 0.52459 -0.07852 0.23683  -0.12384 26  PHE A CD2 
176 C  CE1 . PHE A 26 ? 0.47502 0.51960 0.47841 -0.03510 0.14378  -0.09976 26  PHE A CE1 
177 C  CE2 . PHE A 26 ? 0.48800 0.49032 0.53825 -0.08172 0.22028  -0.11895 26  PHE A CE2 
178 C  CZ  . PHE A 26 ? 0.49329 0.52140 0.50786 -0.06067 0.17321  -0.10783 26  PHE A CZ  
179 N  N   . ARG A 27 ? 0.60492 0.63428 0.85008 -0.05057 0.27555  -0.15057 27  ARG A N   
180 C  CA  . ARG A 27 ? 0.66640 0.67988 0.91911 -0.05366 0.29761  -0.15677 27  ARG A CA  
181 C  C   . ARG A 27 ? 0.63246 0.58887 0.85258 -0.08308 0.34850  -0.16605 27  ARG A C   
182 O  O   . ARG A 27 ? 0.79351 0.73298 1.04029 -0.09917 0.37663  -0.17694 27  ARG A O   
183 C  CB  . ARG A 27 ? 0.66767 0.71439 1.02303 -0.04118 0.29507  -0.16955 27  ARG A CB  
184 N  N   . VAL A 28 ? 0.73430 0.65213 0.89750 -0.09246 0.36388  -0.16472 28  VAL A N   
185 C  CA  . VAL A 28 ? 0.76772 0.62016 0.88691 -0.11991 0.41067  -0.17347 28  VAL A CA  
186 C  C   . VAL A 28 ? 0.93818 0.77392 1.09384 -0.12526 0.44385  -0.18698 28  VAL A C   
187 O  O   . VAL A 28 ? 0.81837 0.64703 0.94169 -0.12079 0.43508  -0.18180 28  VAL A O   
188 C  CB  . VAL A 28 ? 0.95323 0.75903 0.96070 -0.13077 0.40075  -0.16071 28  VAL A CB  
189 C  CG1 . VAL A 28 ? 1.05879 0.78869 1.01515 -0.15817 0.44797  -0.17063 28  VAL A CG1 
190 C  CG2 . VAL A 28 ? 1.02283 0.84135 0.99460 -0.12674 0.36913  -0.14761 28  VAL A CG2 
191 N  N   . PRO A 29 ? 0.92710 0.75551 1.15226 -0.13485 0.48249  -0.20476 29  PRO A N   
192 C  CA  . PRO A 29 ? 0.91013 0.71394 1.16388 -0.14285 0.51930  -0.21835 29  PRO A CA  
193 C  C   . PRO A 29 ? 1.30154 1.03355 1.45908 -0.16358 0.54755  -0.21754 29  PRO A C   
194 O  O   . PRO A 29 ? 1.24044 0.92731 1.32631 -0.17907 0.55771  -0.21429 29  PRO A O   
195 C  CB  . PRO A 29 ? 0.87489 0.67738 1.21623 -0.15219 0.55727  -0.23823 29  PRO A CB  
196 C  CG  . PRO A 29 ? 0.77342 0.62007 1.15521 -0.14152 0.52810  -0.23433 29  PRO A CG  
197 C  CD  . PRO A 29 ? 0.91437 0.75878 1.20256 -0.13796 0.49339  -0.21404 29  PRO A CD  
198 N  N   . LYS A 30 ? 1.43875 1.15760 1.59422 -0.16370 0.55917  -0.22078 30  LYS A N   
199 C  CA  . LYS A 30 ? 1.25714 0.90752 1.32267 -0.18212 0.58230  -0.22020 30  LYS A CA  
200 C  C   . LYS A 30 ? 1.39296 0.97497 1.42971 -0.20795 0.63447  -0.23342 30  LYS A C   
201 O  O   . LYS A 30 ? 1.50612 1.02590 1.44680 -0.22403 0.64389  -0.22927 30  LYS A O   
202 C  CB  . LYS A 30 ? 1.42574 1.07466 1.51096 -0.17876 0.59330  -0.22484 30  LYS A CB  
203 N  N   . ARG A 31 ? 1.44216 1.03138 1.56134 -0.21217 0.66867  -0.25003 31  ARG A N   
204 C  CA  . ARG A 31 ? 1.56415 1.08762 1.66462 -0.23604 0.72335  -0.26479 31  ARG A CA  
205 C  C   . ARG A 31 ? 1.75725 1.29075 1.87195 -0.23803 0.72114  -0.26533 31  ARG A C   
206 O  O   . ARG A 31 ? 1.90112 1.38512 2.01383 -0.25629 0.76829  -0.27925 31  ARG A O   
207 C  CB  . ARG A 31 ? 1.58943 1.10353 1.77379 -0.24272 0.77233  -0.28609 31  ARG A CB  
208 N  N   . GLY A 32 ? 1.67684 1.27080 1.80518 -0.21984 0.66943  -0.25095 32  GLY A N   
209 C  CA  . GLY A 32 ? 1.56893 1.17866 1.71760 -0.22028 0.66462  -0.25092 32  GLY A CA  
210 C  C   . GLY A 32 ? 1.40212 1.01918 1.46976 -0.21439 0.61858  -0.22985 32  GLY A C   
211 O  O   . GLY A 32 ? 1.36796 0.99239 1.38205 -0.20568 0.58347  -0.21530 32  GLY A O   
212 N  N   . GLN A 33 ? 1.36715 0.98050 1.42978 -0.21985 0.62068  -0.22929 33  GLN A N   
213 C  CA  . GLN A 33 ? 1.05386 0.67535 1.05075 -0.21500 0.57877  -0.21089 33  GLN A CA  
214 C  C   . GLN A 33 ? 0.88170 0.58635 0.94655 -0.19066 0.53104  -0.20267 33  GLN A C   
215 O  O   . GLN A 33 ? 1.05842 0.81163 1.21437 -0.17671 0.52652  -0.21009 33  GLN A O   
216 C  CB  . GLN A 33 ? 1.36798 0.94268 1.33079 -0.23330 0.60585  -0.21618 33  GLN A CB  
217 C  CG  . GLN A 33 ? 1.52431 1.00739 1.38839 -0.25567 0.64181  -0.21900 33  GLN A CG  
218 C  CD  . GLN A 33 ? 1.57804 1.01061 1.40880 -0.27330 0.67223  -0.22539 33  GLN A CD  
219 O  OE1 . GLN A 33 ? 1.53348 0.99766 1.43902 -0.27205 0.68356  -0.23452 33  GLN A OE1 
220 N  NE2 . GLN A 33 ? 1.72959 1.08223 1.44892 -0.28929 0.68445  -0.22067 33  GLN A NE2 
221 N  N   . VAL A 34 ? 0.91979 0.63823 0.93853 -0.18504 0.49352  -0.18715 34  VAL A N   
222 C  CA  . VAL A 34 ? 0.74942 0.54045 0.81747 -0.16132 0.44607  -0.17783 34  VAL A CA  
223 C  C   . VAL A 34 ? 0.76551 0.60020 0.95161 -0.15591 0.45581  -0.19307 34  VAL A C   
224 O  O   . VAL A 34 ? 0.79915 0.60968 1.00945 -0.17153 0.48978  -0.20550 34  VAL A O   
225 C  CB  . VAL A 34 ? 0.75515 0.54432 0.74532 -0.15869 0.40746  -0.15884 34  VAL A CB  
226 C  CG1 . VAL A 34 ? 0.77194 0.52140 0.73397 -0.17819 0.43044  -0.16271 34  VAL A CG1 
227 C  CG2 . VAL A 34 ? 0.60644 0.46673 0.64322 -0.13341 0.36047  -0.15008 34  VAL A CG2 
228 N  N   . GLU A 35 ? 0.76482 0.66232 1.02658 -0.13239 0.42331  -0.19246 35  GLU A N   
229 C  CA  . GLU A 35 ? 0.59598 0.54153 0.97488 -0.12172 0.41503  -0.20480 35  GLU A CA  
230 C  C   . GLU A 35 ? 0.52379 0.52113 0.91099 -0.09998 0.35916  -0.19158 35  GLU A C   
231 O  O   . GLU A 35 ? 0.51251 0.53613 0.87489 -0.07986 0.32137  -0.17860 35  GLU A O   
232 C  CB  . GLU A 35 ? 0.74176 0.71066 1.20363 -0.11113 0.41891  -0.21633 35  GLU A CB  
233 C  CG  . GLU A 35 ? 0.84730 0.86301 1.42923 -0.09820 0.40025  -0.22874 35  GLU A CG  
234 C  CD  . GLU A 35 ? 0.78800 0.82080 1.44523 -0.08929 0.40348  -0.24018 35  GLU A CD  
235 O  OE1 . GLU A 35 ? 0.69346 0.70552 1.31128 -0.09227 0.42093  -0.23773 35  GLU A OE1 
236 O  OE2 . GLU A 35 ? 0.83773 0.90291 1.59196 -0.07942 0.38670  -0.25175 35  GLU A OE2 
237 N  N   . ILE A 36 ? 0.61016 0.61904 1.02942 -0.10361 0.35447  -0.19493 36  ILE A N   
238 C  CA  . ILE A 36 ? 0.53040 0.58498 0.96050 -0.08387 0.30157  -0.18381 36  ILE A CA  
239 C  C   . ILE A 36 ? 0.45939 0.56240 0.98835 -0.05920 0.26368  -0.18975 36  ILE A C   
240 O  O   . ILE A 36 ? 0.53721 0.64702 1.15159 -0.06287 0.27429  -0.20553 36  ILE A O   
241 C  CB  . ILE A 36 ? 0.56043 0.60624 0.98504 -0.09826 0.30924  -0.18430 36  ILE A CB  
242 C  CG1 . ILE A 36 ? 0.51328 0.49073 0.83100 -0.12752 0.35368  -0.18018 36  ILE A CG1 
243 C  CG2 . ILE A 36 ? 0.46997 0.55647 0.88472 -0.07939 0.25382  -0.17039 36  ILE A CG2 
244 C  CD1 . ILE A 36 ? 0.52979 0.48864 0.72864 -0.12792 0.32940  -0.15937 36  ILE A CD1 
245 N  N   . LEU A 37 ? 0.57199 0.70150 1.07984 -0.03403 0.21802  -0.17641 37  LEU A N   
246 C  CA  . LEU A 37 ? 0.60213 0.76147 1.17355 -0.01209 0.18128  -0.17859 37  LEU A CA  
247 C  C   . LEU A 37 ? 0.38388 0.56405 0.99032 -0.00054 0.13864  -0.17682 37  LEU A C   
248 O  O   . LEU A 37 ? 0.49851 0.69025 1.17517 0.00560  0.12524  -0.18752 37  LEU A O   
249 C  CB  . LEU A 37 ? 0.47331 0.64113 0.99190 0.00940  0.15073  -0.16256 37  LEU A CB  
250 C  CG  . LEU A 37 ? 0.38027 0.52613 0.85769 0.00052  0.18620  -0.16251 37  LEU A CG  
251 C  CD1 . LEU A 37 ? 0.44983 0.60435 0.91120 0.02023  0.15895  -0.15595 37  LEU A CD1 
252 C  CD2 . LEU A 37 ? 0.48373 0.61137 1.02041 -0.01964 0.23658  -0.18282 37  LEU A CD2 
253 N  N   . ASP A 38 ? 0.40664 0.58834 0.96221 0.00204  0.11622  -0.16396 38  ASP A N   
254 C  CA  . ASP A 38 ? 0.43982 0.63231 1.01465 0.01055  0.07741  -0.16052 38  ASP A CA  
255 C  C   . ASP A 38 ? 0.46220 0.64801 1.03315 -0.00860 0.10004  -0.16371 38  ASP A C   
256 O  O   . ASP A 38 ? 0.60405 0.78395 1.10647 -0.01355 0.10398  -0.15313 38  ASP A O   
257 C  CB  . ASP A 38 ? 0.40441 0.59579 0.91672 0.03261  0.02277  -0.14262 38  ASP A CB  
258 C  CG  . ASP A 38 ? 0.51021 0.69688 1.04593 0.03976  -0.01543 -0.14683 38  ASP A CG  
259 O  OD1 . ASP A 38 ? 0.53142 0.72391 1.11593 0.02994  -0.00445 -0.15451 38  ASP A OD1 
260 O  OD2 . ASP A 38 ? 0.52251 0.69407 1.02335 0.05361  -0.05285 -0.14397 38  ASP A OD2 
261 N  N   . PRO A 39 ? 0.39410 0.57886 1.03340 -0.02127 0.11758  -0.17832 39  PRO A N   
262 C  CA  . PRO A 39 ? 0.46692 0.64257 1.09248 -0.04136 0.13954  -0.17794 39  PRO A CA  
263 C  C   . PRO A 39 ? 0.43119 0.62065 1.01930 -0.02657 0.08310  -0.16045 39  PRO A C   
264 O  O   . PRO A 39 ? 0.36615 0.55092 0.90942 -0.04184 0.09131  -0.15249 39  PRO A O   
265 C  CB  . PRO A 39 ? 0.45281 0.62148 1.16606 -0.05597 0.17300  -0.19850 39  PRO A CB  
266 C  CG  . PRO A 39 ? 0.70052 0.87237 1.47325 -0.04782 0.17956  -0.21270 39  PRO A CG  
267 C  CD  . PRO A 39 ? 0.63631 0.82518 1.36801 -0.02106 0.12498  -0.19713 39  PRO A CD  
268 N  N   . GLU A 40 ? 0.48203 0.67781 1.06914 -0.00133 0.02938  -0.15224 40  GLU A N   
269 C  CA  . GLU A 40 ? 0.40741 0.59738 0.93484 0.01223  -0.01912 -0.13235 40  GLU A CA  
270 C  C   . GLU A 40 ? 0.51586 0.68844 0.97529 0.03242  -0.05267 -0.12110 40  GLU A C   
271 O  O   . GLU A 40 ? 0.58046 0.73839 1.06039 0.04417  -0.07858 -0.13187 40  GLU A O   
272 C  CB  . GLU A 40 ? 0.45549 0.64428 1.03764 0.01448  -0.03511 -0.14096 40  GLU A CB  
273 C  CG  . GLU A 40 ? 0.82423 1.02162 1.49870 -0.00791 0.00661  -0.16241 40  GLU A CG  
274 C  CD  . GLU A 40 ? 0.65566 0.85403 1.39947 -0.00354 -0.00862 -0.17510 40  GLU A CD  
275 O  OE1 . GLU A 40 ? 0.64242 0.83124 1.35263 0.00878  -0.04963 -0.16503 40  GLU A OE1 
276 O  OE2 . GLU A 40 ? 0.74762 0.95051 1.58235 -0.01316 0.02361  -0.19828 40  GLU A OE2 
277 N  N   . PRO A 41 ? 0.44570 0.61425 0.83163 0.03391  -0.05070 -0.10553 41  PRO A N   
278 C  CA  . PRO A 41 ? 0.34515 0.49081 0.67599 0.04825  -0.07193 -0.10230 41  PRO A CA  
279 C  C   . PRO A 41 ? 0.39408 0.50420 0.66952 0.05677  -0.10152 -0.09825 41  PRO A C   
280 O  O   . PRO A 41 ? 0.46614 0.57008 0.73519 0.05314  -0.10798 -0.09267 41  PRO A O   
281 C  CB  . PRO A 41 ? 0.34537 0.49683 0.62294 0.04418  -0.05378 -0.08901 41  PRO A CB  
282 C  CG  . PRO A 41 ? 0.46582 0.64453 0.79843 0.02568  -0.01633 -0.10086 41  PRO A CG  
283 C  CD  . PRO A 41 ? 0.50079 0.68267 0.87453 0.01831  -0.02336 -0.10488 41  PRO A CD  
284 N  N   . PRO A 42 ? 0.33258 0.41722 0.56924 0.06666  -0.11452 -0.10303 42  PRO A N   
285 C  CA  . PRO A 42 ? 0.40021 0.44725 0.58824 0.07310  -0.13058 -0.10437 42  PRO A CA  
286 C  C   . PRO A 42 ? 0.50273 0.53351 0.62716 0.07003  -0.11916 -0.08958 42  PRO A C   
287 O  O   . PRO A 42 ? 0.53749 0.58157 0.64162 0.06467  -0.10301 -0.07844 42  PRO A O   
288 C  CB  . PRO A 42 ? 0.51823 0.54844 0.68599 0.08251  -0.13828 -0.11588 42  PRO A CB  
289 C  CG  . PRO A 42 ? 0.46560 0.52561 0.68933 0.08190  -0.13483 -0.12162 42  PRO A CG  
290 C  CD  . PRO A 42 ? 0.28592 0.37579 0.53071 0.07178  -0.11228 -0.11046 42  PRO A CD  
291 N  N   . GLU A 43 ? 0.43466 0.43545 0.53317 0.07360  -0.12753 -0.09101 43  GLU A N   
292 C  CA  . GLU A 43 ? 0.49345 0.47689 0.54539 0.07130  -0.11544 -0.07940 43  GLU A CA  
293 C  C   . GLU A 43 ? 0.55544 0.52756 0.56998 0.07661  -0.09985 -0.08155 43  GLU A C   
294 O  O   . GLU A 43 ? 0.59748 0.56796 0.59018 0.07297  -0.08530 -0.07004 43  GLU A O   
295 C  CB  . GLU A 43 ? 0.52601 0.48057 0.56936 0.07416  -0.12684 -0.08337 43  GLU A CB  
296 C  CG  . GLU A 43 ? 0.59476 0.55789 0.66448 0.06691  -0.13660 -0.07575 43  GLU A CG  
297 C  CD  . GLU A 43 ? 0.70550 0.68367 0.76023 0.05577  -0.12404 -0.05637 43  GLU A CD  
298 O  OE1 . GLU A 43 ? 0.68810 0.65603 0.70740 0.05460  -0.11063 -0.04938 43  GLU A OE1 
299 O  OE2 . GLU A 43 ? 0.80501 0.80627 0.88806 0.04766  -0.12833 -0.04987 43  GLU A OE2 
300 N  N   . GLU A 44 ? 0.51070 0.48479 0.52534 0.08029  -0.10022 -0.08757 44  GLU A N   
301 C  CA  . GLU A 44 ? 0.49175 0.47054 0.48321 0.07613  -0.07990 -0.07583 44  GLU A CA  
302 C  C   . GLU A 44 ? 0.54494 0.54037 0.53415 0.07300  -0.06715 -0.07049 44  GLU A C   
303 O  O   . GLU A 44 ? 0.69042 0.68724 0.66754 0.06568  -0.04990 -0.05758 44  GLU A O   
304 C  CB  . GLU A 44 ? 0.68171 0.65781 0.67404 0.08067  -0.08590 -0.08282 44  GLU A CB  
305 C  CG  . GLU A 44 ? 0.83592 0.79607 0.82541 0.08407  -0.09599 -0.08655 44  GLU A CG  
306 C  CD  . GLU A 44 ? 0.91226 0.86483 0.92851 0.09168  -0.12289 -0.10280 44  GLU A CD  
307 O  OE1 . GLU A 44 ? 0.74377 0.70590 0.79130 0.09361  -0.13476 -0.11385 44  GLU A OE1 
308 O  OE2 . GLU A 44 ? 0.84195 0.78020 0.85602 0.09446  -0.13267 -0.10545 44  GLU A OE2 
309 N  N   . ALA A 45 ? 0.54474 0.55417 0.55403 0.07675  -0.07645 -0.08191 45  ALA A N   
310 C  CA  . ALA A 45 ? 0.33074 0.36223 0.33988 0.07320  -0.06423 -0.07742 45  ALA A CA  
311 C  C   . ALA A 45 ? 0.45698 0.49604 0.45655 0.06557  -0.05434 -0.06052 45  ALA A C   
312 O  O   . ALA A 45 ? 0.44906 0.50625 0.44594 0.06088  -0.04393 -0.05451 45  ALA A O   
313 C  CB  . ALA A 45 ? 0.42451 0.48758 0.48837 0.06747  -0.07290 -0.08084 45  ALA A CB  
314 N  N   . ARG A 46 ? 0.33820 0.36347 0.33250 0.06200  -0.05996 -0.05248 46  ARG A N   
315 C  CA  . ARG A 46 ? 0.49311 0.52320 0.47585 0.04812  -0.05800 -0.03430 46  ARG A CA  
316 C  C   . ARG A 46 ? 0.40203 0.42274 0.36374 0.04620  -0.04732 -0.02683 46  ARG A C   
317 O  O   . ARG A 46 ? 0.44567 0.46825 0.38705 0.02694  -0.04753 -0.01469 46  ARG A O   
318 C  CB  . ARG A 46 ? 0.46726 0.47982 0.44611 0.04467  -0.06722 -0.02966 46  ARG A CB  
319 C  CG  . ARG A 46 ? 0.43288 0.44578 0.39142 0.02624  -0.06831 -0.01316 46  ARG A CG  
320 C  CD  . ARG A 46 ? 0.42381 0.41453 0.37873 0.02729  -0.07541 -0.01223 46  ARG A CD  
321 N  NE  . ARG A 46 ? 0.49400 0.49184 0.47145 0.02936  -0.08687 -0.01644 46  ARG A NE  
322 C  CZ  . ARG A 46 ? 0.53651 0.55074 0.51921 0.01750  -0.09351 -0.00983 46  ARG A CZ  
323 N  NH1 . ARG A 46 ? 0.47102 0.49076 0.42426 0.00238  -0.08833 -0.00237 46  ARG A NH1 
324 N  NH2 . ARG A 46 ? 0.44668 0.46687 0.46325 0.02144  -0.10572 -0.01638 46  ARG A NH2 
325 N  N   . GLY A 47 ? 0.46513 0.46991 0.42539 0.06087  -0.04045 -0.03636 47  GLY A N   
326 C  CA  . GLY A 47 ? 0.33190 0.32851 0.28371 0.05978  -0.03490 -0.03050 47  GLY A CA  
327 C  C   . GLY A 47 ? 0.29353 0.30775 0.24525 0.05529  -0.03003 -0.02547 47  GLY A C   
328 O  O   . GLY A 47 ? 0.49700 0.50200 0.42478 0.03612  -0.03336 -0.01436 47  GLY A O   
329 N  N   . VAL A 48 ? 0.32157 0.35232 0.28925 0.06001  -0.02318 -0.03158 48  VAL A N   
330 C  CA  . VAL A 48 ? 0.36575 0.41445 0.33645 0.05993  -0.01930 -0.02958 48  VAL A CA  
331 C  C   . VAL A 48 ? 0.30994 0.36339 0.25491 0.03613  -0.02197 -0.02633 48  VAL A C   
332 O  O   . VAL A 48 ? 0.48640 0.51594 0.39025 0.01546  -0.00961 -0.02800 48  VAL A O   
333 C  CB  . VAL A 48 ? 0.42999 0.47772 0.40669 0.04755  -0.02223 -0.02676 48  VAL A CB  
334 C  CG1 . VAL A 48 ? 0.39086 0.44942 0.37901 0.05210  -0.01876 -0.04241 48  VAL A CG1 
335 C  CG2 . VAL A 48 ? 0.51099 0.56408 0.48725 0.04681  -0.01931 -0.02370 48  VAL A CG2 
336 N  N   . ILE A 49 ? 0.37738 0.43269 0.32085 0.02838  -0.02702 -0.02836 49  ILE A N   
337 C  CA  . ILE A 49 ? 0.39897 0.42170 0.28878 0.00145  -0.01018 -0.03793 49  ILE A CA  
338 C  C   . ILE A 49 ? 0.42410 0.41618 0.26775 0.00360  -0.00843 -0.02809 49  ILE A C   
339 O  O   . ILE A 49 ? 0.46602 0.44717 0.28180 -0.01948 0.02103  -0.03264 49  ILE A O   
340 C  CB  . ILE A 49 ? 0.48099 0.57436 0.42582 0.00666  -0.01772 -0.06752 49  ILE A CB  
341 C  CG1 . ILE A 49 ? 0.40765 0.56063 0.47272 0.03021  -0.01429 -0.08954 49  ILE A CG1 
342 C  CG2 . ILE A 49 ? 0.57748 0.63915 0.50541 -0.03096 0.03447  -0.07811 49  ILE A CG2 
343 C  CD1 . ILE A 49 ? 0.32519 0.50623 0.50229 0.02565  -0.00507 -0.10112 49  ILE A CD1 
344 N  N   . LYS A 50 ? 0.45970 0.48179 0.33324 0.00533  -0.02438 -0.01803 50  LYS A N   
345 C  CA  . LYS A 50 ? 0.41962 0.39729 0.24896 -0.01139 -0.02415 -0.00960 50  LYS A CA  
346 C  C   . LYS A 50 ? 0.39486 0.34830 0.20120 -0.01801 -0.01642 -0.00936 50  LYS A C   
347 O  O   . LYS A 50 ? 0.65509 0.55960 0.41602 -0.03758 -0.00907 -0.00726 50  LYS A O   
348 C  CB  . LYS A 50 ? 0.37008 0.34314 0.21843 -0.00629 -0.03912 -0.00218 50  LYS A CB  
349 C  CG  . LYS A 50 ? 0.56045 0.53181 0.41143 -0.00909 -0.04561 0.00005  50  LYS A CG  
350 C  CD  . LYS A 50 ? 0.51368 0.44159 0.31463 -0.03236 -0.03911 0.00287  50  LYS A CD  
351 N  N   . HIS A 51 ? 0.38162 0.36674 0.21702 -0.00459 -0.01773 -0.01236 51  HIS A N   
352 C  CA  . HIS A 51 ? 0.34981 0.31282 0.16341 -0.00970 -0.01010 -0.01351 51  HIS A CA  
353 C  C   . HIS A 51 ? 0.33713 0.26683 0.10968 -0.02920 0.01509  -0.02011 51  HIS A C   
354 O  O   . HIS A 51 ? 0.59433 0.47872 0.32616 -0.04597 0.02445  -0.01982 51  HIS A O   
355 C  CB  . HIS A 51 ? 0.33236 0.33186 0.18424 -0.00130 -0.01239 -0.01555 51  HIS A CB  
356 C  CG  . HIS A 51 ? 0.32476 0.31006 0.20324 0.01382  -0.02459 -0.00961 51  HIS A CG  
357 N  ND1 . HIS A 51 ? 0.31942 0.30686 0.22236 0.03383  -0.02383 -0.01231 51  HIS A ND1 
358 C  CD2 . HIS A 51 ? 0.28934 0.26474 0.17663 0.02088  -0.03170 -0.00787 51  HIS A CD2 
359 C  CE1 . HIS A 51 ? 0.23517 0.21523 0.15707 0.05069  -0.02592 -0.01584 51  HIS A CE1 
360 N  NE2 . HIS A 51 ? 0.19209 0.16199 0.10323 0.04187  -0.03121 -0.01318 51  HIS A NE2 
361 N  N   . ALA A 52 ? 0.46248 0.40910 0.24668 -0.02935 0.03203  -0.02881 52  ALA A N   
362 C  CA  . ALA A 52 ? 0.50805 0.42086 0.26740 -0.05292 0.07130  -0.03936 52  ALA A CA  
363 C  C   . ALA A 52 ? 0.61252 0.47430 0.32625 -0.07750 0.08359  -0.03752 52  ALA A C   
364 O  O   . ALA A 52 ? 0.66924 0.47949 0.34284 -0.09874 0.11091  -0.04321 52  ALA A O   
365 C  CB  . ALA A 52 ? 0.55166 0.49861 0.35770 -0.04615 0.09556  -0.05307 52  ALA A CB  
366 N  N   . VAL A 53 ? 0.65794 0.52784 0.37434 -0.07440 0.06424  -0.03037 53  VAL A N   
367 C  CA  . VAL A 53 ? 0.61862 0.43567 0.28787 -0.09640 0.07282  -0.02809 53  VAL A CA  
368 C  C   . VAL A 53 ? 0.69078 0.45832 0.31434 -0.10381 0.05942  -0.02136 53  VAL A C   
369 O  O   . VAL A 53 ? 0.87244 0.57784 0.44009 -0.12496 0.07847  -0.02480 53  VAL A O   
370 C  CB  . VAL A 53 ? 0.67203 0.51060 0.35846 -0.09020 0.05276  -0.02155 53  VAL A CB  
371 C  CG1 . VAL A 53 ? 0.71666 0.49677 0.35140 -0.11265 0.06155  -0.01965 53  VAL A CG1 
372 C  CG2 . VAL A 53 ? 0.52589 0.41229 0.25694 -0.08203 0.06776  -0.03096 53  VAL A CG2 
373 N  N   . TRP A 54 ? 0.56917 0.36001 0.21648 -0.08586 0.03010  -0.01357 54  TRP A N   
374 C  CA  . TRP A 54 ? 0.80952 0.55696 0.42078 -0.09087 0.01930  -0.00929 54  TRP A CA  
375 C  C   . TRP A 54 ? 0.91573 0.63167 0.49328 -0.10189 0.03965  -0.01570 54  TRP A C   
376 O  O   . TRP A 54 ? 0.94781 0.60409 0.46908 -0.11653 0.04379  -0.01561 54  TRP A O   
377 C  CB  . TRP A 54 ? 0.49969 0.28078 0.15336 -0.06898 -0.00799 -0.00293 54  TRP A CB  
378 C  CG  . TRP A 54 ? 0.47500 0.27468 0.15750 -0.05940 -0.02487 0.00214  54  TRP A CG  
379 C  CD1 . TRP A 54 ? 0.54448 0.32290 0.20702 -0.07053 -0.02503 0.00418  54  TRP A CD1 
380 C  CD2 . TRP A 54 ? 0.50845 0.34550 0.24217 -0.03810 -0.03980 0.00414  54  TRP A CD2 
381 N  NE1 . TRP A 54 ? 0.56242 0.36471 0.26224 -0.05706 -0.04140 0.00805  54  TRP A NE1 
382 C  CE2 . TRP A 54 ? 0.51501 0.35024 0.25720 -0.03755 -0.04834 0.00714  54  TRP A CE2 
383 C  CE3 . TRP A 54 ? 0.46147 0.32666 0.23065 -0.02118 -0.04311 0.00229  54  TRP A CE3 
384 C  CZ2 . TRP A 54 ? 0.59053 0.44687 0.37288 -0.02122 -0.05766 0.00703  54  TRP A CZ2 
385 C  CZ3 . TRP A 54 ? 0.45338 0.33645 0.26023 -0.00582 -0.05069 0.00186  54  TRP A CZ3 
386 C  CH2 . TRP A 54 ? 0.57214 0.44875 0.38379 -0.00610 -0.05691 0.00353  54  TRP A CH2 
387 N  N   . ALA A 55 ? 0.78220 0.53369 0.39098 -0.09467 0.05272  -0.02180 55  ALA A N   
388 C  CA  . ALA A 55 ? 0.75998 0.48644 0.34518 -0.10254 0.07055  -0.02787 55  ALA A CA  
389 C  C   . ALA A 55 ? 0.81592 0.49387 0.36113 -0.12578 0.11106  -0.03885 55  ALA A C   
390 O  O   . ALA A 55 ? 1.05152 0.70168 0.57434 -0.13425 0.13034  -0.04509 55  ALA A O   
391 C  CB  . ALA A 55 ? 0.76082 0.54282 0.39797 -0.08376 0.06747  -0.03036 55  ALA A CB  
392 N  N   . CYS A 56 ? 0.84731 0.51190 0.38463 -0.13641 0.12751  -0.04238 56  CYS A N   
393 C  CA  . CYS A 56 ? 0.82985 0.44166 0.33203 -0.15897 0.17274  -0.05477 56  CYS A CA  
394 C  C   . CYS A 56 ? 1.05546 0.58562 0.47632 -0.17690 0.17496  -0.05238 56  CYS A C   
395 O  O   . CYS A 56 ? 1.06966 0.57914 0.46425 -0.17923 0.15631  -0.04502 56  CYS A O   
396 C  CB  . CYS A 56 ? 0.96330 0.59081 0.49252 -0.16336 0.19398  -0.06103 56  CYS A CB  
397 S  SG  . CYS A 56 ? 1.02093 0.58867 0.52766 -0.18891 0.25901  -0.07964 56  CYS A SG  
398 N  N   . PRO A 57 ? 1.20167 0.68121 0.57931 -0.18912 0.19661  -0.05838 57  PRO A N   
399 C  CA  . PRO A 57 ? 1.25798 0.65340 0.55051 -0.20503 0.19770  -0.05594 57  PRO A CA  
400 C  C   . PRO A 57 ? 1.29598 0.63461 0.54394 -0.22315 0.22550  -0.06161 57  PRO A C   
401 O  O   . PRO A 57 ? 1.43460 0.71297 0.61759 -0.23134 0.21412  -0.05608 57  PRO A O   
402 C  CB  . PRO A 57 ? 1.31622 0.67457 0.57845 -0.21377 0.22107  -0.06307 57  PRO A CB  
403 C  CG  . PRO A 57 ? 1.09206 0.52497 0.42778 -0.19737 0.21597  -0.06490 57  PRO A CG  
404 C  CD  . PRO A 57 ? 1.11160 0.60574 0.51331 -0.18772 0.21810  -0.06692 57  PRO A CD  
405 N  N   . THR A 58 ? 1.12787 0.48221 0.41067 -0.22896 0.26311  -0.07330 58  THR A N   
406 C  CA  . THR A 58 ? 1.26296 0.56552 0.51061 -0.24600 0.29586  -0.08075 58  THR A CA  
407 C  C   . THR A 58 ? 1.43074 0.77684 0.71412 -0.23826 0.27673  -0.07510 58  THR A C   
408 O  O   . THR A 58 ? 1.62077 0.92551 0.87440 -0.25149 0.30026  -0.08003 58  THR A O   
409 C  CB  . THR A 58 ? 1.33489 0.62462 0.60617 -0.25781 0.35501  -0.09904 58  THR A CB  
410 O  OG1 . THR A 58 ? 1.31320 0.68917 0.68175 -0.24370 0.35781  -0.10327 58  THR A OG1 
411 C  CG2 . THR A 58 ? 1.31477 0.56865 0.55898 -0.26403 0.37316  -0.10461 58  THR A CG2 
412 N  N   . GLN A 59 ? 1.24184 0.66690 0.58591 -0.21723 0.23644  -0.06514 59  GLN A N   
413 C  CA  . GLN A 59 ? 1.18199 0.65315 0.56390 -0.20822 0.21601  -0.05898 59  GLN A CA  
414 C  C   . GLN A 59 ? 1.16380 0.65101 0.58511 -0.21558 0.25922  -0.07167 59  GLN A C   
415 O  O   . GLN A 59 ? 1.29715 0.77598 0.71249 -0.22142 0.26404  -0.07101 59  GLN A O   
416 C  CB  . GLN A 59 ? 1.17456 0.59807 0.49903 -0.21353 0.19015  -0.04915 59  GLN A CB  
417 C  CG  . GLN A 59 ? 1.23945 0.65914 0.54734 -0.20241 0.14576  -0.03659 59  GLN A CG  
418 C  CD  . GLN A 59 ? 1.38827 0.89322 0.77165 -0.17803 0.10943  -0.02789 59  GLN A CD  
419 O  OE1 . GLN A 59 ? 1.29081 0.81506 0.68967 -0.16640 0.09113  -0.02382 59  GLN A OE1 
420 N  NE2 . GLN A 59 ? 1.01803 0.57171 0.44737 -0.16992 0.10064  -0.02543 59  GLN A NE2 
421 N  N   . ALA A 60 ? 1.07845 0.58906 0.54701 -0.21509 0.29274  -0.08392 60  ALA A N   
422 C  CA  . ALA A 60 ? 1.01616 0.54544 0.54235 -0.22128 0.33809  -0.09803 60  ALA A CA  
423 C  C   . ALA A 60 ? 0.88856 0.48793 0.48890 -0.21022 0.32450  -0.09806 60  ALA A C   
424 O  O   . ALA A 60 ? 0.97014 0.57437 0.61676 -0.22082 0.36033  -0.11127 60  ALA A O   
425 C  CB  . ALA A 60 ? 1.01090 0.53040 0.56816 -0.22721 0.38246  -0.11456 60  ALA A CB  
426 N  N   . LEU A 61 ? 0.86537 0.52080 0.48458 -0.18791 0.27443  -0.08408 61  LEU A N   
427 C  CA  . LEU A 61 ? 0.71217 0.43180 0.39525 -0.17631 0.25878  -0.08399 61  LEU A CA  
428 C  C   . LEU A 61 ? 0.76180 0.48222 0.41123 -0.17351 0.21935  -0.06836 61  LEU A C   
429 O  O   . LEU A 61 ? 0.93238 0.62526 0.52695 -0.16853 0.18681  -0.05350 61  LEU A O   
430 C  CB  . LEU A 61 ? 0.66360 0.44070 0.38420 -0.15136 0.22808  -0.07887 61  LEU A CB  
431 C  CG  . LEU A 61 ? 0.75817 0.53770 0.51487 -0.15128 0.26018  -0.09239 61  LEU A CG  
432 C  CD1 . LEU A 61 ? 0.68690 0.51955 0.47137 -0.12459 0.22523  -0.08529 61  LEU A CD1 
433 C  CD2 . LEU A 61 ? 0.66905 0.46106 0.51071 -0.16198 0.31118  -0.11528 61  LEU A CD2 
434 N  N   . SER A 62 ? 0.72287 0.48165 0.42145 -0.17521 0.22258  -0.07297 62  SER A N   
435 C  CA  . SER A 62 ? 0.79528 0.55470 0.46424 -0.17427 0.18518  -0.05837 62  SER A CA  
436 C  C   . SER A 62 ? 0.74152 0.56599 0.48212 -0.17266 0.18276  -0.06405 62  SER A C   
437 O  O   . SER A 62 ? 0.71279 0.58450 0.56370 -0.17600 0.22159  -0.08329 62  SER A O   
438 C  CB  . SER A 62 ? 0.86897 0.56798 0.49459 -0.19707 0.21166  -0.06058 62  SER A CB  
439 O  OG  . SER A 62 ? 0.96350 0.66579 0.65435 -0.21486 0.27363  -0.08050 62  SER A OG  
440 N  N   . ILE A 63 ? 0.68096 0.51807 0.38792 -0.16198 0.12691  -0.04757 63  ILE A N   
441 C  CA  . ILE A 63 ? 0.58531 0.49356 0.39553 -0.14068 0.08245  -0.05052 63  ILE A CA  
442 C  C   . ILE A 63 ? 0.68944 0.57950 0.50442 -0.15629 0.07528  -0.04371 63  ILE A C   
443 O  O   . ILE A 63 ? 0.94420 0.78100 0.64561 -0.16525 0.05599  -0.02545 63  ILE A O   
444 C  CB  . ILE A 63 ? 0.60095 0.54230 0.38381 -0.10471 0.00906  -0.03827 63  ILE A CB  
445 C  CG1 . ILE A 63 ? 0.50782 0.47488 0.30871 -0.08750 0.01731  -0.04747 63  ILE A CG1 
446 C  CG2 . ILE A 63 ? 0.52097 0.52127 0.39788 -0.07964 -0.04667 -0.03769 63  ILE A CG2 
447 C  CD1 . ILE A 63 ? 0.52239 0.52280 0.36903 -0.02683 -0.03620 -0.02925 63  ILE A CD1 
448 N  N   . ARG A 64 ? 0.66386 0.59728 0.61268 -0.15913 0.08947  -0.05939 64  ARG A N   
449 C  CA  . ARG A 64 ? 0.53056 0.45267 0.50508 -0.17481 0.08622  -0.05664 64  ARG A CA  
450 C  C   . ARG A 64 ? 0.55236 0.54729 0.63464 -0.14406 0.02012  -0.06016 64  ARG A C   
451 O  O   . ARG A 64 ? 0.49932 0.55667 0.70661 -0.12628 0.01560  -0.07843 64  ARG A O   
452 C  CB  . ARG A 64 ? 0.67450 0.57727 0.71633 -0.20962 0.16617  -0.07479 64  ARG A CB  
453 C  CG  . ARG A 64 ? 0.65388 0.54924 0.74200 -0.22736 0.16826  -0.07552 64  ARG A CG  
454 C  CD  . ARG A 64 ? 0.81999 0.68902 0.94186 -0.24635 0.24227  -0.08913 64  ARG A CD  
455 N  NE  . ARG A 64 ? 0.95348 0.87633 1.19927 -0.23172 0.26789  -0.11360 64  ARG A NE  
456 C  CZ  . ARG A 64 ? 0.76672 0.74904 1.15510 -0.21732 0.25609  -0.13093 64  ARG A CZ  
457 N  NH1 . ARG A 64 ? 0.51785 0.51947 0.95104 -0.21609 0.22028  -0.12743 64  ARG A NH1 
458 N  NH2 . ARG A 64 ? 0.70192 0.71805 1.18107 -0.20127 0.27703  -0.15254 64  ARG A NH2 
459 N  N   . GLU A 65 ? 0.66010 0.64336 0.69107 -0.13672 -0.03212 -0.04319 65  GLU A N   
460 C  CA  . GLU A 65 ? 0.76173 0.80378 0.87938 -0.10807 -0.09659 -0.04548 65  GLU A CA  
461 C  C   . GLU A 65 ? 0.77968 0.84602 1.02340 -0.12347 -0.07660 -0.06358 65  GLU A C   
462 O  O   . GLU A 65 ? 0.77860 0.79953 1.00107 -0.15734 -0.03238 -0.06309 65  GLU A O   
463 C  CB  . GLU A 65 ? 0.91225 0.93179 0.92978 -0.08075 -0.13033 -0.02123 65  GLU A CB  
464 C  CG  . GLU A 65 ? 1.04823 1.10100 1.10317 -0.04023 -0.13107 -0.01669 65  GLU A CG  
465 C  CD  . GLU A 65 ? 1.11759 1.16610 1.18755 -0.01232 -0.13272 -0.01364 65  GLU A CD  
466 O  OE1 . GLU A 65 ? 0.89594 0.94269 0.93540 -0.00922 -0.12236 -0.01127 65  GLU A OE1 
467 O  OE2 . GLU A 65 ? 0.97639 1.01409 1.08439 0.00311  -0.14342 -0.01970 65  GLU A OE2 
468 N  N   . THR A 66 ? 0.54947 0.66694 0.87014 -0.08546 -0.09441 -0.06869 66  THR A N   
469 C  CA  . THR A 66 ? 0.57285 0.70693 0.98979 -0.08652 -0.07943 -0.08271 66  THR A CA  
470 C  C   . THR A 66 ? 0.79945 0.93047 1.18617 -0.05511 -0.12013 -0.06955 66  THR A C   
471 O  O   . THR A 66 ? 0.84732 0.96012 1.14016 -0.03012 -0.13935 -0.05007 66  THR A O   
472 C  CB  . THR A 66 ? 0.60441 0.76597 1.11302 -0.07081 -0.05510 -0.10306 66  THR A CB  
473 O  OG1 . THR A 66 ? 0.77974 0.94186 1.24855 -0.02977 -0.09163 -0.09350 66  THR A OG1 
474 C  CG2 . THR A 66 ? 0.62187 0.77835 1.14069 -0.09697 0.00056  -0.11464 66  THR A CG2 
475 FE FE1 . F3S B .  ? 0.97456 0.57082 0.55115 -0.18604 0.30573  -0.09883 101 F3S A FE1 
476 FE FE3 . F3S B .  ? 0.82985 0.54486 0.55856 -0.15535 0.31092  -0.10984 101 F3S A FE3 
477 FE FE4 . F3S B .  ? 0.96262 0.55760 0.63250 -0.19893 0.39515  -0.13113 101 F3S A FE4 
478 S  S1  . F3S B .  ? 0.84519 0.51085 0.46488 -0.15746 0.26308  -0.09017 101 F3S A S1  
479 S  S2  . F3S B .  ? 1.08768 0.57682 0.60517 -0.21805 0.37785  -0.11881 101 F3S A S2  
480 S  S3  . F3S B .  ? 0.90277 0.57753 0.60489 -0.17618 0.33443  -0.11228 101 F3S A S3  
481 S  S4  . F3S B .  ? 0.94074 0.60350 0.68749 -0.17530 0.38171  -0.13375 101 F3S A S4  
482 FE FE  . FE  C .  ? 0.31797 0.27169 0.24517 0.05778  -0.03254 -0.02207 102 FE  A FE  
487 O  O   . HOH D .  ? 0.17389 0.16718 0.12984 0.04611  -0.02626 -0.01888 205 HOH A O   
# 
